data_1GKQ
#
_entry.id   1GKQ
#
_cell.length_a   83.200
_cell.length_b   161.500
_cell.length_c   168.500
_cell.angle_alpha   90.00
_cell.angle_beta   90.00
_cell.angle_gamma   90.00
#
_symmetry.space_group_name_H-M   'P 21 21 21'
#
loop_
_entity.id
_entity.type
_entity.pdbx_description
1 polymer HYDANTOINASE
2 non-polymer 'ZINC ION'
3 water water
#
_entity_poly.entity_id   1
_entity_poly.type   'polypeptide(L)'
_entity_poly.pdbx_seq_one_letter_code
;PLLIKNGEIITADSRYKADIYAEGETITRIGQNLEAPPGTEVIDATGKYVFPGFIDPHVHIYLPFMATFAKDTHETGSKA
ALMGGTTTYIEMCCPSRNDDALEGYQLWKSKAEGNSYCDYTFHMAVSKFDEKTEGQLREIVADGISSF(KCX)IFLSYKN
FFGVDDGEMYQTLRLAKELGVIVTAHCENAELVGRLQQKLLSEGKTGPEWHEPSRPEAVEAEGTARFATFLETTGATGYV
VHLSCKPALDAAMAAKARGVPIYIESVIPHFLLDKTYAERGGVEAMKYIMSPPLRDKRNQKVLWDALAQGFIDTVGTDHC
PFDTEQKLLGKEAFTAIPNGIPAIEDRVNLLYTYGVSRGRLDIHRFVDAASTKAAKLFGLFPRKGTIAVGSDADLVVYDP
QYRGTISVKTQHVNNDYNGFEGFEIDGRPSVVTVRGKVAVRDGQFVGEKGWGKLLRREPMYF
;
_entity_poly.pdbx_strand_id   A,B,C,D
#
loop_
_chem_comp.id
_chem_comp.type
_chem_comp.name
_chem_comp.formula
ZN non-polymer 'ZINC ION' 'Zn 2'
#
# COMPACT_ATOMS: atom_id res chain seq x y z
N PRO A 1 -28.44 1.55 48.46
CA PRO A 1 -28.55 2.57 47.39
C PRO A 1 -27.30 3.43 47.32
N LEU A 2 -26.96 3.85 46.10
CA LEU A 2 -25.78 4.67 45.87
C LEU A 2 -26.12 5.94 45.10
N LEU A 3 -25.49 7.05 45.49
CA LEU A 3 -25.70 8.32 44.82
C LEU A 3 -24.36 9.02 44.63
N ILE A 4 -23.99 9.24 43.38
CA ILE A 4 -22.75 9.93 43.06
C ILE A 4 -23.21 11.28 42.50
N LYS A 5 -22.85 12.36 43.19
CA LYS A 5 -23.28 13.68 42.77
C LYS A 5 -22.17 14.69 42.45
N ASN A 6 -22.53 15.67 41.64
CA ASN A 6 -21.64 16.76 41.23
C ASN A 6 -20.41 16.34 40.44
N GLY A 7 -20.49 15.19 39.79
CA GLY A 7 -19.35 14.73 39.02
C GLY A 7 -19.53 15.00 37.54
N GLU A 8 -18.44 15.11 36.81
CA GLU A 8 -18.55 15.32 35.38
C GLU A 8 -18.51 13.93 34.73
N ILE A 9 -19.66 13.51 34.23
CA ILE A 9 -19.78 12.21 33.61
C ILE A 9 -19.24 12.22 32.20
N ILE A 10 -18.36 11.26 31.91
CA ILE A 10 -17.76 11.16 30.59
C ILE A 10 -17.81 9.73 30.06
N THR A 11 -18.52 9.54 28.96
CA THR A 11 -18.60 8.23 28.33
C THR A 11 -18.05 8.41 26.92
N ALA A 12 -18.09 7.36 26.11
CA ALA A 12 -17.56 7.46 24.76
C ALA A 12 -18.32 8.46 23.90
N ASP A 13 -19.60 8.68 24.19
CA ASP A 13 -20.37 9.61 23.37
C ASP A 13 -21.21 10.65 24.16
N SER A 14 -20.75 10.99 25.36
CA SER A 14 -21.46 11.98 26.15
C SER A 14 -20.54 12.59 27.21
N ARG A 15 -20.84 13.82 27.59
CA ARG A 15 -20.08 14.54 28.60
C ARG A 15 -20.99 15.57 29.26
N TYR A 16 -21.21 15.43 30.56
CA TYR A 16 -22.10 16.32 31.28
C TYR A 16 -21.95 16.23 32.78
N LYS A 17 -22.63 17.13 33.48
CA LYS A 17 -22.61 17.14 34.94
C LYS A 17 -24.02 16.81 35.40
N ALA A 18 -24.12 15.81 36.26
CA ALA A 18 -25.41 15.38 36.78
C ALA A 18 -25.15 14.35 37.87
N ASP A 19 -26.22 13.90 38.52
CA ASP A 19 -26.08 12.91 39.56
C ASP A 19 -26.51 11.55 39.05
N ILE A 20 -25.91 10.51 39.61
CA ILE A 20 -26.22 9.14 39.24
C ILE A 20 -26.77 8.44 40.49
N TYR A 21 -27.95 7.86 40.35
CA TYR A 21 -28.56 7.16 41.47
C TYR A 21 -28.79 5.70 41.14
N ALA A 22 -28.23 4.84 41.97
CA ALA A 22 -28.38 3.40 41.78
C ALA A 22 -29.05 2.85 43.03
N GLU A 23 -30.28 2.38 42.87
CA GLU A 23 -31.01 1.82 43.99
C GLU A 23 -30.38 0.52 44.41
N GLY A 24 -30.09 -0.33 43.43
CA GLY A 24 -29.47 -1.61 43.72
C GLY A 24 -28.17 -1.83 42.97
N GLU A 25 -28.15 -2.82 42.09
CA GLU A 25 -26.94 -3.12 41.33
C GLU A 25 -26.82 -2.34 40.03
N THR A 26 -27.94 -1.83 39.53
CA THR A 26 -27.93 -1.07 38.29
C THR A 26 -28.29 0.40 38.50
N ILE A 27 -27.95 1.24 37.53
CA ILE A 27 -28.26 2.66 37.59
C ILE A 27 -29.75 2.86 37.40
N THR A 28 -30.38 3.49 38.39
CA THR A 28 -31.82 3.70 38.37
C THR A 28 -32.21 4.97 37.62
N ARG A 29 -31.55 6.07 37.92
CA ARG A 29 -31.85 7.31 37.22
C ARG A 29 -30.70 8.29 37.24
N ILE A 30 -30.74 9.21 36.28
CA ILE A 30 -29.72 10.24 36.13
C ILE A 30 -30.42 11.58 35.95
N GLY A 31 -29.92 12.60 36.64
CA GLY A 31 -30.50 13.92 36.53
C GLY A 31 -29.74 14.85 37.44
N GLN A 32 -30.14 16.13 37.48
CA GLN A 32 -29.46 17.09 38.33
C GLN A 32 -30.22 17.23 39.65
N ASN A 33 -29.47 17.37 40.74
CA ASN A 33 -30.05 17.50 42.06
C ASN A 33 -31.08 16.40 42.32
N LEU A 34 -30.61 15.14 42.31
CA LEU A 34 -31.49 14.03 42.58
C LEU A 34 -31.62 13.86 44.08
N GLU A 35 -32.80 13.44 44.54
CA GLU A 35 -33.03 13.22 45.96
C GLU A 35 -32.99 11.73 46.22
N ALA A 36 -31.99 11.29 46.99
CA ALA A 36 -31.85 9.89 47.31
C ALA A 36 -32.54 9.58 48.64
N PRO A 37 -33.29 8.48 48.70
CA PRO A 37 -33.96 8.15 49.96
C PRO A 37 -32.96 8.14 51.11
N PRO A 38 -33.45 8.29 52.33
CA PRO A 38 -32.52 8.29 53.47
C PRO A 38 -31.81 6.93 53.58
N GLY A 39 -30.53 6.96 53.98
CA GLY A 39 -29.77 5.74 54.11
C GLY A 39 -28.85 5.53 52.91
N THR A 40 -29.15 6.23 51.83
CA THR A 40 -28.37 6.14 50.62
C THR A 40 -26.94 6.58 50.87
N GLU A 41 -25.99 5.84 50.30
CA GLU A 41 -24.58 6.19 50.44
C GLU A 41 -24.26 7.27 49.41
N VAL A 42 -23.82 8.43 49.88
CA VAL A 42 -23.51 9.53 48.99
C VAL A 42 -22.03 9.79 48.76
N ILE A 43 -21.65 9.81 47.49
CA ILE A 43 -20.28 10.06 47.08
C ILE A 43 -20.27 11.42 46.37
N ASP A 44 -19.42 12.33 46.83
CA ASP A 44 -19.33 13.64 46.20
C ASP A 44 -18.21 13.59 45.16
N ALA A 45 -18.57 13.75 43.88
CA ALA A 45 -17.61 13.69 42.79
C ALA A 45 -17.21 15.06 42.26
N THR A 46 -17.40 16.09 43.08
CA THR A 46 -17.07 17.44 42.69
C THR A 46 -15.63 17.56 42.21
N GLY A 47 -15.45 18.13 41.02
CA GLY A 47 -14.12 18.31 40.47
C GLY A 47 -13.48 17.03 39.97
N LYS A 48 -14.28 15.99 39.78
CA LYS A 48 -13.76 14.71 39.32
C LYS A 48 -14.55 14.16 38.15
N TYR A 49 -13.94 13.22 37.43
CA TYR A 49 -14.61 12.61 36.29
C TYR A 49 -15.27 11.32 36.76
N VAL A 50 -16.37 10.96 36.10
CA VAL A 50 -17.05 9.72 36.41
C VAL A 50 -17.08 8.91 35.11
N PHE A 51 -16.24 7.88 35.05
CA PHE A 51 -16.14 7.03 33.87
C PHE A 51 -16.85 5.70 34.10
N PRO A 52 -17.11 4.96 33.02
CA PRO A 52 -17.77 3.66 33.18
C PRO A 52 -16.63 2.79 33.69
N GLY A 53 -16.93 1.70 34.40
CA GLY A 53 -15.88 0.83 34.87
C GLY A 53 -15.10 0.36 33.67
N PHE A 54 -13.77 0.38 33.75
CA PHE A 54 -12.95 -0.06 32.62
C PHE A 54 -12.87 -1.57 32.47
N ILE A 55 -12.67 -2.02 31.24
CA ILE A 55 -12.63 -3.44 30.94
C ILE A 55 -11.35 -3.89 30.26
N ASP A 56 -10.69 -4.90 30.82
CA ASP A 56 -9.46 -5.45 30.26
C ASP A 56 -9.87 -6.77 29.59
N PRO A 57 -9.86 -6.81 28.25
CA PRO A 57 -10.24 -8.02 27.51
C PRO A 57 -9.16 -9.07 27.37
N HIS A 58 -8.02 -8.87 28.03
CA HIS A 58 -6.95 -9.83 27.90
C HIS A 58 -6.02 -9.96 29.13
N VAL A 59 -6.35 -10.87 30.04
CA VAL A 59 -5.51 -11.09 31.22
C VAL A 59 -5.27 -12.58 31.48
N HIS A 60 -4.25 -12.85 32.30
CA HIS A 60 -3.89 -14.20 32.68
C HIS A 60 -3.78 -14.25 34.19
N ILE A 61 -4.70 -14.98 34.84
CA ILE A 61 -4.67 -15.12 36.28
C ILE A 61 -4.08 -16.51 36.54
N TYR A 62 -4.87 -17.54 36.25
CA TYR A 62 -4.37 -18.91 36.41
C TYR A 62 -3.70 -19.31 35.10
N LEU A 63 -2.40 -19.60 35.16
CA LEU A 63 -1.70 -20.00 33.96
C LEU A 63 -0.48 -20.89 34.14
N PRO A 64 -0.62 -22.18 33.78
CA PRO A 64 0.48 -23.15 33.89
C PRO A 64 1.19 -22.92 32.56
N PHE A 65 2.35 -22.30 32.58
CA PHE A 65 3.03 -22.00 31.34
C PHE A 65 4.54 -22.00 31.48
N MET A 66 5.22 -22.49 30.44
CA MET A 66 6.68 -22.55 30.42
C MET A 66 7.29 -23.06 31.72
N ALA A 67 6.85 -24.26 32.10
CA ALA A 67 7.33 -24.96 33.29
C ALA A 67 6.97 -24.37 34.64
N THR A 68 6.09 -23.36 34.67
CA THR A 68 5.71 -22.77 35.96
C THR A 68 4.30 -22.17 35.97
N PHE A 69 4.00 -21.35 36.99
CA PHE A 69 2.68 -20.75 37.13
C PHE A 69 2.69 -19.23 37.32
N ALA A 70 1.73 -18.55 36.70
CA ALA A 70 1.60 -17.10 36.83
C ALA A 70 1.31 -16.79 38.29
N LYS A 71 1.83 -15.67 38.79
CA LYS A 71 1.70 -15.30 40.19
C LYS A 71 0.36 -14.86 40.81
N ASP A 72 -0.48 -14.17 40.06
CA ASP A 72 -1.74 -13.73 40.65
C ASP A 72 -2.78 -14.82 40.81
N THR A 73 -3.69 -14.60 41.74
CA THR A 73 -4.81 -15.49 41.98
C THR A 73 -5.99 -14.60 41.63
N HIS A 74 -7.17 -15.18 41.50
CA HIS A 74 -8.33 -14.37 41.17
C HIS A 74 -8.59 -13.35 42.24
N GLU A 75 -8.06 -13.62 43.43
CA GLU A 75 -8.22 -12.72 44.55
C GLU A 75 -7.27 -11.52 44.41
N THR A 76 -5.98 -11.79 44.28
CA THR A 76 -5.00 -10.71 44.14
C THR A 76 -5.15 -9.99 42.80
N GLY A 77 -5.53 -10.73 41.77
CA GLY A 77 -5.68 -10.15 40.46
C GLY A 77 -6.86 -9.21 40.34
N SER A 78 -8.03 -9.63 40.83
CA SER A 78 -9.20 -8.77 40.75
C SER A 78 -9.03 -7.53 41.64
N LYS A 79 -8.31 -7.69 42.74
CA LYS A 79 -8.07 -6.58 43.64
C LYS A 79 -7.20 -5.52 42.95
N ALA A 80 -6.11 -5.98 42.34
CA ALA A 80 -5.20 -5.09 41.63
C ALA A 80 -5.94 -4.38 40.50
N ALA A 81 -6.81 -5.12 39.81
CA ALA A 81 -7.58 -4.55 38.73
C ALA A 81 -8.44 -3.39 39.23
N LEU A 82 -9.19 -3.63 40.30
CA LEU A 82 -10.05 -2.62 40.88
C LEU A 82 -9.28 -1.38 41.31
N MET A 83 -8.15 -1.58 41.97
CA MET A 83 -7.35 -0.44 42.42
C MET A 83 -6.99 0.42 41.21
N GLY A 84 -6.82 -0.22 40.06
CA GLY A 84 -6.47 0.49 38.83
C GLY A 84 -7.64 1.06 38.04
N GLY A 85 -8.86 0.77 38.47
CA GLY A 85 -10.02 1.28 37.75
C GLY A 85 -10.70 0.28 36.83
N THR A 86 -10.17 -0.93 36.76
CA THR A 86 -10.75 -1.97 35.92
C THR A 86 -11.75 -2.78 36.74
N THR A 87 -13.01 -2.75 36.34
CA THR A 87 -14.07 -3.44 37.05
C THR A 87 -14.50 -4.77 36.45
N THR A 88 -14.04 -5.06 35.23
CA THR A 88 -14.34 -6.32 34.57
C THR A 88 -13.14 -6.76 33.75
N TYR A 89 -12.79 -8.04 33.84
CA TYR A 89 -11.67 -8.54 33.07
C TYR A 89 -12.06 -9.85 32.41
N ILE A 90 -11.45 -10.12 31.25
CA ILE A 90 -11.73 -11.35 30.55
C ILE A 90 -10.43 -12.13 30.59
N GLU A 91 -10.46 -13.30 31.21
CA GLU A 91 -9.28 -14.13 31.31
C GLU A 91 -9.22 -15.19 30.22
N MET A 92 -8.00 -15.47 29.77
CA MET A 92 -7.77 -16.48 28.75
C MET A 92 -7.74 -17.85 29.44
N CYS A 93 -8.74 -18.67 29.17
CA CYS A 93 -8.78 -20.02 29.74
C CYS A 93 -7.86 -20.81 28.83
N CYS A 94 -6.70 -21.20 29.33
CA CYS A 94 -5.71 -21.87 28.49
C CYS A 94 -5.25 -23.32 28.71
N PRO A 95 -6.14 -24.30 28.53
CA PRO A 95 -5.64 -25.66 28.72
C PRO A 95 -4.76 -25.96 27.48
N SER A 96 -3.68 -26.71 27.67
CA SER A 96 -2.78 -27.04 26.56
C SER A 96 -3.31 -28.18 25.69
N ARG A 97 -2.54 -28.56 24.68
CA ARG A 97 -2.94 -29.63 23.76
C ARG A 97 -3.16 -30.96 24.48
N ASN A 98 -2.41 -31.17 25.56
CA ASN A 98 -2.52 -32.42 26.31
C ASN A 98 -3.62 -32.45 27.37
N ASP A 99 -4.32 -31.34 27.54
CA ASP A 99 -5.39 -31.29 28.53
C ASP A 99 -6.76 -31.47 27.89
N ASP A 100 -7.73 -31.86 28.70
CA ASP A 100 -9.09 -32.02 28.22
C ASP A 100 -9.67 -30.60 28.30
N ALA A 101 -10.19 -30.11 27.19
CA ALA A 101 -10.74 -28.76 27.14
C ALA A 101 -11.84 -28.52 28.18
N LEU A 102 -12.82 -29.41 28.26
CA LEU A 102 -13.92 -29.24 29.21
C LEU A 102 -13.41 -29.22 30.65
N GLU A 103 -12.45 -30.09 30.98
CA GLU A 103 -11.90 -30.11 32.32
C GLU A 103 -11.18 -28.80 32.58
N GLY A 104 -10.43 -28.34 31.58
CA GLY A 104 -9.70 -27.08 31.71
C GLY A 104 -10.64 -25.93 32.01
N TYR A 105 -11.71 -25.85 31.24
CA TYR A 105 -12.70 -24.80 31.43
C TYR A 105 -13.23 -24.84 32.86
N GLN A 106 -13.62 -26.03 33.32
CA GLN A 106 -14.17 -26.18 34.67
C GLN A 106 -13.15 -25.86 35.77
N LEU A 107 -11.87 -26.10 35.50
CA LEU A 107 -10.83 -25.80 36.48
C LEU A 107 -10.75 -24.29 36.67
N TRP A 108 -10.61 -23.56 35.56
CA TRP A 108 -10.52 -22.10 35.57
C TRP A 108 -11.78 -21.52 36.20
N LYS A 109 -12.91 -22.07 35.78
CA LYS A 109 -14.21 -21.63 36.25
C LYS A 109 -14.38 -21.77 37.77
N SER A 110 -13.92 -22.87 38.35
CA SER A 110 -14.04 -23.06 39.79
C SER A 110 -13.01 -22.27 40.59
N LYS A 111 -11.85 -21.99 39.99
CA LYS A 111 -10.83 -21.20 40.68
C LYS A 111 -11.30 -19.78 40.86
N ALA A 112 -12.20 -19.33 40.00
CA ALA A 112 -12.72 -17.97 40.05
C ALA A 112 -13.94 -17.80 40.96
N GLU A 113 -14.81 -18.81 41.03
CA GLU A 113 -16.00 -18.73 41.87
C GLU A 113 -15.71 -18.36 43.31
N GLY A 114 -16.42 -17.32 43.78
CA GLY A 114 -16.25 -16.87 45.14
C GLY A 114 -14.89 -16.30 45.46
N ASN A 115 -14.04 -16.13 44.46
CA ASN A 115 -12.71 -15.61 44.71
C ASN A 115 -12.39 -14.28 44.03
N SER A 116 -13.33 -13.78 43.24
CA SER A 116 -13.09 -12.52 42.54
C SER A 116 -13.87 -11.35 43.13
N TYR A 117 -13.18 -10.21 43.29
CA TYR A 117 -13.79 -9.00 43.82
C TYR A 117 -14.64 -8.27 42.78
N CYS A 118 -14.40 -8.54 41.50
CA CYS A 118 -15.17 -7.91 40.45
C CYS A 118 -15.63 -8.96 39.43
N ASP A 119 -16.55 -8.57 38.56
CA ASP A 119 -17.05 -9.50 37.55
C ASP A 119 -16.00 -9.87 36.52
N TYR A 120 -16.22 -11.00 35.86
CA TYR A 120 -15.28 -11.51 34.88
C TYR A 120 -15.95 -12.50 33.94
N THR A 121 -15.18 -12.96 32.96
CA THR A 121 -15.64 -13.96 32.01
C THR A 121 -14.40 -14.50 31.33
N PHE A 122 -14.57 -15.45 30.41
CA PHE A 122 -13.42 -16.08 29.75
C PHE A 122 -13.42 -16.13 28.23
N HIS A 123 -12.23 -16.38 27.68
CA HIS A 123 -12.03 -16.59 26.26
C HIS A 123 -11.62 -18.06 26.32
N MET A 124 -12.27 -18.93 25.58
CA MET A 124 -11.92 -20.35 25.60
C MET A 124 -10.85 -20.69 24.57
N ALA A 125 -9.67 -21.09 25.04
CA ALA A 125 -8.59 -21.44 24.13
C ALA A 125 -8.83 -22.80 23.48
N VAL A 126 -8.55 -22.89 22.20
CA VAL A 126 -8.72 -24.12 21.45
C VAL A 126 -7.32 -24.51 20.97
N SER A 127 -6.65 -25.34 21.75
CA SER A 127 -5.28 -25.74 21.41
C SER A 127 -5.14 -27.05 20.66
N LYS A 128 -6.25 -27.52 20.08
CA LYS A 128 -6.26 -28.75 19.30
C LYS A 128 -7.69 -28.92 18.84
N PHE A 129 -7.89 -29.69 17.78
CA PHE A 129 -9.24 -29.89 17.31
C PHE A 129 -9.50 -31.32 16.85
N ASP A 130 -10.57 -31.89 17.39
CA ASP A 130 -11.03 -33.23 17.05
C ASP A 130 -12.48 -33.36 17.49
N GLU A 131 -13.11 -34.47 17.11
CA GLU A 131 -14.52 -34.74 17.41
C GLU A 131 -14.84 -34.53 18.89
N LYS A 132 -14.00 -35.09 19.74
CA LYS A 132 -14.19 -34.97 21.19
C LYS A 132 -14.25 -33.50 21.60
N THR A 133 -13.29 -32.73 21.12
CA THR A 133 -13.20 -31.31 21.43
C THR A 133 -14.36 -30.48 20.89
N GLU A 134 -14.79 -30.76 19.66
CA GLU A 134 -15.90 -30.01 19.10
C GLU A 134 -17.11 -30.11 20.03
N GLY A 135 -17.39 -31.32 20.50
CA GLY A 135 -18.52 -31.53 21.39
C GLY A 135 -18.41 -30.76 22.67
N GLN A 136 -17.21 -30.69 23.23
CA GLN A 136 -16.98 -29.95 24.46
C GLN A 136 -17.08 -28.43 24.23
N LEU A 137 -16.63 -27.96 23.07
CA LEU A 137 -16.71 -26.54 22.77
C LEU A 137 -18.16 -26.09 22.70
N ARG A 138 -19.01 -26.94 22.12
CA ARG A 138 -20.42 -26.61 22.02
C ARG A 138 -21.02 -26.46 23.41
N GLU A 139 -20.53 -27.29 24.33
CA GLU A 139 -21.02 -27.25 25.70
C GLU A 139 -20.55 -25.99 26.41
N ILE A 140 -19.28 -25.64 26.22
CA ILE A 140 -18.71 -24.46 26.84
C ILE A 140 -19.38 -23.19 26.32
N VAL A 141 -19.66 -23.13 25.01
CA VAL A 141 -20.33 -21.98 24.44
C VAL A 141 -21.72 -21.87 25.07
N ALA A 142 -22.42 -23.00 25.14
CA ALA A 142 -23.75 -23.04 25.72
C ALA A 142 -23.75 -22.58 27.17
N ASP A 143 -22.59 -22.62 27.82
CA ASP A 143 -22.50 -22.19 29.22
C ASP A 143 -22.27 -20.68 29.31
N GLY A 144 -22.31 -20.00 28.17
CA GLY A 144 -22.14 -18.56 28.18
C GLY A 144 -20.84 -17.97 27.68
N ILE A 145 -19.89 -18.82 27.26
CA ILE A 145 -18.61 -18.33 26.75
C ILE A 145 -18.75 -18.17 25.24
N SER A 146 -18.78 -16.93 24.77
CA SER A 146 -18.96 -16.65 23.36
C SER A 146 -17.71 -16.29 22.55
N SER A 147 -16.53 -16.57 23.09
CA SER A 147 -15.31 -16.25 22.37
C SER A 147 -14.27 -17.37 22.50
N PHE A 148 -13.58 -17.64 21.40
CA PHE A 148 -12.52 -18.64 21.41
C PHE A 148 -11.18 -17.93 21.38
N KCX A 149 -10.14 -18.72 21.42
CA KCX A 149 -8.80 -18.19 21.38
CB KCX A 149 -8.34 -17.85 22.79
CG KCX A 149 -6.86 -18.00 22.97
CD KCX A 149 -6.09 -16.90 22.26
CE KCX A 149 -5.42 -16.10 23.32
NZ KCX A 149 -4.16 -15.53 22.91
C KCX A 149 -7.89 -19.25 20.79
O KCX A 149 -7.84 -20.39 21.28
CX KCX A 149 -3.22 -15.16 23.77
OQ1 KCX A 149 -2.16 -14.66 23.30
OQ2 KCX A 149 -3.44 -15.32 25.00
N ILE A 150 -7.18 -18.90 19.73
CA ILE A 150 -6.26 -19.84 19.12
C ILE A 150 -4.89 -19.19 19.09
N PHE A 151 -3.86 -20.01 19.05
CA PHE A 151 -2.50 -19.51 19.01
C PHE A 151 -1.79 -19.94 17.74
N LEU A 152 -1.15 -19.00 17.07
CA LEU A 152 -0.35 -19.32 15.90
C LEU A 152 1.08 -19.17 16.40
N SER A 153 1.43 -20.01 17.35
CA SER A 153 2.77 -20.05 17.95
C SER A 153 2.75 -21.08 19.08
N TYR A 154 3.89 -21.28 19.75
CA TYR A 154 3.99 -22.26 20.83
C TYR A 154 3.70 -23.67 20.32
N LYS A 155 4.54 -24.14 19.39
CA LYS A 155 4.37 -25.45 18.78
C LYS A 155 4.19 -26.59 19.79
N ASN A 156 3.22 -27.46 19.51
CA ASN A 156 2.93 -28.64 20.34
C ASN A 156 2.33 -28.38 21.72
N PHE A 157 2.23 -27.11 22.12
CA PHE A 157 1.67 -26.80 23.41
C PHE A 157 0.33 -26.07 23.27
N PHE A 158 0.33 -24.99 22.48
CA PHE A 158 -0.86 -24.19 22.24
C PHE A 158 -1.23 -24.05 20.78
N GLY A 159 -0.22 -24.03 19.92
CA GLY A 159 -0.44 -23.85 18.49
C GLY A 159 -1.26 -24.87 17.73
N VAL A 160 -2.11 -24.39 16.85
CA VAL A 160 -2.94 -25.25 16.01
C VAL A 160 -2.44 -25.09 14.58
N ASP A 161 -2.60 -26.12 13.75
CA ASP A 161 -2.17 -26.03 12.36
C ASP A 161 -3.31 -25.47 11.52
N ASP A 162 -3.06 -25.29 10.22
CA ASP A 162 -4.08 -24.73 9.34
C ASP A 162 -5.37 -25.53 9.32
N GLY A 163 -5.26 -26.85 9.41
CA GLY A 163 -6.44 -27.69 9.41
C GLY A 163 -7.30 -27.44 10.63
N GLU A 164 -6.65 -27.37 11.78
CA GLU A 164 -7.35 -27.14 13.03
C GLU A 164 -7.90 -25.74 13.09
N MET A 165 -7.14 -24.76 12.60
CA MET A 165 -7.60 -23.39 12.60
C MET A 165 -8.85 -23.27 11.73
N TYR A 166 -8.84 -23.91 10.57
CA TYR A 166 -9.99 -23.86 9.69
C TYR A 166 -11.23 -24.41 10.36
N GLN A 167 -11.09 -25.58 10.98
CA GLN A 167 -12.23 -26.21 11.66
C GLN A 167 -12.74 -25.37 12.83
N THR A 168 -11.82 -24.79 13.59
CA THR A 168 -12.20 -23.95 14.71
C THR A 168 -13.02 -22.76 14.22
N LEU A 169 -12.59 -22.16 13.11
CA LEU A 169 -13.30 -21.02 12.54
C LEU A 169 -14.67 -21.40 11.99
N ARG A 170 -14.80 -22.56 11.35
CA ARG A 170 -16.09 -22.97 10.83
C ARG A 170 -17.07 -23.18 11.97
N LEU A 171 -16.60 -23.82 13.03
CA LEU A 171 -17.42 -24.06 14.19
C LEU A 171 -17.83 -22.73 14.81
N ALA A 172 -16.88 -21.82 14.91
CA ALA A 172 -17.14 -20.50 15.50
C ALA A 172 -18.24 -19.77 14.73
N LYS A 173 -18.18 -19.85 13.41
CA LYS A 173 -19.15 -19.21 12.54
C LYS A 173 -20.54 -19.82 12.77
N GLU A 174 -20.58 -21.14 12.91
CA GLU A 174 -21.82 -21.85 13.14
C GLU A 174 -22.45 -21.45 14.47
N LEU A 175 -21.61 -21.34 15.50
CA LEU A 175 -22.08 -20.99 16.84
C LEU A 175 -22.19 -19.48 17.08
N GLY A 176 -21.75 -18.68 16.12
CA GLY A 176 -21.82 -17.23 16.28
C GLY A 176 -20.76 -16.69 17.22
N VAL A 177 -19.69 -17.45 17.40
CA VAL A 177 -18.58 -17.10 18.28
C VAL A 177 -17.49 -16.26 17.60
N ILE A 178 -16.92 -15.31 18.34
CA ILE A 178 -15.84 -14.48 17.79
C ILE A 178 -14.54 -15.15 18.21
N VAL A 179 -13.58 -15.22 17.29
CA VAL A 179 -12.30 -15.87 17.58
C VAL A 179 -11.14 -14.90 17.77
N THR A 180 -10.54 -14.93 18.96
CA THR A 180 -9.40 -14.08 19.26
C THR A 180 -8.17 -14.89 18.88
N ALA A 181 -7.09 -14.25 18.44
CA ALA A 181 -5.92 -14.99 18.02
C ALA A 181 -4.56 -14.34 18.27
N HIS A 182 -3.62 -15.15 18.70
CA HIS A 182 -2.25 -14.73 18.93
C HIS A 182 -1.58 -15.05 17.60
N CYS A 183 -1.14 -14.02 16.89
CA CYS A 183 -0.56 -14.21 15.57
C CYS A 183 0.93 -14.11 15.34
N GLU A 184 1.57 -15.26 15.18
CA GLU A 184 2.99 -15.36 14.87
C GLU A 184 3.06 -16.59 13.96
N ASN A 185 4.12 -17.39 14.09
CA ASN A 185 4.26 -18.61 13.32
C ASN A 185 5.01 -19.59 14.20
N ALA A 186 4.30 -20.61 14.68
CA ALA A 186 4.88 -21.63 15.56
C ALA A 186 6.16 -22.28 15.01
N GLU A 187 6.14 -22.64 13.74
CA GLU A 187 7.30 -23.27 13.11
C GLU A 187 8.49 -22.34 13.00
N LEU A 188 8.29 -21.16 12.41
CA LEU A 188 9.39 -20.21 12.26
C LEU A 188 10.04 -19.82 13.58
N VAL A 189 9.23 -19.59 14.61
CA VAL A 189 9.77 -19.20 15.89
C VAL A 189 10.63 -20.33 16.45
N GLY A 190 10.09 -21.55 16.38
CA GLY A 190 10.84 -22.69 16.87
C GLY A 190 12.18 -22.85 16.16
N ARG A 191 12.17 -22.76 14.84
CA ARG A 191 13.39 -22.90 14.05
C ARG A 191 14.40 -21.80 14.36
N LEU A 192 13.93 -20.55 14.39
CA LEU A 192 14.80 -19.42 14.67
C LEU A 192 15.36 -19.50 16.08
N GLN A 193 14.60 -20.04 17.02
CA GLN A 193 15.08 -20.16 18.39
C GLN A 193 16.24 -21.14 18.42
N GLN A 194 16.04 -22.31 17.80
CA GLN A 194 17.08 -23.33 17.77
C GLN A 194 18.35 -22.83 17.08
N LYS A 195 18.17 -22.10 15.99
CA LYS A 195 19.31 -21.58 15.25
C LYS A 195 20.16 -20.67 16.12
N LEU A 196 19.51 -19.73 16.81
CA LEU A 196 20.21 -18.79 17.68
C LEU A 196 20.91 -19.50 18.84
N LEU A 197 20.22 -20.44 19.48
CA LEU A 197 20.82 -21.18 20.60
C LEU A 197 22.06 -21.94 20.15
N SER A 198 21.94 -22.64 19.03
CA SER A 198 23.06 -23.42 18.50
C SER A 198 24.24 -22.52 18.13
N GLU A 199 23.99 -21.23 18.01
CA GLU A 199 25.04 -20.29 17.68
C GLU A 199 25.62 -19.66 18.94
N GLY A 200 25.17 -20.14 20.09
CA GLY A 200 25.67 -19.61 21.34
C GLY A 200 24.99 -18.34 21.80
N LYS A 201 24.02 -17.86 21.02
CA LYS A 201 23.27 -16.65 21.39
C LYS A 201 22.16 -17.07 22.35
N THR A 202 22.45 -16.97 23.64
CA THR A 202 21.50 -17.39 24.68
C THR A 202 20.88 -16.30 25.54
N GLY A 203 21.44 -15.10 25.49
CA GLY A 203 20.93 -14.00 26.29
C GLY A 203 19.52 -13.53 25.94
N PRO A 204 18.90 -12.73 26.82
CA PRO A 204 17.54 -12.21 26.60
C PRO A 204 17.43 -11.32 25.36
N GLU A 205 18.54 -10.74 24.94
CA GLU A 205 18.55 -9.86 23.78
C GLU A 205 18.29 -10.55 22.44
N TRP A 206 18.22 -11.88 22.46
CA TRP A 206 17.97 -12.63 21.23
C TRP A 206 16.51 -13.06 21.08
N HIS A 207 15.70 -12.71 22.07
CA HIS A 207 14.29 -13.05 22.05
C HIS A 207 13.59 -12.38 20.86
N GLU A 208 13.75 -11.07 20.74
CA GLU A 208 13.12 -10.33 19.65
C GLU A 208 13.55 -10.86 18.28
N PRO A 209 14.86 -11.01 18.04
CA PRO A 209 15.32 -11.53 16.75
C PRO A 209 14.82 -12.92 16.42
N SER A 210 14.45 -13.68 17.45
CA SER A 210 13.95 -15.04 17.23
C SER A 210 12.52 -15.05 16.69
N ARG A 211 11.85 -13.92 16.79
CA ARG A 211 10.47 -13.79 16.29
C ARG A 211 10.28 -12.35 15.84
N PRO A 212 10.95 -11.97 14.75
CA PRO A 212 10.89 -10.61 14.18
C PRO A 212 9.52 -10.20 13.68
N GLU A 213 9.38 -8.92 13.41
CA GLU A 213 8.14 -8.34 12.93
C GLU A 213 7.54 -9.07 11.73
N ALA A 214 8.40 -9.55 10.84
CA ALA A 214 7.95 -10.27 9.65
C ALA A 214 7.10 -11.50 10.01
N VAL A 215 7.41 -12.13 11.14
CA VAL A 215 6.68 -13.31 11.58
C VAL A 215 5.28 -12.94 12.07
N GLU A 216 5.16 -11.89 12.87
CA GLU A 216 3.86 -11.48 13.37
C GLU A 216 3.01 -11.04 12.18
N ALA A 217 3.64 -10.40 11.20
CA ALA A 217 2.91 -9.93 10.03
C ALA A 217 2.35 -11.12 9.24
N GLU A 218 3.16 -12.17 9.11
CA GLU A 218 2.77 -13.36 8.38
C GLU A 218 1.57 -14.02 9.06
N GLY A 219 1.68 -14.22 10.37
CA GLY A 219 0.59 -14.83 11.11
C GLY A 219 -0.68 -14.00 11.09
N THR A 220 -0.54 -12.69 11.16
CA THR A 220 -1.69 -11.80 11.15
C THR A 220 -2.42 -11.89 9.82
N ALA A 221 -1.65 -11.90 8.73
CA ALA A 221 -2.24 -11.99 7.40
C ALA A 221 -2.86 -13.37 7.17
N ARG A 222 -2.20 -14.41 7.67
CA ARG A 222 -2.72 -15.76 7.50
C ARG A 222 -4.09 -15.85 8.19
N PHE A 223 -4.14 -15.40 9.44
CA PHE A 223 -5.37 -15.42 10.21
C PHE A 223 -6.48 -14.69 9.46
N ALA A 224 -6.17 -13.51 8.93
CA ALA A 224 -7.15 -12.74 8.18
C ALA A 224 -7.68 -13.50 6.97
N THR A 225 -6.79 -14.24 6.29
CA THR A 225 -7.19 -15.02 5.12
C THR A 225 -8.16 -16.13 5.50
N PHE A 226 -7.94 -16.76 6.65
CA PHE A 226 -8.83 -17.82 7.09
C PHE A 226 -10.18 -17.28 7.53
N LEU A 227 -10.19 -16.06 8.06
CA LEU A 227 -11.44 -15.45 8.48
C LEU A 227 -12.23 -15.15 7.22
N GLU A 228 -11.58 -14.52 6.26
CA GLU A 228 -12.22 -14.15 5.00
C GLU A 228 -12.77 -15.37 4.27
N THR A 229 -12.05 -16.49 4.35
CA THR A 229 -12.46 -17.71 3.70
C THR A 229 -13.55 -18.50 4.42
N THR A 230 -13.62 -18.39 5.75
CA THR A 230 -14.63 -19.13 6.51
C THR A 230 -15.87 -18.33 6.85
N GLY A 231 -15.76 -17.01 6.81
CA GLY A 231 -16.89 -16.17 7.13
C GLY A 231 -17.01 -15.88 8.61
N ALA A 232 -15.99 -16.27 9.38
CA ALA A 232 -15.98 -16.06 10.82
C ALA A 232 -15.47 -14.67 11.21
N THR A 233 -15.89 -14.19 12.38
CA THR A 233 -15.46 -12.90 12.88
C THR A 233 -14.25 -13.11 13.78
N GLY A 234 -13.22 -12.30 13.60
CA GLY A 234 -12.01 -12.47 14.39
C GLY A 234 -11.54 -11.23 15.12
N TYR A 235 -10.55 -11.43 15.98
CA TYR A 235 -10.00 -10.37 16.81
C TYR A 235 -8.53 -10.70 17.08
N VAL A 236 -7.65 -9.80 16.67
CA VAL A 236 -6.22 -10.01 16.83
C VAL A 236 -5.75 -9.44 18.17
N VAL A 237 -5.23 -10.31 19.03
CA VAL A 237 -4.74 -9.87 20.34
C VAL A 237 -3.33 -9.29 20.26
N HIS A 238 -3.03 -8.39 21.18
CA HIS A 238 -1.74 -7.71 21.26
C HIS A 238 -0.95 -7.53 19.96
N LEU A 239 -1.49 -6.71 19.07
CA LEU A 239 -0.80 -6.43 17.81
C LEU A 239 0.28 -5.42 18.20
N SER A 240 1.54 -5.71 17.86
CA SER A 240 2.65 -4.85 18.28
C SER A 240 3.45 -4.01 17.28
N CYS A 241 3.29 -4.24 15.98
CA CYS A 241 4.09 -3.49 15.04
C CYS A 241 3.38 -3.11 13.74
N LYS A 242 3.99 -2.15 13.03
CA LYS A 242 3.44 -1.66 11.78
C LYS A 242 3.13 -2.73 10.72
N PRO A 243 4.10 -3.62 10.43
CA PRO A 243 3.85 -4.66 9.42
C PRO A 243 2.56 -5.46 9.71
N ALA A 244 2.34 -5.78 10.99
CA ALA A 244 1.15 -6.51 11.36
C ALA A 244 -0.08 -5.63 11.22
N LEU A 245 0.03 -4.37 11.67
CA LEU A 245 -1.07 -3.43 11.56
C LEU A 245 -1.47 -3.27 10.10
N ASP A 246 -0.48 -3.18 9.21
CA ASP A 246 -0.77 -3.04 7.78
C ASP A 246 -1.58 -4.23 7.28
N ALA A 247 -1.19 -5.43 7.70
CA ALA A 247 -1.90 -6.64 7.30
C ALA A 247 -3.34 -6.65 7.80
N ALA A 248 -3.54 -6.28 9.07
CA ALA A 248 -4.88 -6.26 9.65
C ALA A 248 -5.74 -5.16 9.04
N MET A 249 -5.12 -4.01 8.77
CA MET A 249 -5.84 -2.89 8.16
C MET A 249 -6.31 -3.25 6.74
N ALA A 250 -5.45 -3.93 5.99
CA ALA A 250 -5.80 -4.33 4.63
C ALA A 250 -7.03 -5.22 4.67
N ALA A 251 -7.08 -6.09 5.66
CA ALA A 251 -8.22 -7.00 5.80
C ALA A 251 -9.47 -6.20 6.16
N LYS A 252 -9.34 -5.24 7.07
CA LYS A 252 -10.48 -4.42 7.44
C LYS A 252 -11.02 -3.68 6.22
N ALA A 253 -10.10 -3.07 5.48
CA ALA A 253 -10.44 -2.32 4.29
C ALA A 253 -11.19 -3.13 3.23
N ARG A 254 -10.86 -4.41 3.08
CA ARG A 254 -11.56 -5.20 2.07
C ARG A 254 -12.81 -5.89 2.59
N GLY A 255 -13.26 -5.53 3.79
CA GLY A 255 -14.49 -6.11 4.32
C GLY A 255 -14.44 -7.27 5.30
N VAL A 256 -13.25 -7.77 5.64
CA VAL A 256 -13.15 -8.87 6.58
C VAL A 256 -13.58 -8.40 7.98
N PRO A 257 -14.48 -9.15 8.65
CA PRO A 257 -14.88 -8.71 9.99
C PRO A 257 -13.78 -9.10 10.99
N ILE A 258 -12.77 -8.25 11.10
CA ILE A 258 -11.66 -8.50 12.01
C ILE A 258 -11.44 -7.26 12.86
N TYR A 259 -11.05 -7.46 14.12
CA TYR A 259 -10.80 -6.36 15.04
C TYR A 259 -9.41 -6.43 15.60
N ILE A 260 -8.90 -5.28 16.04
CA ILE A 260 -7.55 -5.19 16.56
C ILE A 260 -7.43 -4.74 18.01
N GLU A 261 -6.56 -5.43 18.73
CA GLU A 261 -6.28 -5.14 20.12
C GLU A 261 -4.79 -4.92 20.26
N SER A 262 -4.41 -3.97 21.10
CA SER A 262 -3.00 -3.72 21.39
C SER A 262 -2.92 -3.63 22.91
N VAL A 263 -1.80 -4.04 23.48
CA VAL A 263 -1.67 -4.01 24.92
C VAL A 263 -0.69 -2.93 25.36
N ILE A 264 -1.00 -2.30 26.48
CA ILE A 264 -0.22 -1.20 27.02
C ILE A 264 1.31 -1.26 26.97
N PRO A 265 1.92 -2.42 27.28
CA PRO A 265 3.39 -2.39 27.20
C PRO A 265 3.97 -2.05 25.81
N HIS A 266 3.25 -2.37 24.74
CA HIS A 266 3.75 -2.08 23.40
C HIS A 266 3.63 -0.61 23.01
N PHE A 267 2.92 0.16 23.83
CA PHE A 267 2.75 1.59 23.58
C PHE A 267 3.84 2.39 24.29
N LEU A 268 4.35 1.85 25.39
CA LEU A 268 5.32 2.57 26.21
C LEU A 268 6.73 1.98 26.39
N LEU A 269 6.89 0.69 26.14
CA LEU A 269 8.21 0.07 26.30
C LEU A 269 8.75 -0.33 24.93
N ASP A 270 10.06 -0.57 24.83
CA ASP A 270 10.64 -0.96 23.55
C ASP A 270 11.71 -2.02 23.72
N LYS A 271 12.16 -2.59 22.60
CA LYS A 271 13.17 -3.64 22.61
C LYS A 271 14.43 -3.43 23.44
N THR A 272 14.88 -2.18 23.58
CA THR A 272 16.09 -1.91 24.35
C THR A 272 15.99 -2.38 25.80
N TYR A 273 14.78 -2.37 26.36
CA TYR A 273 14.58 -2.83 27.74
C TYR A 273 15.02 -4.29 27.87
N ALA A 274 14.82 -5.07 26.81
CA ALA A 274 15.20 -6.47 26.83
C ALA A 274 16.65 -6.68 26.42
N GLU A 275 17.36 -5.57 26.24
CA GLU A 275 18.78 -5.64 25.86
C GLU A 275 19.65 -5.10 26.99
N ARG A 276 19.08 -4.94 28.18
CA ARG A 276 19.80 -4.43 29.34
C ARG A 276 20.64 -5.52 29.99
N GLY A 277 20.40 -6.77 29.60
CA GLY A 277 21.14 -7.89 30.15
C GLY A 277 20.71 -8.31 31.55
N GLY A 278 20.94 -9.58 31.86
CA GLY A 278 20.60 -10.09 33.17
C GLY A 278 19.12 -10.21 33.48
N VAL A 279 18.82 -10.30 34.78
CA VAL A 279 17.44 -10.43 35.23
C VAL A 279 16.65 -9.16 34.90
N GLU A 280 17.36 -8.03 34.80
CA GLU A 280 16.71 -6.76 34.49
C GLU A 280 16.03 -6.84 33.12
N ALA A 281 16.73 -7.43 32.15
CA ALA A 281 16.19 -7.57 30.80
C ALA A 281 15.09 -8.63 30.76
N MET A 282 15.25 -9.69 31.55
CA MET A 282 14.28 -10.76 31.60
C MET A 282 12.91 -10.28 32.05
N LYS A 283 12.88 -9.18 32.79
CA LYS A 283 11.62 -8.63 33.28
C LYS A 283 10.75 -8.13 32.12
N TYR A 284 11.40 -7.81 31.00
CA TYR A 284 10.69 -7.27 29.85
C TYR A 284 10.54 -8.24 28.67
N ILE A 285 10.66 -9.52 28.96
CA ILE A 285 10.51 -10.54 27.94
C ILE A 285 9.05 -10.99 27.85
N MET A 286 8.45 -10.79 26.68
CA MET A 286 7.06 -11.18 26.44
C MET A 286 6.88 -11.52 24.96
N SER A 287 5.70 -12.00 24.60
CA SER A 287 5.41 -12.35 23.22
C SER A 287 4.03 -11.86 22.79
N PRO A 288 3.95 -11.09 21.68
CA PRO A 288 5.08 -10.68 20.84
C PRO A 288 6.05 -9.81 21.63
N PRO A 289 7.34 -9.85 21.27
CA PRO A 289 8.39 -9.08 21.93
C PRO A 289 8.17 -7.56 21.89
N LEU A 290 8.83 -6.84 22.78
CA LEU A 290 8.77 -5.40 22.76
C LEU A 290 9.51 -5.09 21.45
N ARG A 291 9.05 -4.07 20.73
CA ARG A 291 9.65 -3.75 19.43
C ARG A 291 10.48 -2.47 19.40
N ASP A 292 11.00 -2.17 18.22
CA ASP A 292 11.77 -0.96 18.01
C ASP A 292 10.79 0.17 18.31
N LYS A 293 11.23 1.18 19.05
CA LYS A 293 10.34 2.27 19.43
C LYS A 293 9.65 3.02 18.30
N ARG A 294 10.12 2.87 17.07
CA ARG A 294 9.49 3.55 15.94
C ARG A 294 8.02 3.11 15.83
N ASN A 295 7.70 1.93 16.39
CA ASN A 295 6.34 1.39 16.34
C ASN A 295 5.35 2.06 17.28
N GLN A 296 5.85 2.71 18.33
CA GLN A 296 4.96 3.36 19.28
C GLN A 296 4.13 4.47 18.66
N LYS A 297 4.73 5.29 17.81
CA LYS A 297 3.96 6.37 17.16
C LYS A 297 2.88 5.77 16.28
N VAL A 298 3.23 4.72 15.56
CA VAL A 298 2.29 4.05 14.69
C VAL A 298 1.08 3.59 15.47
N LEU A 299 1.31 2.92 16.60
CA LEU A 299 0.22 2.42 17.41
C LEU A 299 -0.60 3.57 17.99
N TRP A 300 0.07 4.59 18.52
CA TRP A 300 -0.65 5.72 19.09
C TRP A 300 -1.54 6.38 18.05
N ASP A 301 -1.00 6.64 16.86
CA ASP A 301 -1.78 7.28 15.81
C ASP A 301 -2.97 6.41 15.42
N ALA A 302 -2.74 5.11 15.30
CA ALA A 302 -3.80 4.18 14.93
C ALA A 302 -4.92 4.15 15.99
N LEU A 303 -4.51 4.26 17.26
CA LEU A 303 -5.48 4.26 18.34
C LEU A 303 -6.35 5.51 18.29
N ALA A 304 -5.71 6.66 18.08
CA ALA A 304 -6.43 7.93 18.03
C ALA A 304 -7.50 7.95 16.93
N GLN A 305 -7.21 7.32 15.80
CA GLN A 305 -8.16 7.27 14.68
C GLN A 305 -9.12 6.07 14.75
N GLY A 306 -9.03 5.27 15.80
CA GLY A 306 -9.91 4.12 15.91
C GLY A 306 -9.51 2.89 15.10
N PHE A 307 -8.30 2.87 14.53
CA PHE A 307 -7.88 1.71 13.74
C PHE A 307 -7.66 0.55 14.69
N ILE A 308 -7.12 0.86 15.86
CA ILE A 308 -6.93 -0.14 16.90
C ILE A 308 -8.20 -0.02 17.75
N ASP A 309 -8.92 -1.12 17.90
CA ASP A 309 -10.18 -1.12 18.63
C ASP A 309 -10.14 -1.09 20.15
N THR A 310 -9.34 -1.96 20.74
CA THR A 310 -9.26 -2.03 22.19
C THR A 310 -7.83 -2.00 22.72
N VAL A 311 -7.71 -1.69 24.00
CA VAL A 311 -6.42 -1.70 24.64
C VAL A 311 -6.54 -2.61 25.87
N GLY A 312 -5.71 -3.65 25.92
CA GLY A 312 -5.70 -4.57 27.03
C GLY A 312 -4.31 -4.57 27.64
N THR A 313 -3.99 -5.59 28.43
CA THR A 313 -2.67 -5.64 29.06
C THR A 313 -1.89 -6.91 28.74
N ASP A 314 -2.62 -8.03 28.62
CA ASP A 314 -2.01 -9.34 28.43
C ASP A 314 -1.20 -9.55 29.72
N HIS A 315 -1.85 -9.18 30.83
CA HIS A 315 -1.30 -9.29 32.17
C HIS A 315 -0.83 -10.71 32.46
N CYS A 316 0.47 -10.86 32.67
CA CYS A 316 1.03 -12.18 32.95
C CYS A 316 2.21 -11.98 33.91
N PRO A 317 1.91 -11.90 35.22
CA PRO A 317 2.90 -11.71 36.29
C PRO A 317 3.76 -12.90 36.69
N PHE A 318 5.06 -12.65 36.83
CA PHE A 318 6.04 -13.64 37.22
C PHE A 318 7.03 -12.96 38.16
N ASP A 319 7.64 -13.73 39.05
CA ASP A 319 8.64 -13.20 39.98
C ASP A 319 9.98 -13.24 39.27
N THR A 320 10.90 -12.34 39.65
CA THR A 320 12.22 -12.32 39.04
C THR A 320 12.87 -13.69 39.20
N GLU A 321 12.55 -14.36 40.31
CA GLU A 321 13.08 -15.68 40.60
C GLU A 321 12.65 -16.66 39.50
N GLN A 322 11.38 -16.57 39.09
CA GLN A 322 10.85 -17.42 38.04
C GLN A 322 11.48 -17.05 36.69
N LYS A 323 11.67 -15.76 36.48
CA LYS A 323 12.29 -15.28 35.25
C LYS A 323 13.67 -15.90 35.08
N LEU A 324 14.38 -16.07 36.19
CA LEU A 324 15.71 -16.65 36.15
C LEU A 324 15.74 -18.11 35.71
N LEU A 325 14.57 -18.71 35.55
CA LEU A 325 14.50 -20.10 35.09
C LEU A 325 15.12 -20.21 33.70
N GLY A 326 15.29 -19.07 33.04
CA GLY A 326 15.87 -19.09 31.71
C GLY A 326 17.20 -18.36 31.63
N LYS A 327 17.99 -18.43 32.70
CA LYS A 327 19.29 -17.77 32.72
C LYS A 327 20.27 -18.47 31.76
N GLU A 328 19.97 -19.72 31.42
CA GLU A 328 20.80 -20.50 30.52
C GLU A 328 20.41 -20.26 29.05
N ALA A 329 19.12 -20.18 28.77
CA ALA A 329 18.63 -19.97 27.42
C ALA A 329 17.38 -19.09 27.45
N PHE A 330 17.34 -18.06 26.59
CA PHE A 330 16.21 -17.15 26.56
C PHE A 330 14.88 -17.85 26.30
N THR A 331 14.94 -19.00 25.64
CA THR A 331 13.75 -19.77 25.34
C THR A 331 13.06 -20.29 26.60
N ALA A 332 13.78 -20.30 27.72
CA ALA A 332 13.23 -20.80 28.97
C ALA A 332 12.75 -19.71 29.91
N ILE A 333 12.85 -18.45 29.48
CA ILE A 333 12.39 -17.33 30.30
C ILE A 333 10.88 -17.25 30.16
N PRO A 334 10.14 -17.42 31.27
CA PRO A 334 8.69 -17.34 31.14
C PRO A 334 8.27 -15.98 30.58
N ASN A 335 7.56 -15.99 29.45
CA ASN A 335 7.12 -14.75 28.80
C ASN A 335 5.97 -14.06 29.49
N GLY A 336 6.10 -12.76 29.71
CA GLY A 336 5.03 -12.02 30.36
C GLY A 336 5.46 -10.82 31.18
N ILE A 337 4.58 -9.81 31.22
CA ILE A 337 4.80 -8.58 31.96
C ILE A 337 3.50 -8.27 32.69
N PRO A 338 3.59 -7.77 33.93
CA PRO A 338 2.38 -7.44 34.68
C PRO A 338 1.89 -6.05 34.30
N ALA A 339 0.59 -5.81 34.32
CA ALA A 339 0.07 -4.49 33.97
C ALA A 339 -1.41 -4.26 34.26
N ILE A 340 -2.11 -5.29 34.73
CA ILE A 340 -3.54 -5.16 35.00
C ILE A 340 -3.92 -3.96 35.86
N GLU A 341 -3.02 -3.56 36.76
CA GLU A 341 -3.30 -2.44 37.66
C GLU A 341 -2.95 -1.06 37.09
N ASP A 342 -2.05 -1.00 36.13
CA ASP A 342 -1.63 0.28 35.59
C ASP A 342 -2.19 0.71 34.25
N ARG A 343 -2.85 -0.19 33.53
CA ARG A 343 -3.40 0.13 32.22
C ARG A 343 -4.13 1.46 32.11
N VAL A 344 -5.20 1.63 32.88
CA VAL A 344 -5.98 2.85 32.82
C VAL A 344 -5.17 4.13 33.10
N ASN A 345 -4.44 4.16 34.21
CA ASN A 345 -3.65 5.34 34.54
C ASN A 345 -2.59 5.64 33.48
N LEU A 346 -1.96 4.59 32.95
CA LEU A 346 -0.94 4.78 31.92
C LEU A 346 -1.56 5.29 30.61
N LEU A 347 -2.69 4.72 30.22
CA LEU A 347 -3.36 5.13 29.00
C LEU A 347 -3.86 6.56 29.13
N TYR A 348 -4.45 6.87 30.28
CA TYR A 348 -4.96 8.21 30.51
C TYR A 348 -3.83 9.24 30.49
N THR A 349 -2.75 8.93 31.20
CA THR A 349 -1.62 9.84 31.29
C THR A 349 -0.91 10.14 29.98
N TYR A 350 -0.39 9.09 29.34
CA TYR A 350 0.35 9.24 28.10
C TYR A 350 -0.50 9.36 26.85
N GLY A 351 -1.79 9.10 26.99
CA GLY A 351 -2.68 9.21 25.84
C GLY A 351 -3.46 10.52 25.88
N VAL A 352 -4.25 10.69 26.95
CA VAL A 352 -5.08 11.89 27.10
C VAL A 352 -4.36 13.11 27.65
N SER A 353 -3.82 12.97 28.85
CA SER A 353 -3.12 14.07 29.52
C SER A 353 -1.89 14.62 28.79
N ARG A 354 -1.04 13.75 28.28
CA ARG A 354 0.18 14.19 27.61
C ARG A 354 0.26 13.82 26.13
N GLY A 355 -0.84 13.27 25.59
CA GLY A 355 -0.81 12.87 24.19
C GLY A 355 -1.90 13.50 23.36
N ARG A 356 -2.18 12.88 22.21
CA ARG A 356 -3.20 13.38 21.30
C ARG A 356 -4.46 12.56 21.36
N LEU A 357 -4.54 11.64 22.32
CA LEU A 357 -5.71 10.80 22.45
C LEU A 357 -6.90 11.55 23.03
N ASP A 358 -7.98 11.60 22.25
CA ASP A 358 -9.22 12.25 22.64
C ASP A 358 -9.80 11.46 23.83
N ILE A 359 -10.35 12.17 24.81
CA ILE A 359 -10.87 11.52 26.01
C ILE A 359 -12.01 10.53 25.75
N HIS A 360 -12.80 10.76 24.71
CA HIS A 360 -13.90 9.86 24.40
C HIS A 360 -13.38 8.58 23.72
N ARG A 361 -12.31 8.74 22.93
CA ARG A 361 -11.71 7.61 22.26
C ARG A 361 -11.06 6.75 23.34
N PHE A 362 -10.61 7.41 24.40
CA PHE A 362 -9.97 6.76 25.54
C PHE A 362 -10.95 5.82 26.25
N VAL A 363 -12.16 6.32 26.48
CA VAL A 363 -13.18 5.53 27.16
C VAL A 363 -13.58 4.35 26.28
N ASP A 364 -13.70 4.61 24.99
CA ASP A 364 -14.09 3.58 24.04
C ASP A 364 -13.04 2.47 23.93
N ALA A 365 -11.77 2.87 23.84
CA ALA A 365 -10.68 1.92 23.71
C ALA A 365 -10.38 1.15 24.99
N ALA A 366 -10.69 1.74 26.15
CA ALA A 366 -10.39 1.08 27.42
C ALA A 366 -11.61 0.46 28.11
N SER A 367 -12.80 0.64 27.52
CA SER A 367 -13.98 0.06 28.13
C SER A 367 -15.10 -0.38 27.18
N THR A 368 -15.76 0.59 26.55
CA THR A 368 -16.89 0.32 25.68
C THR A 368 -16.72 -0.63 24.49
N LYS A 369 -15.66 -0.43 23.71
CA LYS A 369 -15.45 -1.27 22.54
C LYS A 369 -15.36 -2.76 22.90
N ALA A 370 -14.57 -3.07 23.93
CA ALA A 370 -14.40 -4.45 24.38
C ALA A 370 -15.74 -5.04 24.86
N ALA A 371 -16.52 -4.22 25.56
CA ALA A 371 -17.81 -4.66 26.05
C ALA A 371 -18.73 -5.03 24.89
N LYS A 372 -18.65 -4.21 23.83
CA LYS A 372 -19.47 -4.45 22.64
C LYS A 372 -19.04 -5.71 21.89
N LEU A 373 -17.75 -5.83 21.63
CA LEU A 373 -17.22 -6.97 20.89
C LEU A 373 -17.47 -8.31 21.56
N PHE A 374 -17.38 -8.35 22.89
CA PHE A 374 -17.56 -9.61 23.59
C PHE A 374 -18.91 -9.83 24.29
N GLY A 375 -19.93 -9.12 23.84
CA GLY A 375 -21.26 -9.29 24.42
C GLY A 375 -21.49 -8.90 25.87
N LEU A 376 -20.70 -7.97 26.39
CA LEU A 376 -20.87 -7.53 27.77
C LEU A 376 -21.74 -6.27 27.80
N PHE A 377 -21.90 -5.65 26.63
CA PHE A 377 -22.67 -4.42 26.45
C PHE A 377 -24.13 -4.78 26.21
N PRO A 378 -25.08 -3.95 26.69
CA PRO A 378 -24.95 -2.70 27.44
C PRO A 378 -24.85 -2.88 28.95
N ARG A 379 -24.84 -4.12 29.39
CA ARG A 379 -24.73 -4.44 30.82
C ARG A 379 -23.48 -3.72 31.36
N LYS A 380 -22.37 -3.86 30.65
CA LYS A 380 -21.12 -3.22 31.04
C LYS A 380 -20.66 -2.26 29.94
N GLY A 381 -19.60 -1.52 30.22
CA GLY A 381 -19.03 -0.61 29.23
C GLY A 381 -19.58 0.78 29.04
N THR A 382 -20.59 1.18 29.81
CA THR A 382 -21.13 2.52 29.64
C THR A 382 -21.90 2.99 30.88
N ILE A 383 -22.29 4.25 30.89
CA ILE A 383 -23.05 4.83 31.99
C ILE A 383 -24.42 5.20 31.43
N ALA A 384 -25.44 4.47 31.85
CA ALA A 384 -26.80 4.72 31.40
C ALA A 384 -27.79 3.96 32.26
N VAL A 385 -29.01 4.45 32.36
CA VAL A 385 -30.03 3.79 33.15
C VAL A 385 -30.14 2.35 32.66
N GLY A 386 -30.15 1.41 33.60
CA GLY A 386 -30.25 0.00 33.25
C GLY A 386 -28.93 -0.73 33.31
N SER A 387 -27.83 0.00 33.16
CA SER A 387 -26.50 -0.60 33.20
C SER A 387 -26.05 -0.92 34.61
N ASP A 388 -25.13 -1.86 34.74
CA ASP A 388 -24.61 -2.20 36.05
C ASP A 388 -23.92 -0.96 36.60
N ALA A 389 -24.05 -0.72 37.89
CA ALA A 389 -23.43 0.43 38.52
C ALA A 389 -21.93 0.20 38.75
N ASP A 390 -21.20 -0.06 37.67
CA ASP A 390 -19.75 -0.23 37.73
C ASP A 390 -19.24 1.15 37.36
N LEU A 391 -18.77 1.91 38.34
CA LEU A 391 -18.32 3.27 38.10
C LEU A 391 -16.94 3.57 38.63
N VAL A 392 -16.30 4.57 38.04
CA VAL A 392 -14.97 4.98 38.45
C VAL A 392 -14.91 6.50 38.59
N VAL A 393 -14.83 6.97 39.83
CA VAL A 393 -14.72 8.39 40.09
C VAL A 393 -13.22 8.61 39.96
N TYR A 394 -12.83 9.28 38.87
CA TYR A 394 -11.43 9.51 38.58
C TYR A 394 -10.95 10.92 38.96
N ASP A 395 -9.82 10.98 39.65
CA ASP A 395 -9.24 12.25 40.09
C ASP A 395 -8.12 12.71 39.17
N PRO A 396 -8.38 13.74 38.34
CA PRO A 396 -7.40 14.29 37.40
C PRO A 396 -6.38 15.24 38.01
N GLN A 397 -6.51 15.51 39.30
CA GLN A 397 -5.58 16.40 39.98
C GLN A 397 -4.45 15.63 40.63
N TYR A 398 -4.61 14.32 40.72
CA TYR A 398 -3.59 13.47 41.32
C TYR A 398 -2.31 13.41 40.49
N ARG A 399 -1.18 13.36 41.18
CA ARG A 399 0.12 13.27 40.52
C ARG A 399 0.96 12.32 41.34
N GLY A 400 1.57 11.34 40.69
CA GLY A 400 2.39 10.38 41.39
C GLY A 400 3.20 9.52 40.45
N THR A 401 3.81 8.47 40.98
CA THR A 401 4.61 7.56 40.16
C THR A 401 4.27 6.12 40.48
N ILE A 402 4.40 5.25 39.49
CA ILE A 402 4.13 3.85 39.67
C ILE A 402 5.36 3.17 40.28
N SER A 403 5.12 2.27 41.22
CA SER A 403 6.20 1.56 41.88
C SER A 403 5.72 0.21 42.41
N VAL A 404 6.63 -0.76 42.42
CA VAL A 404 6.30 -2.07 42.92
C VAL A 404 5.97 -1.96 44.41
N LYS A 405 6.56 -0.96 45.06
CA LYS A 405 6.35 -0.73 46.49
C LYS A 405 4.89 -0.40 46.84
N THR A 406 4.11 0.01 45.85
CA THR A 406 2.72 0.35 46.12
C THR A 406 1.72 -0.40 45.25
N GLN A 407 2.18 -1.43 44.54
CA GLN A 407 1.30 -2.21 43.69
C GLN A 407 0.62 -3.31 44.48
N HIS A 408 -0.39 -3.94 43.88
CA HIS A 408 -1.12 -5.00 44.53
C HIS A 408 -1.02 -6.30 43.75
N VAL A 409 -0.22 -6.29 42.70
CA VAL A 409 -0.02 -7.49 41.89
C VAL A 409 0.88 -8.40 42.71
N ASN A 410 0.54 -9.68 42.76
CA ASN A 410 1.27 -10.64 43.55
C ASN A 410 2.63 -11.10 43.02
N ASN A 411 3.48 -10.15 42.64
CA ASN A 411 4.83 -10.48 42.15
C ASN A 411 5.83 -9.46 42.68
N ASP A 412 7.13 -9.66 42.40
CA ASP A 412 8.16 -8.79 42.92
C ASP A 412 8.72 -7.64 42.07
N TYR A 413 8.04 -7.29 40.98
CA TYR A 413 8.51 -6.16 40.16
C TYR A 413 7.40 -5.58 39.31
N ASN A 414 7.52 -4.29 39.01
CA ASN A 414 6.54 -3.60 38.19
C ASN A 414 7.23 -3.21 36.88
N GLY A 415 6.56 -3.47 35.76
CA GLY A 415 7.15 -3.16 34.47
C GLY A 415 7.30 -1.68 34.19
N PHE A 416 6.52 -0.85 34.88
CA PHE A 416 6.57 0.59 34.68
C PHE A 416 7.10 1.35 35.89
N GLU A 417 8.04 0.72 36.59
CA GLU A 417 8.66 1.31 37.76
C GLU A 417 9.15 2.72 37.45
N GLY A 418 8.70 3.69 38.23
CA GLY A 418 9.13 5.06 38.01
C GLY A 418 8.29 5.92 37.08
N PHE A 419 7.40 5.31 36.30
CA PHE A 419 6.57 6.07 35.39
C PHE A 419 5.64 7.02 36.15
N GLU A 420 5.48 8.23 35.64
CA GLU A 420 4.60 9.20 36.27
C GLU A 420 3.20 9.03 35.73
N ILE A 421 2.21 9.35 36.54
CA ILE A 421 0.81 9.26 36.12
C ILE A 421 0.10 10.55 36.54
N ASP A 422 -0.76 11.07 35.67
CA ASP A 422 -1.48 12.31 35.94
C ASP A 422 -2.92 12.10 36.41
N GLY A 423 -3.17 10.99 37.08
CA GLY A 423 -4.50 10.71 37.58
C GLY A 423 -4.57 9.35 38.22
N ARG A 424 -5.69 9.06 38.87
CA ARG A 424 -5.89 7.77 39.50
C ARG A 424 -7.33 7.64 39.98
N PRO A 425 -7.79 6.40 40.19
CA PRO A 425 -9.16 6.21 40.65
C PRO A 425 -9.30 6.64 42.11
N SER A 426 -10.36 7.39 42.40
CA SER A 426 -10.62 7.84 43.76
C SER A 426 -11.65 6.90 44.39
N VAL A 427 -12.69 6.58 43.62
CA VAL A 427 -13.74 5.67 44.07
C VAL A 427 -14.06 4.72 42.93
N VAL A 428 -14.19 3.43 43.25
CA VAL A 428 -14.52 2.42 42.25
C VAL A 428 -15.64 1.55 42.80
N THR A 429 -16.70 1.35 42.01
CA THR A 429 -17.82 0.54 42.46
C THR A 429 -18.06 -0.64 41.52
N VAL A 430 -18.61 -1.71 42.07
CA VAL A 430 -18.93 -2.91 41.30
C VAL A 430 -20.40 -3.21 41.56
N ARG A 431 -21.22 -3.07 40.52
CA ARG A 431 -22.65 -3.31 40.64
C ARG A 431 -23.29 -2.65 41.87
N GLY A 432 -23.03 -1.35 42.02
CA GLY A 432 -23.60 -0.59 43.11
C GLY A 432 -22.90 -0.63 44.45
N LYS A 433 -21.88 -1.46 44.58
CA LYS A 433 -21.16 -1.58 45.84
C LYS A 433 -19.73 -1.00 45.75
N VAL A 434 -19.39 -0.11 46.67
CA VAL A 434 -18.07 0.51 46.69
C VAL A 434 -16.96 -0.51 46.99
N ALA A 435 -15.96 -0.57 46.11
CA ALA A 435 -14.84 -1.49 46.30
C ALA A 435 -13.56 -0.74 46.63
N VAL A 436 -13.49 0.52 46.19
CA VAL A 436 -12.30 1.33 46.46
C VAL A 436 -12.72 2.74 46.86
N ARG A 437 -12.31 3.16 48.04
CA ARG A 437 -12.65 4.49 48.52
C ARG A 437 -11.37 5.23 48.93
N ASP A 438 -11.10 6.34 48.25
CA ASP A 438 -9.92 7.16 48.51
C ASP A 438 -8.64 6.35 48.59
N GLY A 439 -8.41 5.52 47.58
CA GLY A 439 -7.20 4.71 47.55
C GLY A 439 -7.14 3.57 48.54
N GLN A 440 -8.25 3.32 49.23
CA GLN A 440 -8.32 2.24 50.21
C GLN A 440 -9.16 1.10 49.62
N PHE A 441 -8.66 -0.12 49.69
CA PHE A 441 -9.42 -1.24 49.16
C PHE A 441 -10.41 -1.74 50.19
N VAL A 442 -11.69 -1.67 49.86
CA VAL A 442 -12.74 -2.11 50.77
C VAL A 442 -13.66 -3.11 50.10
N GLY A 443 -13.13 -3.84 49.13
CA GLY A 443 -13.93 -4.81 48.41
C GLY A 443 -14.39 -6.01 49.22
N GLU A 444 -15.43 -6.67 48.73
CA GLU A 444 -15.99 -7.84 49.38
C GLU A 444 -15.63 -9.12 48.62
N LYS A 445 -14.96 -10.06 49.28
CA LYS A 445 -14.58 -11.30 48.62
C LYS A 445 -15.78 -12.06 48.06
N GLY A 446 -15.62 -12.57 46.84
CA GLY A 446 -16.68 -13.34 46.21
C GLY A 446 -17.85 -12.54 45.65
N TRP A 447 -17.76 -11.22 45.71
CA TRP A 447 -18.82 -10.38 45.17
C TRP A 447 -18.87 -10.51 43.64
N GLY A 448 -17.69 -10.65 43.02
CA GLY A 448 -17.61 -10.78 41.59
C GLY A 448 -18.33 -11.99 41.04
N LYS A 449 -19.01 -11.83 39.90
CA LYS A 449 -19.73 -12.93 39.28
C LYS A 449 -19.23 -13.24 37.87
N LEU A 450 -19.58 -14.42 37.39
CA LEU A 450 -19.20 -14.85 36.04
C LEU A 450 -20.23 -14.28 35.08
N LEU A 451 -19.75 -13.59 34.04
CA LEU A 451 -20.66 -13.00 33.07
C LEU A 451 -20.86 -13.94 31.89
N ARG A 452 -22.11 -14.34 31.67
CA ARG A 452 -22.43 -15.23 30.56
C ARG A 452 -22.91 -14.39 29.37
N ARG A 453 -22.42 -14.71 28.18
CA ARG A 453 -22.75 -13.98 26.97
C ARG A 453 -23.57 -14.77 25.96
N GLU A 454 -24.19 -14.05 25.03
CA GLU A 454 -24.99 -14.64 23.96
C GLU A 454 -24.19 -14.49 22.67
N PRO A 455 -24.08 -15.56 21.86
CA PRO A 455 -23.32 -15.48 20.60
C PRO A 455 -24.01 -14.48 19.65
N MET A 456 -23.23 -13.73 18.88
CA MET A 456 -23.83 -12.77 17.97
C MET A 456 -23.18 -12.61 16.59
N TYR A 457 -22.14 -13.38 16.32
CA TYR A 457 -21.46 -13.26 15.03
C TYR A 457 -21.68 -14.46 14.12
N PHE A 458 -22.87 -14.57 13.56
CA PHE A 458 -23.17 -15.69 12.68
C PHE A 458 -22.79 -15.43 11.24
N PRO B 1 29.54 -25.51 -40.54
CA PRO B 1 29.54 -24.05 -40.29
C PRO B 1 28.24 -23.40 -40.72
N LEU B 2 27.83 -22.37 -40.00
CA LEU B 2 26.59 -21.67 -40.27
C LEU B 2 26.81 -20.18 -40.41
N LEU B 3 26.10 -19.58 -41.34
CA LEU B 3 26.19 -18.14 -41.57
C LEU B 3 24.80 -17.58 -41.80
N ILE B 4 24.39 -16.67 -40.93
CA ILE B 4 23.09 -16.03 -41.05
C ILE B 4 23.42 -14.59 -41.42
N LYS B 5 23.01 -14.17 -42.62
CA LYS B 5 23.33 -12.82 -43.08
C LYS B 5 22.14 -11.93 -43.39
N ASN B 6 22.40 -10.61 -43.34
CA ASN B 6 21.43 -9.57 -43.64
C ASN B 6 20.21 -9.53 -42.73
N GLY B 7 20.35 -10.06 -41.53
CA GLY B 7 19.23 -10.05 -40.62
C GLY B 7 19.35 -8.94 -39.61
N GLU B 8 18.23 -8.49 -39.06
CA GLU B 8 18.28 -7.46 -38.04
C GLU B 8 18.33 -8.20 -36.69
N ILE B 9 19.49 -8.15 -36.06
CA ILE B 9 19.69 -8.80 -34.78
C ILE B 9 19.11 -7.99 -33.64
N ILE B 10 18.30 -8.65 -32.82
CA ILE B 10 17.68 -7.99 -31.69
C ILE B 10 17.82 -8.81 -30.42
N THR B 11 18.50 -8.25 -29.44
CA THR B 11 18.66 -8.92 -28.15
C THR B 11 18.04 -7.98 -27.11
N ALA B 12 18.15 -8.33 -25.84
CA ALA B 12 17.57 -7.49 -24.80
C ALA B 12 18.23 -6.11 -24.72
N ASP B 13 19.49 -6.00 -25.14
CA ASP B 13 20.17 -4.71 -25.05
C ASP B 13 20.94 -4.30 -26.31
N SER B 14 20.51 -4.79 -27.48
CA SER B 14 21.16 -4.42 -28.71
C SER B 14 20.24 -4.62 -29.90
N ARG B 15 20.46 -3.85 -30.95
CA ARG B 15 19.66 -3.94 -32.17
C ARG B 15 20.50 -3.44 -33.32
N TYR B 16 20.79 -4.32 -34.28
CA TYR B 16 21.63 -3.95 -35.41
C TYR B 16 21.54 -4.95 -36.57
N LYS B 17 22.14 -4.58 -37.69
CA LYS B 17 22.17 -5.45 -38.86
C LYS B 17 23.61 -5.88 -39.06
N ALA B 18 23.82 -7.18 -39.16
CA ALA B 18 25.15 -7.73 -39.35
C ALA B 18 24.99 -9.21 -39.61
N ASP B 19 26.11 -9.89 -39.87
CA ASP B 19 26.09 -11.32 -40.11
C ASP B 19 26.59 -12.06 -38.89
N ILE B 20 26.11 -13.27 -38.72
CA ILE B 20 26.51 -14.13 -37.61
C ILE B 20 27.14 -15.37 -38.20
N TYR B 21 28.35 -15.68 -37.77
CA TYR B 21 29.03 -16.86 -38.26
C TYR B 21 29.35 -17.80 -37.11
N ALA B 22 28.90 -19.03 -37.25
CA ALA B 22 29.15 -20.06 -36.26
C ALA B 22 29.91 -21.18 -36.95
N GLU B 23 31.16 -21.37 -36.57
CA GLU B 23 31.96 -22.42 -37.16
C GLU B 23 31.43 -23.78 -36.70
N GLY B 24 31.16 -23.89 -35.40
CA GLY B 24 30.66 -25.13 -34.84
C GLY B 24 29.35 -24.94 -34.09
N GLU B 25 29.38 -25.22 -32.79
CA GLU B 25 28.19 -25.11 -31.96
C GLU B 25 27.97 -23.71 -31.39
N THR B 26 29.03 -22.91 -31.34
CA THR B 26 28.92 -21.57 -30.79
C THR B 26 29.20 -20.49 -31.83
N ILE B 27 28.76 -19.27 -31.54
CA ILE B 27 28.96 -18.15 -32.44
C ILE B 27 30.43 -17.77 -32.43
N THR B 28 31.04 -17.80 -33.62
CA THR B 28 32.45 -17.51 -33.77
C THR B 28 32.74 -16.02 -33.94
N ARG B 29 31.98 -15.37 -34.81
CA ARG B 29 32.18 -13.96 -35.01
C ARG B 29 30.96 -13.26 -35.59
N ILE B 30 30.91 -11.95 -35.37
CA ILE B 30 29.81 -11.12 -35.84
C ILE B 30 30.38 -9.87 -36.50
N GLY B 31 29.83 -9.52 -37.65
CA GLY B 31 30.30 -8.34 -38.36
C GLY B 31 29.51 -8.21 -39.64
N GLN B 32 29.83 -7.19 -40.44
CA GLN B 32 29.11 -6.99 -41.69
C GLN B 32 29.90 -7.59 -42.83
N ASN B 33 29.18 -8.19 -43.77
CA ASN B 33 29.80 -8.83 -44.93
C ASN B 33 30.90 -9.80 -44.51
N LEU B 34 30.53 -10.81 -43.74
CA LEU B 34 31.50 -11.80 -43.30
C LEU B 34 31.69 -12.82 -44.42
N GLU B 35 32.91 -13.33 -44.54
CA GLU B 35 33.20 -14.34 -45.54
C GLU B 35 33.27 -15.69 -44.87
N ALA B 36 32.34 -16.57 -45.21
CA ALA B 36 32.32 -17.90 -44.63
C ALA B 36 33.07 -18.88 -45.53
N PRO B 37 33.89 -19.75 -44.94
CA PRO B 37 34.61 -20.72 -45.78
C PRO B 37 33.64 -21.48 -46.67
N PRO B 38 34.14 -22.06 -47.77
CA PRO B 38 33.25 -22.80 -48.66
C PRO B 38 32.62 -24.00 -47.93
N GLY B 39 31.37 -24.29 -48.26
CA GLY B 39 30.68 -25.40 -47.62
C GLY B 39 29.75 -24.91 -46.52
N THR B 40 30.00 -23.70 -46.06
CA THR B 40 29.19 -23.10 -45.01
C THR B 40 27.73 -23.02 -45.43
N GLU B 41 26.83 -23.37 -44.51
CA GLU B 41 25.41 -23.29 -44.81
C GLU B 41 24.98 -21.84 -44.62
N VAL B 42 24.47 -21.23 -45.67
CA VAL B 42 24.05 -19.84 -45.61
C VAL B 42 22.55 -19.61 -45.53
N ILE B 43 22.13 -18.86 -44.52
CA ILE B 43 20.74 -18.52 -44.30
C ILE B 43 20.60 -17.02 -44.54
N ASP B 44 19.70 -16.63 -45.44
CA ASP B 44 19.50 -15.21 -45.71
C ASP B 44 18.35 -14.72 -44.83
N ALA B 45 18.67 -13.80 -43.92
CA ALA B 45 17.68 -13.27 -42.98
C ALA B 45 17.17 -11.88 -43.37
N THR B 46 17.32 -11.54 -44.64
CA THR B 46 16.86 -10.24 -45.13
C THR B 46 15.40 -9.98 -44.80
N GLY B 47 15.15 -8.83 -44.18
CA GLY B 47 13.79 -8.47 -43.82
C GLY B 47 13.23 -9.24 -42.63
N LYS B 48 14.10 -9.91 -41.89
CA LYS B 48 13.67 -10.68 -40.74
C LYS B 48 14.47 -10.36 -39.47
N TYR B 49 13.92 -10.72 -38.31
CA TYR B 49 14.59 -10.47 -37.06
C TYR B 49 15.35 -11.73 -36.68
N VAL B 50 16.45 -11.55 -35.96
CA VAL B 50 17.23 -12.68 -35.49
C VAL B 50 17.28 -12.53 -33.96
N PHE B 51 16.54 -13.38 -33.28
CA PHE B 51 16.46 -13.37 -31.82
C PHE B 51 17.26 -14.50 -31.23
N PRO B 52 17.54 -14.43 -29.93
CA PRO B 52 18.29 -15.52 -29.29
C PRO B 52 17.24 -16.62 -29.14
N GLY B 53 17.65 -17.88 -29.09
CA GLY B 53 16.67 -18.94 -28.91
C GLY B 53 15.90 -18.67 -27.64
N PHE B 54 14.58 -18.80 -27.69
CA PHE B 54 13.77 -18.54 -26.51
C PHE B 54 13.78 -19.66 -25.49
N ILE B 55 13.58 -19.30 -24.23
CA ILE B 55 13.64 -20.26 -23.14
C ILE B 55 12.37 -20.30 -22.30
N ASP B 56 11.81 -21.50 -22.14
CA ASP B 56 10.61 -21.70 -21.33
C ASP B 56 11.09 -22.32 -20.03
N PRO B 57 11.05 -21.55 -18.92
CA PRO B 57 11.51 -22.04 -17.62
C PRO B 57 10.51 -22.91 -16.86
N HIS B 58 9.37 -23.21 -17.48
CA HIS B 58 8.37 -23.99 -16.76
C HIS B 58 7.50 -24.89 -17.64
N VAL B 59 7.91 -26.14 -17.84
CA VAL B 59 7.11 -27.07 -18.64
C VAL B 59 6.99 -28.44 -17.97
N HIS B 60 6.02 -29.21 -18.44
CA HIS B 60 5.76 -30.56 -17.93
C HIS B 60 5.70 -31.52 -19.11
N ILE B 61 6.70 -32.39 -19.20
CA ILE B 61 6.71 -33.37 -20.28
C ILE B 61 6.24 -34.69 -19.67
N TYR B 62 7.08 -35.28 -18.82
CA TYR B 62 6.70 -36.51 -18.13
C TYR B 62 6.01 -36.12 -16.83
N LEU B 63 4.75 -36.47 -16.68
CA LEU B 63 4.04 -36.13 -15.46
C LEU B 63 2.91 -37.06 -15.04
N PRO B 64 3.14 -37.85 -13.99
CA PRO B 64 2.12 -38.77 -13.48
C PRO B 64 1.35 -37.84 -12.53
N PHE B 65 0.14 -37.45 -12.91
CA PHE B 65 -0.59 -36.51 -12.07
C PHE B 65 -2.10 -36.70 -12.16
N MET B 66 -2.76 -36.53 -11.02
CA MET B 66 -4.21 -36.67 -10.91
C MET B 66 -4.74 -37.91 -11.63
N ALA B 67 -4.22 -39.07 -11.22
CA ALA B 67 -4.60 -40.37 -11.74
C ALA B 67 -4.21 -40.69 -13.19
N THR B 68 -3.42 -39.84 -13.83
CA THR B 68 -3.04 -40.10 -15.21
C THR B 68 -1.68 -39.52 -15.63
N PHE B 69 -1.42 -39.48 -16.93
CA PHE B 69 -0.15 -38.96 -17.47
C PHE B 69 -0.26 -37.88 -18.55
N ALA B 70 0.61 -36.87 -18.45
CA ALA B 70 0.63 -35.77 -19.42
C ALA B 70 0.93 -36.38 -20.80
N LYS B 71 0.35 -35.81 -21.84
CA LYS B 71 0.49 -36.35 -23.20
C LYS B 71 1.82 -36.25 -23.98
N ASP B 72 2.59 -35.19 -23.80
CA ASP B 72 3.83 -35.09 -24.56
C ASP B 72 4.95 -35.97 -24.05
N THR B 73 5.87 -36.29 -24.96
CA THR B 73 7.05 -37.07 -24.64
C THR B 73 8.15 -36.05 -24.91
N HIS B 74 9.37 -36.35 -24.48
CA HIS B 74 10.45 -35.41 -24.71
C HIS B 74 10.67 -35.24 -26.21
N GLU B 75 10.20 -36.20 -26.98
CA GLU B 75 10.33 -36.13 -28.42
C GLU B 75 9.28 -35.16 -29.00
N THR B 76 8.01 -35.41 -28.72
CA THR B 76 6.96 -34.53 -29.24
C THR B 76 7.02 -33.15 -28.60
N GLY B 77 7.41 -33.10 -27.33
CA GLY B 77 7.49 -31.83 -26.63
C GLY B 77 8.59 -30.91 -27.13
N SER B 78 9.80 -31.44 -27.27
CA SER B 78 10.91 -30.63 -27.76
C SER B 78 10.66 -30.19 -29.20
N LYS B 79 9.99 -31.03 -29.97
CA LYS B 79 9.70 -30.69 -31.37
C LYS B 79 8.74 -29.52 -31.41
N ALA B 80 7.67 -29.59 -30.64
CA ALA B 80 6.67 -28.52 -30.59
C ALA B 80 7.32 -27.23 -30.11
N ALA B 81 8.23 -27.34 -29.16
CA ALA B 81 8.92 -26.18 -28.63
C ALA B 81 9.71 -25.48 -29.75
N LEU B 82 10.51 -26.25 -30.47
CA LEU B 82 11.31 -25.72 -31.57
C LEU B 82 10.46 -25.05 -32.64
N MET B 83 9.36 -25.69 -33.03
CA MET B 83 8.49 -25.10 -34.04
C MET B 83 8.02 -23.72 -33.57
N GLY B 84 7.90 -23.56 -32.26
CA GLY B 84 7.45 -22.31 -31.70
C GLY B 84 8.54 -21.29 -31.42
N GLY B 85 9.80 -21.68 -31.62
CA GLY B 85 10.90 -20.76 -31.37
C GLY B 85 11.62 -20.95 -30.04
N THR B 86 11.17 -21.93 -29.26
CA THR B 86 11.80 -22.20 -27.96
C THR B 86 12.88 -23.26 -28.17
N THR B 87 14.13 -22.89 -27.88
CA THR B 87 15.26 -23.79 -28.07
C THR B 87 15.77 -24.46 -26.80
N THR B 88 15.29 -24.01 -25.66
CA THR B 88 15.66 -24.58 -24.37
C THR B 88 14.46 -24.54 -23.44
N TYR B 89 14.22 -25.63 -22.73
CA TYR B 89 13.11 -25.68 -21.79
C TYR B 89 13.58 -26.30 -20.49
N ILE B 90 12.97 -25.87 -19.39
CA ILE B 90 13.31 -26.40 -18.08
C ILE B 90 12.07 -27.14 -17.63
N GLU B 91 12.21 -28.44 -17.41
CA GLU B 91 11.09 -29.26 -16.98
C GLU B 91 11.08 -29.46 -15.48
N MET B 92 9.87 -29.51 -14.92
CA MET B 92 9.69 -29.73 -13.49
C MET B 92 9.77 -31.23 -13.23
N CYS B 93 10.83 -31.66 -12.53
CA CYS B 93 10.98 -33.08 -12.19
C CYS B 93 10.11 -33.23 -10.95
N CYS B 94 8.99 -33.92 -11.09
CA CYS B 94 8.02 -34.03 -10.01
C CYS B 94 7.68 -35.35 -9.30
N PRO B 95 8.64 -35.95 -8.59
CA PRO B 95 8.26 -37.18 -7.92
C PRO B 95 7.36 -36.77 -6.73
N SER B 96 6.34 -37.57 -6.42
CA SER B 96 5.43 -37.23 -5.32
C SER B 96 6.04 -37.58 -3.97
N ARG B 97 5.27 -37.34 -2.91
CA ARG B 97 5.71 -37.62 -1.54
C ARG B 97 6.06 -39.09 -1.33
N ASN B 98 5.35 -39.98 -2.03
CA ASN B 98 5.58 -41.42 -1.89
C ASN B 98 6.71 -41.98 -2.73
N ASP B 99 7.33 -41.15 -3.56
CA ASP B 99 8.42 -41.61 -4.41
C ASP B 99 9.77 -41.27 -3.82
N ASP B 100 10.79 -42.00 -4.25
CA ASP B 100 12.15 -41.74 -3.81
C ASP B 100 12.62 -40.61 -4.73
N ALA B 101 13.07 -39.50 -4.15
CA ALA B 101 13.52 -38.36 -4.92
C ALA B 101 14.63 -38.70 -5.93
N LEU B 102 15.68 -39.39 -5.48
CA LEU B 102 16.78 -39.74 -6.37
C LEU B 102 16.31 -40.61 -7.52
N GLU B 103 15.44 -41.58 -7.23
CA GLU B 103 14.91 -42.44 -8.29
C GLU B 103 14.10 -41.60 -9.27
N GLY B 104 13.30 -40.68 -8.73
CA GLY B 104 12.49 -39.82 -9.57
C GLY B 104 13.34 -38.99 -10.50
N TYR B 105 14.39 -38.39 -9.96
CA TYR B 105 15.30 -37.60 -10.77
C TYR B 105 15.86 -38.45 -11.91
N GLN B 106 16.37 -39.63 -11.56
CA GLN B 106 16.95 -40.53 -12.56
C GLN B 106 15.95 -41.00 -13.61
N LEU B 107 14.68 -41.13 -13.22
CA LEU B 107 13.65 -41.55 -14.17
C LEU B 107 13.46 -40.47 -15.23
N TRP B 108 13.25 -39.23 -14.77
CA TRP B 108 13.05 -38.07 -15.65
C TRP B 108 14.28 -37.89 -16.54
N LYS B 109 15.44 -38.01 -15.91
CA LYS B 109 16.71 -37.85 -16.57
C LYS B 109 16.92 -38.84 -17.71
N SER B 110 16.55 -40.10 -17.49
CA SER B 110 16.72 -41.11 -18.53
C SER B 110 15.66 -41.04 -19.63
N LYS B 111 14.49 -40.52 -19.29
CA LYS B 111 13.43 -40.39 -20.29
C LYS B 111 13.81 -39.32 -21.31
N ALA B 112 14.65 -38.38 -20.89
CA ALA B 112 15.07 -37.29 -21.77
C ALA B 112 16.30 -37.61 -22.61
N GLU B 113 17.24 -38.39 -22.08
CA GLU B 113 18.44 -38.75 -22.83
C GLU B 113 18.17 -39.33 -24.20
N GLY B 114 18.81 -38.75 -25.21
CA GLY B 114 18.65 -39.22 -26.58
C GLY B 114 17.25 -39.03 -27.15
N ASN B 115 16.36 -38.37 -26.42
CA ASN B 115 15.01 -38.19 -26.91
C ASN B 115 14.57 -36.75 -27.16
N SER B 116 15.44 -35.80 -26.83
CA SER B 116 15.11 -34.39 -27.02
C SER B 116 15.81 -33.74 -28.21
N TYR B 117 15.06 -32.99 -29.00
CA TYR B 117 15.59 -32.31 -30.17
C TYR B 117 16.36 -31.04 -29.80
N CYS B 118 16.10 -30.50 -28.61
CA CYS B 118 16.79 -29.30 -28.15
C CYS B 118 17.28 -29.50 -26.73
N ASP B 119 18.15 -28.61 -26.26
CA ASP B 119 18.70 -28.71 -24.92
C ASP B 119 17.65 -28.47 -23.84
N TYR B 120 17.93 -28.97 -22.65
CA TYR B 120 17.00 -28.86 -21.54
C TYR B 120 17.71 -29.04 -20.21
N THR B 121 16.94 -28.87 -19.13
CA THR B 121 17.45 -29.06 -17.79
C THR B 121 16.22 -29.19 -16.87
N PHE B 122 16.44 -29.39 -15.58
CA PHE B 122 15.32 -29.59 -14.65
C PHE B 122 15.29 -28.71 -13.41
N HIS B 123 14.11 -28.68 -12.79
CA HIS B 123 13.88 -28.01 -11.52
C HIS B 123 13.57 -29.26 -10.69
N MET B 124 14.27 -29.45 -9.57
CA MET B 124 14.03 -30.63 -8.75
C MET B 124 12.96 -30.37 -7.68
N ALA B 125 11.82 -31.03 -7.81
CA ALA B 125 10.74 -30.86 -6.84
C ALA B 125 11.08 -31.53 -5.53
N VAL B 126 10.77 -30.85 -4.42
CA VAL B 126 11.00 -31.39 -3.09
C VAL B 126 9.62 -31.52 -2.46
N SER B 127 9.02 -32.70 -2.56
CA SER B 127 7.68 -32.92 -2.02
C SER B 127 7.62 -33.54 -0.63
N LYS B 128 8.74 -33.48 0.09
CA LYS B 128 8.82 -34.00 1.45
C LYS B 128 10.25 -33.74 1.89
N PHE B 129 10.48 -33.71 3.19
CA PHE B 129 11.83 -33.49 3.66
C PHE B 129 12.19 -34.33 4.87
N ASP B 130 13.32 -35.01 4.77
CA ASP B 130 13.85 -35.85 5.83
C ASP B 130 15.32 -36.10 5.53
N GLU B 131 16.02 -36.71 6.47
CA GLU B 131 17.45 -37.01 6.35
C GLU B 131 17.78 -37.70 5.04
N LYS B 132 17.03 -38.75 4.71
CA LYS B 132 17.25 -39.49 3.49
C LYS B 132 17.21 -38.55 2.28
N THR B 133 16.16 -37.74 2.21
CA THR B 133 15.99 -36.79 1.11
C THR B 133 17.08 -35.71 1.04
N GLU B 134 17.50 -35.18 2.18
CA GLU B 134 18.53 -34.15 2.14
C GLU B 134 19.76 -34.69 1.44
N GLY B 135 20.13 -35.92 1.78
CA GLY B 135 21.30 -36.54 1.19
C GLY B 135 21.18 -36.69 -0.31
N GLN B 136 19.98 -37.06 -0.78
CA GLN B 136 19.75 -37.23 -2.20
C GLN B 136 19.73 -35.87 -2.92
N LEU B 137 19.22 -34.83 -2.27
CA LEU B 137 19.17 -33.51 -2.88
C LEU B 137 20.59 -33.00 -3.11
N ARG B 138 21.48 -33.26 -2.16
CA ARG B 138 22.86 -32.82 -2.30
C ARG B 138 23.49 -33.49 -3.51
N GLU B 139 23.10 -34.74 -3.75
CA GLU B 139 23.62 -35.49 -4.88
C GLU B 139 23.06 -34.94 -6.19
N ILE B 140 21.77 -34.65 -6.21
CA ILE B 140 21.13 -34.11 -7.41
C ILE B 140 21.70 -32.74 -7.77
N VAL B 141 21.94 -31.91 -6.77
CA VAL B 141 22.50 -30.60 -7.02
C VAL B 141 23.89 -30.77 -7.61
N ALA B 142 24.65 -31.68 -7.02
CA ALA B 142 26.01 -31.95 -7.47
C ALA B 142 26.03 -32.46 -8.92
N ASP B 143 24.90 -32.97 -9.39
CA ASP B 143 24.82 -33.45 -10.76
C ASP B 143 24.47 -32.32 -11.73
N GLY B 144 24.44 -31.09 -11.23
CA GLY B 144 24.16 -29.95 -12.08
C GLY B 144 22.80 -29.28 -12.00
N ILE B 145 21.91 -29.78 -11.15
CA ILE B 145 20.59 -29.19 -11.01
C ILE B 145 20.65 -28.15 -9.89
N SER B 146 20.58 -26.88 -10.27
CA SER B 146 20.69 -25.79 -9.30
C SER B 146 19.40 -25.11 -8.86
N SER B 147 18.27 -25.76 -9.09
CA SER B 147 17.01 -25.18 -8.67
C SER B 147 16.06 -26.22 -8.09
N PHE B 148 15.35 -25.83 -7.04
CA PHE B 148 14.39 -26.72 -6.42
C PHE B 148 13.00 -26.24 -6.81
N KCX B 149 12.00 -26.98 -6.34
CA KCX B 149 10.63 -26.63 -6.59
CB KCX B 149 10.17 -27.24 -7.90
CG KCX B 149 8.71 -27.56 -7.92
CD KCX B 149 7.88 -26.32 -8.01
CE KCX B 149 7.19 -26.35 -9.33
NZ KCX B 149 5.85 -25.78 -9.30
C KCX B 149 9.78 -27.19 -5.45
O KCX B 149 9.83 -28.38 -5.16
CX KCX B 149 4.91 -26.06 -10.20
OQ1 KCX B 149 3.80 -25.50 -10.09
OQ2 KCX B 149 5.18 -26.88 -11.12
N ILE B 150 9.03 -26.31 -4.80
CA ILE B 150 8.17 -26.77 -3.72
C ILE B 150 6.75 -26.33 -4.05
N PHE B 151 5.78 -27.06 -3.51
CA PHE B 151 4.39 -26.75 -3.75
C PHE B 151 3.67 -26.39 -2.45
N LEU B 152 2.95 -25.28 -2.47
CA LEU B 152 2.14 -24.90 -1.32
C LEU B 152 0.70 -25.17 -1.76
N SER B 153 0.42 -26.44 -2.03
CA SER B 153 -0.89 -26.94 -2.44
C SER B 153 -0.74 -28.43 -2.73
N TYR B 154 -1.83 -29.08 -3.13
CA TYR B 154 -1.82 -30.52 -3.42
C TYR B 154 -1.43 -31.30 -2.17
N LYS B 155 -2.25 -31.18 -1.12
CA LYS B 155 -2.01 -31.86 0.14
C LYS B 155 -1.73 -33.35 0.01
N ASN B 156 -0.71 -33.81 0.74
CA ASN B 156 -0.30 -35.22 0.76
C ASN B 156 0.31 -35.80 -0.51
N PHE B 157 0.33 -35.03 -1.60
CA PHE B 157 0.91 -35.52 -2.83
C PHE B 157 2.19 -34.74 -3.18
N PHE B 158 2.08 -33.41 -3.18
CA PHE B 158 3.21 -32.55 -3.51
C PHE B 158 3.52 -31.52 -2.42
N GLY B 159 2.48 -31.07 -1.73
CA GLY B 159 2.64 -30.06 -0.70
C GLY B 159 3.50 -30.35 0.51
N VAL B 160 4.31 -29.38 0.90
CA VAL B 160 5.18 -29.49 2.07
C VAL B 160 4.63 -28.55 3.14
N ASP B 161 4.83 -28.88 4.41
CA ASP B 161 4.36 -28.00 5.47
C ASP B 161 5.43 -26.96 5.80
N ASP B 162 5.12 -26.07 6.73
CA ASP B 162 6.07 -25.00 7.10
C ASP B 162 7.42 -25.53 7.55
N GLY B 163 7.41 -26.63 8.29
CA GLY B 163 8.67 -27.20 8.76
C GLY B 163 9.52 -27.68 7.60
N GLU B 164 8.89 -28.37 6.66
CA GLU B 164 9.62 -28.89 5.50
C GLU B 164 10.07 -27.75 4.60
N MET B 165 9.23 -26.74 4.44
CA MET B 165 9.58 -25.60 3.60
C MET B 165 10.79 -24.90 4.19
N TYR B 166 10.79 -24.71 5.50
CA TYR B 166 11.90 -24.06 6.16
C TYR B 166 13.20 -24.82 5.93
N GLN B 167 13.17 -26.14 6.12
CA GLN B 167 14.37 -26.95 5.94
C GLN B 167 14.85 -26.93 4.49
N THR B 168 13.91 -27.00 3.54
CA THR B 168 14.26 -26.97 2.13
C THR B 168 14.97 -25.66 1.80
N LEU B 169 14.47 -24.55 2.33
CA LEU B 169 15.07 -23.25 2.10
C LEU B 169 16.45 -23.10 2.74
N ARG B 170 16.65 -23.64 3.94
CA ARG B 170 17.96 -23.56 4.58
C ARG B 170 18.99 -24.34 3.76
N LEU B 171 18.58 -25.52 3.30
CA LEU B 171 19.46 -26.35 2.51
C LEU B 171 19.79 -25.62 1.20
N ALA B 172 18.76 -25.02 0.59
CA ALA B 172 18.94 -24.30 -0.66
C ALA B 172 19.96 -23.19 -0.50
N LYS B 173 19.88 -22.47 0.60
CA LYS B 173 20.78 -21.36 0.90
C LYS B 173 22.21 -21.89 1.04
N GLU B 174 22.35 -23.02 1.71
CA GLU B 174 23.65 -23.63 1.93
C GLU B 174 24.28 -24.06 0.60
N LEU B 175 23.48 -24.66 -0.26
CA LEU B 175 23.95 -25.13 -1.56
C LEU B 175 23.96 -24.06 -2.65
N GLY B 176 23.42 -22.88 -2.36
CA GLY B 176 23.39 -21.81 -3.34
C GLY B 176 22.33 -22.03 -4.41
N VAL B 177 21.31 -22.81 -4.07
CA VAL B 177 20.22 -23.14 -4.97
C VAL B 177 19.06 -22.15 -4.91
N ILE B 178 18.42 -21.89 -6.05
CA ILE B 178 17.27 -20.99 -6.09
C ILE B 178 16.02 -21.86 -5.99
N VAL B 179 15.05 -21.43 -5.19
CA VAL B 179 13.84 -22.23 -5.00
C VAL B 179 12.62 -21.66 -5.72
N THR B 180 12.05 -22.45 -6.64
CA THR B 180 10.85 -22.02 -7.36
C THR B 180 9.69 -22.54 -6.54
N ALA B 181 8.57 -21.83 -6.54
CA ALA B 181 7.43 -22.28 -5.73
C ALA B 181 6.05 -22.00 -6.30
N HIS B 182 5.18 -23.00 -6.13
CA HIS B 182 3.78 -22.91 -6.55
C HIS B 182 3.09 -22.41 -5.28
N CYS B 183 2.57 -21.19 -5.32
CA CYS B 183 1.96 -20.60 -4.14
C CYS B 183 0.45 -20.50 -3.99
N GLU B 184 -0.09 -21.36 -3.14
CA GLU B 184 -1.51 -21.37 -2.81
C GLU B 184 -1.53 -21.81 -1.34
N ASN B 185 -2.52 -22.61 -0.96
CA ASN B 185 -2.60 -23.12 0.41
C ASN B 185 -3.24 -24.49 0.33
N ALA B 186 -2.43 -25.54 0.53
CA ALA B 186 -2.91 -26.92 0.46
C ALA B 186 -4.16 -27.21 1.29
N GLU B 187 -4.16 -26.73 2.53
CA GLU B 187 -5.28 -26.95 3.42
C GLU B 187 -6.54 -26.23 2.96
N LEU B 188 -6.45 -24.93 2.73
CA LEU B 188 -7.62 -24.18 2.30
C LEU B 188 -8.26 -24.69 1.02
N VAL B 189 -7.43 -25.05 0.04
CA VAL B 189 -7.96 -25.57 -1.21
C VAL B 189 -8.71 -26.87 -0.96
N GLY B 190 -8.09 -27.74 -0.17
CA GLY B 190 -8.72 -29.02 0.15
C GLY B 190 -10.07 -28.83 0.82
N ARG B 191 -10.13 -27.96 1.83
CA ARG B 191 -11.37 -27.71 2.55
C ARG B 191 -12.43 -27.08 1.66
N LEU B 192 -12.05 -26.06 0.89
CA LEU B 192 -13.00 -25.40 0.02
C LEU B 192 -13.51 -26.35 -1.07
N GLN B 193 -12.68 -27.29 -1.50
CA GLN B 193 -13.10 -28.24 -2.52
C GLN B 193 -14.19 -29.14 -1.94
N GLN B 194 -13.94 -29.68 -0.75
CA GLN B 194 -14.89 -30.55 -0.08
C GLN B 194 -16.21 -29.84 0.19
N LYS B 195 -16.13 -28.60 0.64
CA LYS B 195 -17.32 -27.82 0.94
C LYS B 195 -18.20 -27.67 -0.29
N LEU B 196 -17.59 -27.30 -1.41
CA LEU B 196 -18.34 -27.12 -2.65
C LEU B 196 -18.96 -28.43 -3.15
N LEU B 197 -18.19 -29.51 -3.12
CA LEU B 197 -18.70 -30.81 -3.57
C LEU B 197 -19.88 -31.25 -2.71
N SER B 198 -19.74 -31.14 -1.40
CA SER B 198 -20.81 -31.53 -0.48
C SER B 198 -22.07 -30.67 -0.70
N GLU B 199 -21.92 -29.55 -1.40
CA GLU B 199 -23.04 -28.68 -1.67
C GLU B 199 -23.63 -28.96 -3.04
N GLY B 200 -23.13 -30.00 -3.68
CA GLY B 200 -23.63 -30.36 -4.99
C GLY B 200 -23.02 -29.57 -6.13
N LYS B 201 -22.11 -28.65 -5.82
CA LYS B 201 -21.45 -27.85 -6.84
C LYS B 201 -20.29 -28.68 -7.38
N THR B 202 -20.53 -29.40 -8.48
CA THR B 202 -19.53 -30.27 -9.07
C THR B 202 -18.97 -29.87 -10.44
N GLY B 203 -19.61 -28.91 -11.10
CA GLY B 203 -19.16 -28.48 -12.41
C GLY B 203 -17.80 -27.79 -12.44
N PRO B 204 -17.22 -27.62 -13.63
CA PRO B 204 -15.91 -26.98 -13.79
C PRO B 204 -15.90 -25.52 -13.34
N GLU B 205 -17.06 -24.89 -13.32
CA GLU B 205 -17.17 -23.49 -12.92
C GLU B 205 -16.92 -23.23 -11.44
N TRP B 206 -16.73 -24.29 -10.66
CA TRP B 206 -16.47 -24.12 -9.24
C TRP B 206 -14.99 -24.27 -8.88
N HIS B 207 -14.17 -24.53 -9.90
CA HIS B 207 -12.74 -24.68 -9.71
C HIS B 207 -12.12 -23.38 -9.18
N GLU B 208 -12.38 -22.27 -9.86
CA GLU B 208 -11.84 -20.97 -9.45
C GLU B 208 -12.26 -20.62 -8.01
N PRO B 209 -13.57 -20.69 -7.71
CA PRO B 209 -14.04 -20.37 -6.36
C PRO B 209 -13.43 -21.25 -5.27
N SER B 210 -12.98 -22.45 -5.64
CA SER B 210 -12.39 -23.37 -4.67
C SER B 210 -10.99 -22.95 -4.26
N ARG B 211 -10.38 -22.06 -5.04
CA ARG B 211 -9.05 -21.54 -4.74
C ARG B 211 -8.97 -20.10 -5.25
N PRO B 212 -9.70 -19.20 -4.58
CA PRO B 212 -9.76 -17.78 -4.92
C PRO B 212 -8.42 -17.05 -4.80
N GLU B 213 -8.40 -15.84 -5.35
CA GLU B 213 -7.22 -15.01 -5.35
C GLU B 213 -6.62 -14.84 -3.95
N ALA B 214 -7.46 -14.75 -2.93
CA ALA B 214 -7.00 -14.57 -1.56
C ALA B 214 -6.05 -15.71 -1.14
N VAL B 215 -6.27 -16.90 -1.66
CA VAL B 215 -5.43 -18.05 -1.32
C VAL B 215 -4.05 -17.95 -1.96
N GLU B 216 -4.00 -17.57 -3.24
CA GLU B 216 -2.72 -17.44 -3.91
C GLU B 216 -1.93 -16.33 -3.23
N ALA B 217 -2.64 -15.28 -2.82
CA ALA B 217 -1.98 -14.14 -2.16
C ALA B 217 -1.35 -14.58 -0.85
N GLU B 218 -2.09 -15.39 -0.09
CA GLU B 218 -1.63 -15.89 1.19
C GLU B 218 -0.37 -16.72 1.02
N GLY B 219 -0.42 -17.67 0.09
CA GLY B 219 0.74 -18.53 -0.18
C GLY B 219 1.94 -17.76 -0.68
N THR B 220 1.71 -16.77 -1.53
CA THR B 220 2.80 -15.96 -2.06
C THR B 220 3.48 -15.19 -0.95
N ALA B 221 2.68 -14.61 -0.06
CA ALA B 221 3.24 -13.84 1.05
C ALA B 221 3.96 -14.75 2.05
N ARG B 222 3.39 -15.92 2.29
CA ARG B 222 4.00 -16.86 3.22
C ARG B 222 5.38 -17.24 2.69
N PHE B 223 5.43 -17.61 1.42
CA PHE B 223 6.68 -17.99 0.79
C PHE B 223 7.72 -16.88 0.93
N ALA B 224 7.31 -15.65 0.66
CA ALA B 224 8.21 -14.49 0.78
C ALA B 224 8.75 -14.34 2.20
N THR B 225 7.91 -14.59 3.19
CA THR B 225 8.33 -14.49 4.58
C THR B 225 9.40 -15.52 4.92
N PHE B 226 9.24 -16.74 4.40
CA PHE B 226 10.22 -17.78 4.66
C PHE B 226 11.55 -17.51 3.95
N LEU B 227 11.49 -16.88 2.79
CA LEU B 227 12.70 -16.53 2.06
C LEU B 227 13.44 -15.48 2.88
N GLU B 228 12.70 -14.44 3.29
CA GLU B 228 13.27 -13.35 4.07
C GLU B 228 13.88 -13.84 5.37
N THR B 229 13.27 -14.85 5.98
CA THR B 229 13.74 -15.40 7.23
C THR B 229 14.91 -16.38 7.10
N THR B 230 15.01 -17.07 5.98
CA THR B 230 16.08 -18.04 5.78
C THR B 230 17.26 -17.51 4.99
N GLY B 231 17.06 -16.44 4.24
CA GLY B 231 18.14 -15.87 3.47
C GLY B 231 18.27 -16.51 2.10
N ALA B 232 17.31 -17.36 1.73
CA ALA B 232 17.33 -18.05 0.45
C ALA B 232 16.71 -17.22 -0.68
N THR B 233 17.13 -17.50 -1.91
CA THR B 233 16.63 -16.82 -3.09
C THR B 233 15.46 -17.62 -3.64
N GLY B 234 14.36 -16.93 -3.96
CA GLY B 234 13.20 -17.61 -4.45
C GLY B 234 12.67 -17.11 -5.77
N TYR B 235 11.74 -17.86 -6.34
CA TYR B 235 11.14 -17.56 -7.61
C TYR B 235 9.70 -18.09 -7.58
N VAL B 236 8.73 -17.19 -7.77
CA VAL B 236 7.33 -17.55 -7.76
C VAL B 236 6.85 -17.96 -9.16
N VAL B 237 6.43 -19.20 -9.33
CA VAL B 237 5.95 -19.67 -10.63
C VAL B 237 4.50 -19.26 -10.88
N HIS B 238 4.15 -19.12 -12.15
CA HIS B 238 2.82 -18.73 -12.61
C HIS B 238 1.98 -17.88 -11.65
N LEU B 239 2.41 -16.65 -11.42
CA LEU B 239 1.68 -15.72 -10.57
C LEU B 239 0.53 -15.23 -11.48
N SER B 240 -0.70 -15.33 -11.00
CA SER B 240 -1.86 -14.99 -11.84
C SER B 240 -2.73 -13.79 -11.53
N CYS B 241 -2.59 -13.20 -10.35
CA CYS B 241 -3.47 -12.09 -10.01
C CYS B 241 -2.84 -10.94 -9.22
N LYS B 242 -3.54 -9.81 -9.20
CA LYS B 242 -3.07 -8.62 -8.51
C LYS B 242 -2.72 -8.82 -7.03
N PRO B 243 -3.62 -9.43 -6.24
CA PRO B 243 -3.31 -9.64 -4.82
C PRO B 243 -1.98 -10.35 -4.60
N ALA B 244 -1.69 -11.36 -5.43
CA ALA B 244 -0.43 -12.08 -5.33
C ALA B 244 0.72 -11.18 -5.78
N LEU B 245 0.53 -10.47 -6.88
CA LEU B 245 1.56 -9.56 -7.37
C LEU B 245 1.91 -8.53 -6.30
N ASP B 246 0.89 -7.99 -5.62
CA ASP B 246 1.11 -7.01 -4.58
C ASP B 246 2.00 -7.61 -3.48
N ALA B 247 1.71 -8.84 -3.08
CA ALA B 247 2.49 -9.51 -2.05
C ALA B 247 3.95 -9.72 -2.50
N ALA B 248 4.15 -10.17 -3.73
CA ALA B 248 5.50 -10.41 -4.22
C ALA B 248 6.25 -9.09 -4.42
N MET B 249 5.55 -8.05 -4.88
CA MET B 249 6.17 -6.74 -5.07
C MET B 249 6.62 -6.13 -3.75
N ALA B 250 5.80 -6.28 -2.71
CA ALA B 250 6.12 -5.76 -1.38
C ALA B 250 7.42 -6.41 -0.90
N ALA B 251 7.56 -7.70 -1.17
CA ALA B 251 8.77 -8.43 -0.77
C ALA B 251 9.97 -7.90 -1.54
N LYS B 252 9.81 -7.69 -2.85
CA LYS B 252 10.90 -7.17 -3.68
C LYS B 252 11.34 -5.81 -3.16
N ALA B 253 10.36 -4.96 -2.87
CA ALA B 253 10.61 -3.61 -2.39
C ALA B 253 11.39 -3.58 -1.08
N ARG B 254 11.14 -4.53 -0.18
CA ARG B 254 11.86 -4.51 1.08
C ARG B 254 13.19 -5.28 1.05
N GLY B 255 13.64 -5.66 -0.14
CA GLY B 255 14.91 -6.34 -0.27
C GLY B 255 14.99 -7.86 -0.33
N VAL B 256 13.85 -8.55 -0.31
CA VAL B 256 13.86 -10.00 -0.39
C VAL B 256 14.29 -10.43 -1.79
N PRO B 257 15.25 -11.37 -1.89
CA PRO B 257 15.66 -11.79 -3.24
C PRO B 257 14.64 -12.78 -3.79
N ILE B 258 13.56 -12.25 -4.35
CA ILE B 258 12.50 -13.07 -4.92
C ILE B 258 12.19 -12.61 -6.34
N TYR B 259 11.87 -13.56 -7.22
CA TYR B 259 11.58 -13.23 -8.61
C TYR B 259 10.21 -13.73 -8.99
N ILE B 260 9.63 -13.11 -10.01
CA ILE B 260 8.29 -13.44 -10.45
C ILE B 260 8.18 -13.97 -11.88
N GLU B 261 7.37 -15.01 -12.04
CA GLU B 261 7.12 -15.64 -13.32
C GLU B 261 5.62 -15.66 -13.54
N SER B 262 5.18 -15.43 -14.77
CA SER B 262 3.77 -15.52 -15.12
C SER B 262 3.73 -16.37 -16.37
N VAL B 263 2.65 -17.11 -16.57
CA VAL B 263 2.57 -17.96 -17.75
C VAL B 263 1.54 -17.44 -18.72
N ILE B 264 1.83 -17.60 -20.01
CA ILE B 264 0.99 -17.08 -21.08
C ILE B 264 -0.53 -17.21 -20.97
N PRO B 265 -1.05 -18.36 -20.51
CA PRO B 265 -2.52 -18.40 -20.43
C PRO B 265 -3.17 -17.34 -19.51
N HIS B 266 -2.45 -16.91 -18.47
CA HIS B 266 -3.01 -15.91 -17.56
C HIS B 266 -3.00 -14.49 -18.13
N PHE B 267 -2.33 -14.31 -19.26
CA PHE B 267 -2.28 -13.01 -19.91
C PHE B 267 -3.40 -12.88 -20.95
N LEU B 268 -3.83 -14.01 -21.50
CA LEU B 268 -4.82 -14.01 -22.57
C LEU B 268 -6.18 -14.68 -22.34
N LEU B 269 -6.27 -15.59 -21.36
CA LEU B 269 -7.53 -16.28 -21.09
C LEU B 269 -8.08 -15.80 -19.74
N ASP B 270 -9.36 -16.04 -19.48
CA ASP B 270 -9.95 -15.63 -18.21
C ASP B 270 -10.94 -16.67 -17.69
N LYS B 271 -11.40 -16.48 -16.47
CA LYS B 271 -12.31 -17.42 -15.80
C LYS B 271 -13.56 -17.85 -16.59
N THR B 272 -14.10 -16.97 -17.42
CA THR B 272 -15.30 -17.31 -18.18
C THR B 272 -15.11 -18.53 -19.06
N TYR B 273 -13.89 -18.76 -19.53
CA TYR B 273 -13.63 -19.93 -20.36
C TYR B 273 -13.96 -21.20 -19.60
N ALA B 274 -13.74 -21.19 -18.29
CA ALA B 274 -14.00 -22.35 -17.45
C ALA B 274 -15.45 -22.38 -16.99
N GLU B 275 -16.25 -21.44 -17.48
CA GLU B 275 -17.65 -21.37 -17.10
C GLU B 275 -18.53 -21.69 -18.32
N ARG B 276 -17.93 -22.24 -19.37
CA ARG B 276 -18.66 -22.58 -20.58
C ARG B 276 -19.40 -23.90 -20.45
N GLY B 277 -19.07 -24.64 -19.39
CA GLY B 277 -19.70 -25.93 -19.16
C GLY B 277 -19.22 -27.06 -20.04
N GLY B 278 -19.33 -28.28 -19.52
CA GLY B 278 -18.93 -29.45 -20.28
C GLY B 278 -17.44 -29.60 -20.49
N VAL B 279 -17.08 -30.42 -21.47
CA VAL B 279 -15.69 -30.69 -21.79
C VAL B 279 -15.01 -29.42 -22.30
N GLU B 280 -15.81 -28.51 -22.87
CA GLU B 280 -15.27 -27.27 -23.40
C GLU B 280 -14.63 -26.45 -22.28
N ALA B 281 -15.30 -26.41 -21.12
CA ALA B 281 -14.79 -25.68 -19.97
C ALA B 281 -13.62 -26.41 -19.33
N MET B 282 -13.68 -27.73 -19.33
CA MET B 282 -12.62 -28.54 -18.75
C MET B 282 -11.27 -28.33 -19.43
N LYS B 283 -11.31 -27.89 -20.67
CA LYS B 283 -10.07 -27.65 -21.41
C LYS B 283 -9.29 -26.48 -20.82
N TYR B 284 -9.98 -25.62 -20.09
CA TYR B 284 -9.35 -24.45 -19.50
C TYR B 284 -9.16 -24.51 -17.99
N ILE B 285 -9.15 -25.73 -17.45
CA ILE B 285 -8.97 -25.90 -16.02
C ILE B 285 -7.50 -26.10 -15.72
N MET B 286 -6.94 -25.19 -14.92
CA MET B 286 -5.55 -25.26 -14.51
C MET B 286 -5.40 -24.63 -13.13
N SER B 287 -4.19 -24.70 -12.58
CA SER B 287 -3.90 -24.12 -11.27
C SER B 287 -2.58 -23.37 -11.27
N PRO B 288 -2.59 -22.10 -10.84
CA PRO B 288 -3.77 -21.37 -10.35
C PRO B 288 -4.78 -21.22 -11.48
N PRO B 289 -6.08 -21.13 -11.14
CA PRO B 289 -7.15 -20.99 -12.11
C PRO B 289 -7.05 -19.75 -12.99
N LEU B 290 -7.76 -19.75 -14.11
CA LEU B 290 -7.80 -18.58 -14.97
C LEU B 290 -8.59 -17.60 -14.09
N ARG B 291 -8.23 -16.33 -14.12
CA ARG B 291 -8.87 -15.34 -13.27
C ARG B 291 -9.80 -14.36 -13.98
N ASP B 292 -10.37 -13.45 -13.20
CA ASP B 292 -11.24 -12.41 -13.74
C ASP B 292 -10.34 -11.63 -14.69
N LYS B 293 -10.84 -11.28 -15.87
CA LYS B 293 -10.02 -10.57 -16.85
C LYS B 293 -9.41 -9.25 -16.41
N ARG B 294 -9.91 -8.67 -15.32
CA ARG B 294 -9.36 -7.40 -14.84
C ARG B 294 -7.86 -7.58 -14.50
N ASN B 295 -7.44 -8.81 -14.26
CA ASN B 295 -6.05 -9.12 -13.92
C ASN B 295 -5.09 -9.07 -15.10
N GLN B 296 -5.61 -9.22 -16.32
CA GLN B 296 -4.75 -9.21 -17.49
C GLN B 296 -4.00 -7.88 -17.66
N LYS B 297 -4.69 -6.77 -17.47
CA LYS B 297 -4.03 -5.48 -17.62
C LYS B 297 -2.92 -5.35 -16.58
N VAL B 298 -3.23 -5.77 -15.35
CA VAL B 298 -2.26 -5.72 -14.27
C VAL B 298 -0.99 -6.47 -14.63
N LEU B 299 -1.14 -7.69 -15.14
CA LEU B 299 0.01 -8.49 -15.52
C LEU B 299 0.76 -7.86 -16.70
N TRP B 300 0.04 -7.40 -17.73
CA TRP B 300 0.69 -6.78 -18.87
C TRP B 300 1.50 -5.55 -18.44
N ASP B 301 0.91 -4.68 -17.64
CA ASP B 301 1.60 -3.49 -17.19
C ASP B 301 2.85 -3.85 -16.38
N ALA B 302 2.72 -4.84 -15.50
CA ALA B 302 3.83 -5.28 -14.68
C ALA B 302 4.96 -5.85 -15.53
N LEU B 303 4.59 -6.53 -16.60
CA LEU B 303 5.58 -7.13 -17.50
C LEU B 303 6.35 -6.03 -18.23
N ALA B 304 5.63 -5.03 -18.72
CA ALA B 304 6.25 -3.93 -19.45
C ALA B 304 7.28 -3.18 -18.62
N GLN B 305 7.02 -3.06 -17.31
CA GLN B 305 7.91 -2.34 -16.41
C GLN B 305 8.97 -3.24 -15.77
N GLY B 306 8.95 -4.53 -16.11
CA GLY B 306 9.92 -5.45 -15.54
C GLY B 306 9.61 -5.97 -14.15
N PHE B 307 8.39 -5.74 -13.64
CA PHE B 307 8.04 -6.24 -12.32
C PHE B 307 7.92 -7.75 -12.38
N ILE B 308 7.41 -8.25 -13.50
CA ILE B 308 7.31 -9.68 -13.73
C ILE B 308 8.59 -9.99 -14.50
N ASP B 309 9.38 -10.92 -13.99
CA ASP B 309 10.66 -11.24 -14.61
C ASP B 309 10.66 -12.13 -15.85
N THR B 310 9.96 -13.25 -15.78
CA THR B 310 9.92 -14.18 -16.89
C THR B 310 8.52 -14.58 -17.30
N VAL B 311 8.39 -15.10 -18.51
CA VAL B 311 7.12 -15.59 -19.00
C VAL B 311 7.35 -17.03 -19.45
N GLY B 312 6.59 -17.94 -18.85
CA GLY B 312 6.69 -19.35 -19.19
C GLY B 312 5.33 -19.82 -19.67
N THR B 313 5.12 -21.13 -19.69
CA THR B 313 3.82 -21.66 -20.12
C THR B 313 3.13 -22.54 -19.09
N ASP B 314 3.92 -23.30 -18.34
CA ASP B 314 3.41 -24.29 -17.39
C ASP B 314 2.67 -25.28 -18.28
N HIS B 315 3.31 -25.59 -19.40
CA HIS B 315 2.81 -26.52 -20.42
C HIS B 315 2.45 -27.88 -19.80
N CYS B 316 1.18 -28.21 -19.84
CA CYS B 316 0.72 -29.48 -19.28
C CYS B 316 -0.43 -29.98 -20.14
N PRO B 317 -0.12 -30.68 -21.24
CA PRO B 317 -1.08 -31.23 -22.19
C PRO B 317 -1.85 -32.50 -21.78
N PHE B 318 -3.15 -32.47 -22.00
CA PHE B 318 -4.04 -33.59 -21.70
C PHE B 318 -5.05 -33.67 -22.83
N ASP B 319 -5.56 -34.88 -23.09
CA ASP B 319 -6.57 -35.07 -24.13
C ASP B 319 -7.93 -34.79 -23.51
N THR B 320 -8.89 -34.36 -24.32
CA THR B 320 -10.23 -34.08 -23.83
C THR B 320 -10.77 -35.33 -23.12
N GLU B 321 -10.38 -36.49 -23.62
CA GLU B 321 -10.80 -37.75 -23.05
C GLU B 321 -10.33 -37.84 -21.60
N GLN B 322 -9.08 -37.44 -21.35
CA GLN B 322 -8.52 -37.45 -20.01
C GLN B 322 -9.21 -36.39 -19.14
N LYS B 323 -9.53 -35.26 -19.74
CA LYS B 323 -10.20 -34.19 -19.03
C LYS B 323 -11.53 -34.69 -18.49
N LEU B 324 -12.19 -35.55 -19.26
CA LEU B 324 -13.48 -36.10 -18.85
C LEU B 324 -13.42 -36.98 -17.62
N LEU B 325 -12.21 -37.29 -17.16
CA LEU B 325 -12.05 -38.11 -15.96
C LEU B 325 -12.71 -37.42 -14.76
N GLY B 326 -13.00 -36.14 -14.91
CA GLY B 326 -13.60 -35.39 -13.83
C GLY B 326 -14.97 -34.86 -14.16
N LYS B 327 -15.72 -35.62 -14.97
CA LYS B 327 -17.06 -35.20 -15.35
C LYS B 327 -18.01 -35.26 -14.14
N GLU B 328 -17.63 -36.04 -13.13
CA GLU B 328 -18.42 -36.18 -11.91
C GLU B 328 -18.11 -35.09 -10.88
N ALA B 329 -16.83 -34.77 -10.75
CA ALA B 329 -16.38 -33.75 -9.80
C ALA B 329 -15.21 -32.96 -10.38
N PHE B 330 -15.28 -31.64 -10.32
CA PHE B 330 -14.21 -30.80 -10.86
C PHE B 330 -12.85 -31.11 -10.25
N THR B 331 -12.85 -31.64 -9.04
CA THR B 331 -11.60 -31.97 -8.36
C THR B 331 -10.85 -33.09 -9.07
N ALA B 332 -11.52 -33.80 -9.96
CA ALA B 332 -10.91 -34.92 -10.66
C ALA B 332 -10.47 -34.58 -12.08
N ILE B 333 -10.70 -33.32 -12.49
CA ILE B 333 -10.30 -32.89 -13.83
C ILE B 333 -8.80 -32.63 -13.78
N PRO B 334 -8.01 -33.35 -14.60
CA PRO B 334 -6.56 -33.11 -14.56
C PRO B 334 -6.26 -31.66 -14.96
N ASN B 335 -5.60 -30.93 -14.04
CA ASN B 335 -5.28 -29.53 -14.27
C ASN B 335 -4.16 -29.31 -15.27
N GLY B 336 -4.38 -28.40 -16.22
CA GLY B 336 -3.36 -28.13 -17.20
C GLY B 336 -3.84 -27.66 -18.57
N ILE B 337 -3.04 -26.83 -19.21
CA ILE B 337 -3.33 -26.30 -20.53
C ILE B 337 -2.04 -26.38 -21.34
N PRO B 338 -2.13 -26.73 -22.63
CA PRO B 338 -0.92 -26.82 -23.44
C PRO B 338 -0.55 -25.45 -23.99
N ALA B 339 0.74 -25.16 -24.17
CA ALA B 339 1.14 -23.87 -24.70
C ALA B 339 2.61 -23.75 -25.09
N ILE B 340 3.39 -24.79 -24.87
CA ILE B 340 4.82 -24.74 -25.18
C ILE B 340 5.15 -24.27 -26.60
N GLU B 341 4.26 -24.53 -27.54
CA GLU B 341 4.47 -24.17 -28.93
C GLU B 341 4.01 -22.76 -29.31
N ASP B 342 3.08 -22.21 -28.55
CA ASP B 342 2.54 -20.90 -28.88
C ASP B 342 3.03 -19.70 -28.07
N ARG B 343 3.73 -19.96 -26.98
CA ARG B 343 4.21 -18.89 -26.11
C ARG B 343 4.83 -17.68 -26.84
N VAL B 344 5.90 -17.92 -27.58
CA VAL B 344 6.59 -16.85 -28.27
C VAL B 344 5.71 -16.07 -29.25
N ASN B 345 5.01 -16.77 -30.14
CA ASN B 345 4.15 -16.08 -31.10
C ASN B 345 3.04 -15.30 -30.39
N LEU B 346 2.49 -15.87 -29.33
CA LEU B 346 1.42 -15.19 -28.60
C LEU B 346 1.96 -13.94 -27.88
N LEU B 347 3.10 -14.08 -27.23
CA LEU B 347 3.70 -12.97 -26.51
C LEU B 347 4.11 -11.86 -27.48
N TYR B 348 4.71 -12.26 -28.60
CA TYR B 348 5.12 -11.28 -29.59
C TYR B 348 3.93 -10.53 -30.16
N THR B 349 2.89 -11.28 -30.54
CA THR B 349 1.69 -10.69 -31.13
C THR B 349 0.93 -9.73 -30.22
N TYR B 350 0.49 -10.24 -29.09
CA TYR B 350 -0.30 -9.43 -28.17
C TYR B 350 0.50 -8.52 -27.27
N GLY B 351 1.81 -8.72 -27.23
CA GLY B 351 2.64 -7.87 -26.40
C GLY B 351 3.33 -6.80 -27.22
N VAL B 352 4.12 -7.21 -28.21
CA VAL B 352 4.86 -6.29 -29.05
C VAL B 352 4.07 -5.70 -30.20
N SER B 353 3.58 -6.57 -31.08
CA SER B 353 2.82 -6.15 -32.24
C SER B 353 1.54 -5.37 -31.97
N ARG B 354 0.73 -5.83 -31.03
CA ARG B 354 -0.53 -5.16 -30.73
C ARG B 354 -0.61 -4.59 -29.34
N GLY B 355 0.49 -4.64 -28.59
CA GLY B 355 0.47 -4.11 -27.24
C GLY B 355 1.47 -3.02 -26.96
N ARG B 356 1.77 -2.81 -25.68
CA ARG B 356 2.72 -1.79 -25.27
C ARG B 356 4.05 -2.39 -24.84
N LEU B 357 4.21 -3.69 -25.07
CA LEU B 357 5.45 -4.36 -24.69
C LEU B 357 6.60 -4.02 -25.63
N ASP B 358 7.64 -3.42 -25.06
CA ASP B 358 8.84 -3.04 -25.79
C ASP B 358 9.49 -4.33 -26.29
N ILE B 359 10.04 -4.30 -27.51
CA ILE B 359 10.63 -5.50 -28.07
C ILE B 359 11.83 -6.04 -27.31
N HIS B 360 12.57 -5.18 -26.62
CA HIS B 360 13.74 -5.62 -25.85
C HIS B 360 13.29 -6.28 -24.56
N ARG B 361 12.20 -5.77 -23.99
CA ARG B 361 11.66 -6.31 -22.77
C ARG B 361 11.11 -7.70 -23.11
N PHE B 362 10.64 -7.84 -24.34
CA PHE B 362 10.08 -9.09 -24.85
C PHE B 362 11.15 -10.19 -24.88
N VAL B 363 12.32 -9.85 -25.40
CA VAL B 363 13.41 -10.81 -25.48
C VAL B 363 13.87 -11.19 -24.08
N ASP B 364 13.94 -10.21 -23.20
CA ASP B 364 14.37 -10.43 -21.84
C ASP B 364 13.38 -11.32 -21.08
N ALA B 365 12.10 -11.04 -21.22
CA ALA B 365 11.08 -11.80 -20.52
C ALA B 365 10.87 -13.21 -21.09
N ALA B 366 11.18 -13.41 -22.36
CA ALA B 366 10.99 -14.71 -22.98
C ALA B 366 12.26 -15.52 -23.17
N SER B 367 13.41 -14.94 -22.84
CA SER B 367 14.66 -15.67 -23.01
C SER B 367 15.78 -15.38 -22.01
N THR B 368 16.33 -14.18 -22.10
CA THR B 368 17.46 -13.80 -21.26
C THR B 368 17.33 -13.85 -19.74
N LYS B 369 16.24 -13.31 -19.20
CA LYS B 369 16.05 -13.30 -17.75
C LYS B 369 16.08 -14.71 -17.16
N ALA B 370 15.36 -15.64 -17.78
CA ALA B 370 15.31 -17.02 -17.32
C ALA B 370 16.68 -17.67 -17.38
N ALA B 371 17.42 -17.37 -18.45
CA ALA B 371 18.76 -17.93 -18.60
C ALA B 371 19.65 -17.44 -17.47
N LYS B 372 19.49 -16.16 -17.09
CA LYS B 372 20.28 -15.58 -16.01
C LYS B 372 19.95 -16.19 -14.67
N LEU B 373 18.66 -16.21 -14.34
CA LEU B 373 18.18 -16.73 -13.07
C LEU B 373 18.55 -18.18 -12.82
N PHE B 374 18.50 -19.01 -13.85
CA PHE B 374 18.79 -20.41 -13.67
C PHE B 374 20.17 -20.91 -14.13
N GLY B 375 21.12 -19.99 -14.23
CA GLY B 375 22.48 -20.37 -14.60
C GLY B 375 22.72 -20.91 -16.00
N LEU B 376 21.89 -20.55 -16.96
CA LEU B 376 22.06 -20.99 -18.33
C LEU B 376 22.84 -19.95 -19.13
N PHE B 377 22.91 -18.74 -18.57
CA PHE B 377 23.59 -17.60 -19.17
C PHE B 377 25.07 -17.64 -18.79
N PRO B 378 25.96 -17.18 -19.69
CA PRO B 378 25.77 -16.63 -21.03
C PRO B 378 25.72 -17.68 -22.14
N ARG B 379 25.81 -18.95 -21.76
CA ARG B 379 25.76 -20.05 -22.71
C ARG B 379 24.49 -19.90 -23.55
N LYS B 380 23.36 -19.66 -22.87
CA LYS B 380 22.08 -19.49 -23.54
C LYS B 380 21.53 -18.11 -23.22
N GLY B 381 20.42 -17.75 -23.88
CA GLY B 381 19.77 -16.49 -23.60
C GLY B 381 20.21 -15.21 -24.30
N THR B 382 21.20 -15.28 -25.17
CA THR B 382 21.64 -14.07 -25.85
C THR B 382 22.39 -14.38 -27.13
N ILE B 383 22.70 -13.34 -27.90
CA ILE B 383 23.45 -13.48 -29.14
C ILE B 383 24.77 -12.75 -28.95
N ALA B 384 25.86 -13.50 -28.87
CA ALA B 384 27.18 -12.92 -28.69
C ALA B 384 28.24 -13.98 -28.94
N VAL B 385 29.42 -13.54 -29.35
CA VAL B 385 30.51 -14.47 -29.61
C VAL B 385 30.72 -15.32 -28.36
N GLY B 386 30.82 -16.63 -28.55
CA GLY B 386 31.01 -17.54 -27.44
C GLY B 386 29.75 -18.27 -27.02
N SER B 387 28.60 -17.67 -27.30
CA SER B 387 27.32 -18.26 -26.94
C SER B 387 26.94 -19.40 -27.87
N ASP B 388 26.08 -20.31 -27.40
CA ASP B 388 25.63 -21.41 -28.23
C ASP B 388 24.86 -20.81 -29.39
N ALA B 389 25.03 -21.38 -30.58
CA ALA B 389 24.34 -20.88 -31.76
C ALA B 389 22.86 -21.31 -31.78
N ASP B 390 22.12 -20.92 -30.75
CA ASP B 390 20.70 -21.21 -30.67
C ASP B 390 20.07 -19.92 -31.18
N LEU B 391 19.59 -19.94 -32.41
CA LEU B 391 19.03 -18.74 -33.01
C LEU B 391 17.63 -18.92 -33.59
N VAL B 392 16.91 -17.81 -33.68
CA VAL B 392 15.57 -17.83 -34.24
C VAL B 392 15.40 -16.70 -35.26
N VAL B 393 15.34 -17.08 -36.54
CA VAL B 393 15.13 -16.11 -37.59
C VAL B 393 13.61 -15.96 -37.60
N TYR B 394 13.14 -14.83 -37.11
CA TYR B 394 11.71 -14.57 -36.98
C TYR B 394 11.14 -13.72 -38.12
N ASP B 395 10.02 -14.17 -38.68
CA ASP B 395 9.37 -13.46 -39.77
C ASP B 395 8.19 -12.61 -39.29
N PRO B 396 8.35 -11.28 -39.25
CA PRO B 396 7.30 -10.36 -38.79
C PRO B 396 6.23 -10.04 -39.84
N GLN B 397 6.38 -10.58 -41.04
CA GLN B 397 5.41 -10.34 -42.10
C GLN B 397 4.35 -11.42 -42.13
N TYR B 398 4.62 -12.52 -41.43
CA TYR B 398 3.68 -13.64 -41.38
C TYR B 398 2.39 -13.28 -40.65
N ARG B 399 1.29 -13.81 -41.14
CA ARG B 399 -0.03 -13.59 -40.54
C ARG B 399 -0.78 -14.91 -40.61
N GLY B 400 -1.34 -15.34 -39.49
CA GLY B 400 -2.06 -16.59 -39.47
C GLY B 400 -2.85 -16.76 -38.19
N THR B 401 -3.32 -17.98 -37.95
CA THR B 401 -4.08 -18.28 -36.75
C THR B 401 -3.63 -19.61 -36.16
N ILE B 402 -3.73 -19.71 -34.84
CA ILE B 402 -3.35 -20.93 -34.15
C ILE B 402 -4.50 -21.92 -34.22
N SER B 403 -4.17 -23.19 -34.43
CA SER B 403 -5.17 -24.23 -34.52
C SER B 403 -4.58 -25.58 -34.15
N VAL B 404 -5.41 -26.44 -33.55
CA VAL B 404 -4.97 -27.77 -33.18
C VAL B 404 -4.60 -28.53 -34.44
N LYS B 405 -5.26 -28.17 -35.55
CA LYS B 405 -5.03 -28.81 -36.84
C LYS B 405 -3.60 -28.66 -37.34
N THR B 406 -2.87 -27.68 -36.83
CA THR B 406 -1.50 -27.46 -37.26
C THR B 406 -0.46 -27.47 -36.14
N GLN B 407 -0.87 -27.90 -34.94
CA GLN B 407 0.05 -27.94 -33.81
C GLN B 407 0.83 -29.25 -33.80
N HIS B 408 1.85 -29.31 -32.96
CA HIS B 408 2.68 -30.50 -32.87
C HIS B 408 2.64 -31.08 -31.46
N VAL B 409 1.82 -30.49 -30.60
CA VAL B 409 1.68 -30.97 -29.25
C VAL B 409 0.87 -32.27 -29.35
N ASN B 410 1.33 -33.29 -28.64
CA ASN B 410 0.68 -34.60 -28.68
C ASN B 410 -0.67 -34.75 -27.96
N ASN B 411 -1.59 -33.82 -28.20
CA ASN B 411 -2.92 -33.91 -27.57
C ASN B 411 -3.99 -33.47 -28.59
N ASP B 412 -5.26 -33.58 -28.21
CA ASP B 412 -6.34 -33.26 -29.14
C ASP B 412 -6.99 -31.88 -29.13
N TYR B 413 -6.38 -30.90 -28.47
CA TYR B 413 -6.96 -29.55 -28.48
C TYR B 413 -5.91 -28.50 -28.18
N ASN B 414 -6.15 -27.29 -28.67
CA ASN B 414 -5.25 -26.17 -28.46
C ASN B 414 -6.00 -25.13 -27.64
N GLY B 415 -5.35 -24.62 -26.60
CA GLY B 415 -5.99 -23.64 -25.74
C GLY B 415 -6.26 -22.30 -26.39
N PHE B 416 -5.53 -22.02 -27.47
CA PHE B 416 -5.68 -20.74 -28.15
C PHE B 416 -6.23 -20.89 -29.57
N GLU B 417 -7.10 -21.88 -29.74
CA GLU B 417 -7.73 -22.16 -31.03
C GLU B 417 -8.34 -20.89 -31.58
N GLY B 418 -7.95 -20.55 -32.81
CA GLY B 418 -8.49 -19.36 -33.44
C GLY B 418 -7.73 -18.05 -33.22
N PHE B 419 -6.82 -18.01 -32.26
CA PHE B 419 -6.07 -16.78 -32.00
C PHE B 419 -5.19 -16.40 -33.19
N GLU B 420 -5.15 -15.11 -33.50
CA GLU B 420 -4.33 -14.65 -34.61
C GLU B 420 -2.92 -14.36 -34.10
N ILE B 421 -1.94 -14.50 -34.98
CA ILE B 421 -0.55 -14.23 -34.61
C ILE B 421 0.08 -13.39 -35.71
N ASP B 422 0.87 -12.38 -35.34
CA ASP B 422 1.51 -11.51 -36.31
C ASP B 422 2.98 -11.85 -36.59
N GLY B 423 3.32 -13.12 -36.49
CA GLY B 423 4.68 -13.54 -36.74
C GLY B 423 4.88 -15.01 -36.44
N ARG B 424 6.04 -15.54 -36.82
CA ARG B 424 6.34 -16.94 -36.56
C ARG B 424 7.79 -17.21 -36.90
N PRO B 425 8.36 -18.29 -36.34
CA PRO B 425 9.76 -18.62 -36.63
C PRO B 425 9.91 -19.13 -38.06
N SER B 426 10.92 -18.64 -38.75
CA SER B 426 11.18 -19.06 -40.13
C SER B 426 12.29 -20.10 -40.08
N VAL B 427 13.33 -19.82 -39.30
CA VAL B 427 14.45 -20.74 -39.15
C VAL B 427 14.82 -20.79 -37.66
N VAL B 428 15.06 -22.00 -37.16
CA VAL B 428 15.43 -22.19 -35.76
C VAL B 428 16.62 -23.11 -35.70
N THR B 429 17.67 -22.71 -34.98
CA THR B 429 18.85 -23.55 -34.86
C THR B 429 19.15 -23.91 -33.41
N VAL B 430 19.80 -25.06 -33.22
CA VAL B 430 20.19 -25.53 -31.89
C VAL B 430 21.68 -25.82 -31.95
N ARG B 431 22.47 -25.03 -31.23
CA ARG B 431 23.90 -25.18 -31.20
C ARG B 431 24.53 -25.33 -32.60
N GLY B 432 24.16 -24.41 -33.49
CA GLY B 432 24.71 -24.39 -34.84
C GLY B 432 24.07 -25.29 -35.87
N LYS B 433 23.11 -26.10 -35.46
CA LYS B 433 22.43 -27.02 -36.38
C LYS B 433 20.98 -26.62 -36.62
N VAL B 434 20.60 -26.49 -37.89
CA VAL B 434 19.23 -26.10 -38.24
C VAL B 434 18.21 -27.17 -37.85
N ALA B 435 17.20 -26.76 -37.08
CA ALA B 435 16.16 -27.68 -36.65
C ALA B 435 14.83 -27.39 -37.33
N VAL B 436 14.63 -26.14 -37.74
CA VAL B 436 13.41 -25.74 -38.42
C VAL B 436 13.75 -24.83 -39.59
N ARG B 437 13.33 -25.23 -40.80
CA ARG B 437 13.58 -24.42 -41.98
C ARG B 437 12.27 -24.18 -42.72
N ASP B 438 11.89 -22.90 -42.83
CA ASP B 438 10.67 -22.51 -43.52
C ASP B 438 9.45 -23.30 -43.06
N GLY B 439 9.26 -23.37 -41.75
CA GLY B 439 8.10 -24.08 -41.22
C GLY B 439 8.16 -25.59 -41.34
N GLN B 440 9.31 -26.12 -41.77
CA GLN B 440 9.48 -27.56 -41.90
C GLN B 440 10.38 -28.05 -40.78
N PHE B 441 9.98 -29.11 -40.09
CA PHE B 441 10.82 -29.62 -39.01
C PHE B 441 11.88 -30.57 -39.56
N VAL B 442 13.13 -30.22 -39.36
CA VAL B 442 14.24 -31.05 -39.84
C VAL B 442 15.21 -31.37 -38.72
N GLY B 443 14.70 -31.40 -37.49
CA GLY B 443 15.54 -31.68 -36.35
C GLY B 443 16.12 -33.09 -36.29
N GLU B 444 17.18 -33.24 -35.51
CA GLU B 444 17.86 -34.52 -35.35
C GLU B 444 17.58 -35.11 -33.97
N LYS B 445 17.01 -36.31 -33.93
CA LYS B 445 16.69 -36.95 -32.65
C LYS B 445 17.92 -37.13 -31.77
N GLY B 446 17.75 -36.82 -30.48
CA GLY B 446 18.84 -36.96 -29.54
C GLY B 446 19.92 -35.89 -29.57
N TRP B 447 19.75 -34.89 -30.42
CA TRP B 447 20.73 -33.82 -30.52
C TRP B 447 20.75 -33.01 -29.22
N GLY B 448 19.57 -32.82 -28.63
CA GLY B 448 19.45 -32.07 -27.39
C GLY B 448 20.23 -32.67 -26.24
N LYS B 449 20.86 -31.82 -25.45
CA LYS B 449 21.65 -32.28 -24.30
C LYS B 449 21.12 -31.71 -22.98
N LEU B 450 21.54 -32.34 -21.89
CA LEU B 450 21.16 -31.91 -20.54
C LEU B 450 22.12 -30.81 -20.12
N LEU B 451 21.57 -29.68 -19.70
CA LEU B 451 22.42 -28.55 -19.29
C LEU B 451 22.65 -28.58 -17.79
N ARG B 452 23.92 -28.67 -17.40
CA ARG B 452 24.27 -28.69 -15.99
C ARG B 452 24.66 -27.27 -15.57
N ARG B 453 24.17 -26.86 -14.41
CA ARG B 453 24.40 -25.52 -13.89
C ARG B 453 25.25 -25.49 -12.62
N GLU B 454 25.76 -24.32 -12.30
CA GLU B 454 26.57 -24.08 -11.11
C GLU B 454 25.72 -23.25 -10.14
N PRO B 455 25.67 -23.62 -8.86
CA PRO B 455 24.88 -22.87 -7.89
C PRO B 455 25.46 -21.46 -7.73
N MET B 456 24.62 -20.46 -7.54
CA MET B 456 25.12 -19.09 -7.40
C MET B 456 24.42 -18.20 -6.38
N TYR B 457 23.43 -18.73 -5.68
CA TYR B 457 22.70 -17.92 -4.70
C TYR B 457 22.99 -18.32 -3.27
N PHE B 458 24.17 -17.97 -2.78
CA PHE B 458 24.52 -18.32 -1.41
C PHE B 458 24.07 -17.28 -0.40
N PRO C 1 42.22 2.90 -37.00
CA PRO C 1 41.57 1.64 -36.56
C PRO C 1 41.96 1.29 -35.13
N LEU C 2 41.02 0.67 -34.42
CA LEU C 2 41.23 0.29 -33.04
C LEU C 2 40.92 -1.19 -32.81
N LEU C 3 41.72 -1.84 -31.98
CA LEU C 3 41.53 -3.25 -31.67
C LEU C 3 41.76 -3.45 -30.18
N ILE C 4 40.71 -3.89 -29.48
CA ILE C 4 40.80 -4.17 -28.06
C ILE C 4 40.71 -5.68 -27.97
N LYS C 5 41.77 -6.32 -27.49
CA LYS C 5 41.78 -7.78 -27.41
C LYS C 5 41.97 -8.37 -26.02
N ASN C 6 41.51 -9.62 -25.88
CA ASN C 6 41.61 -10.41 -24.65
C ASN C 6 40.87 -9.85 -23.45
N GLY C 7 39.88 -9.02 -23.69
CA GLY C 7 39.13 -8.45 -22.59
C GLY C 7 37.83 -9.19 -22.37
N GLU C 8 37.32 -9.13 -21.15
CA GLU C 8 36.04 -9.77 -20.88
C GLU C 8 34.98 -8.70 -21.10
N ILE C 9 34.22 -8.86 -22.16
CA ILE C 9 33.17 -7.93 -22.52
C ILE C 9 31.91 -8.17 -21.69
N ILE C 10 31.42 -7.09 -21.08
CA ILE C 10 30.22 -7.17 -20.26
C ILE C 10 29.23 -6.08 -20.60
N THR C 11 28.05 -6.47 -21.07
CA THR C 11 26.99 -5.51 -21.38
C THR C 11 25.82 -5.87 -20.49
N ALA C 12 24.70 -5.20 -20.66
CA ALA C 12 23.54 -5.51 -19.82
C ALA C 12 23.01 -6.93 -20.04
N ASP C 13 23.21 -7.48 -21.23
CA ASP C 13 22.69 -8.82 -21.50
C ASP C 13 23.68 -9.78 -22.15
N SER C 14 24.97 -9.58 -21.91
CA SER C 14 25.97 -10.49 -22.47
C SER C 14 27.26 -10.41 -21.68
N ARG C 15 28.01 -11.51 -21.69
CA ARG C 15 29.29 -11.57 -20.99
C ARG C 15 30.17 -12.61 -21.68
N TYR C 16 31.30 -12.17 -22.23
CA TYR C 16 32.17 -13.08 -22.96
C TYR C 16 33.55 -12.50 -23.20
N LYS C 17 34.45 -13.35 -23.71
CA LYS C 17 35.80 -12.92 -24.02
C LYS C 17 35.95 -12.97 -25.53
N ALA C 18 36.37 -11.87 -26.11
CA ALA C 18 36.56 -11.77 -27.55
C ALA C 18 37.25 -10.45 -27.86
N ASP C 19 37.57 -10.24 -29.13
CA ASP C 19 38.22 -9.00 -29.53
C ASP C 19 37.21 -8.09 -30.20
N ILE C 20 37.45 -6.79 -30.07
CA ILE C 20 36.58 -5.78 -30.67
C ILE C 20 37.42 -4.99 -31.66
N TYR C 21 36.95 -4.92 -32.90
CA TYR C 21 37.67 -4.17 -33.91
C TYR C 21 36.82 -3.05 -34.46
N ALA C 22 37.36 -1.84 -34.39
CA ALA C 22 36.66 -0.68 -34.90
C ALA C 22 37.56 -0.05 -35.96
N GLU C 23 37.11 -0.11 -37.22
CA GLU C 23 37.87 0.46 -38.31
C GLU C 23 37.88 1.98 -38.20
N GLY C 24 36.71 2.55 -37.94
CA GLY C 24 36.59 3.99 -37.80
C GLY C 24 35.98 4.40 -36.47
N GLU C 25 34.81 5.03 -36.53
CA GLU C 25 34.14 5.51 -35.33
C GLU C 25 33.22 4.47 -34.71
N THR C 26 32.81 3.47 -35.48
CA THR C 26 31.92 2.44 -34.97
C THR C 26 32.58 1.07 -34.95
N ILE C 27 32.00 0.15 -34.17
CA ILE C 27 32.52 -1.20 -34.05
C ILE C 27 32.24 -1.94 -35.35
N THR C 28 33.30 -2.44 -35.98
CA THR C 28 33.19 -3.14 -37.25
C THR C 28 32.90 -4.62 -37.08
N ARG C 29 33.65 -5.28 -36.21
CA ARG C 29 33.41 -6.69 -35.98
C ARG C 29 33.90 -7.17 -34.62
N ILE C 30 33.33 -8.28 -34.18
CA ILE C 30 33.66 -8.88 -32.90
C ILE C 30 33.88 -10.38 -33.11
N GLY C 31 34.93 -10.91 -32.51
CA GLY C 31 35.23 -12.32 -32.64
C GLY C 31 36.50 -12.62 -31.89
N GLN C 32 36.92 -13.88 -31.89
CA GLN C 32 38.14 -14.25 -31.19
C GLN C 32 39.31 -14.26 -32.15
N ASN C 33 40.46 -13.81 -31.66
CA ASN C 33 41.68 -13.75 -32.47
C ASN C 33 41.41 -13.03 -33.80
N LEU C 34 41.01 -11.77 -33.72
CA LEU C 34 40.76 -10.99 -34.92
C LEU C 34 42.09 -10.44 -35.42
N GLU C 35 42.23 -10.36 -36.74
CA GLU C 35 43.44 -9.82 -37.34
C GLU C 35 43.16 -8.40 -37.79
N ALA C 36 43.84 -7.44 -37.17
CA ALA C 36 43.67 -6.04 -37.52
C ALA C 36 44.73 -5.63 -38.54
N PRO C 37 44.32 -4.88 -39.57
CA PRO C 37 45.29 -4.45 -40.57
C PRO C 37 46.47 -3.76 -39.90
N PRO C 38 47.62 -3.69 -40.59
CA PRO C 38 48.78 -3.03 -39.98
C PRO C 38 48.50 -1.56 -39.71
N GLY C 39 49.03 -1.03 -38.62
CA GLY C 39 48.82 0.35 -38.28
C GLY C 39 47.74 0.50 -37.21
N THR C 40 46.92 -0.53 -37.06
CA THR C 40 45.85 -0.53 -36.09
C THR C 40 46.40 -0.35 -34.69
N GLU C 41 45.73 0.47 -33.89
CA GLU C 41 46.16 0.69 -32.51
C GLU C 41 45.60 -0.46 -31.67
N VAL C 42 46.50 -1.21 -31.03
CA VAL C 42 46.09 -2.34 -30.22
C VAL C 42 46.14 -2.11 -28.72
N ILE C 43 45.02 -2.39 -28.07
CA ILE C 43 44.88 -2.25 -26.62
C ILE C 43 44.69 -3.66 -26.07
N ASP C 44 45.53 -4.05 -25.12
CA ASP C 44 45.40 -5.38 -24.53
C ASP C 44 44.56 -5.25 -23.26
N ALA C 45 43.40 -5.88 -23.27
CA ALA C 45 42.48 -5.82 -22.13
C ALA C 45 42.51 -7.05 -21.26
N THR C 46 43.60 -7.81 -21.32
CA THR C 46 43.75 -9.02 -20.54
C THR C 46 43.52 -8.75 -19.04
N GLY C 47 42.64 -9.55 -18.45
CA GLY C 47 42.34 -9.41 -17.04
C GLY C 47 41.50 -8.19 -16.70
N LYS C 48 40.89 -7.59 -17.70
CA LYS C 48 40.06 -6.41 -17.47
C LYS C 48 38.67 -6.54 -18.11
N TYR C 49 37.75 -5.71 -17.66
CA TYR C 49 36.40 -5.72 -18.19
C TYR C 49 36.29 -4.66 -19.28
N VAL C 50 35.45 -4.92 -20.27
CA VAL C 50 35.22 -3.95 -21.33
C VAL C 50 33.73 -3.63 -21.29
N PHE C 51 33.40 -2.44 -20.81
CA PHE C 51 32.02 -1.99 -20.68
C PHE C 51 31.69 -0.98 -21.77
N PRO C 52 30.38 -0.73 -21.97
CA PRO C 52 30.00 0.25 -22.99
C PRO C 52 30.29 1.59 -22.30
N GLY C 53 30.55 2.64 -23.07
CA GLY C 53 30.80 3.93 -22.44
C GLY C 53 29.61 4.28 -21.59
N PHE C 54 29.85 4.74 -20.36
CA PHE C 54 28.75 5.07 -19.47
C PHE C 54 28.10 6.42 -19.79
N ILE C 55 26.82 6.53 -19.46
CA ILE C 55 26.04 7.72 -19.75
C ILE C 55 25.40 8.36 -18.53
N ASP C 56 25.65 9.64 -18.35
CA ASP C 56 25.07 10.41 -17.24
C ASP C 56 23.96 11.25 -17.84
N PRO C 57 22.69 10.89 -17.56
CA PRO C 57 21.54 11.62 -18.09
C PRO C 57 21.17 12.92 -17.37
N HIS C 58 21.99 13.32 -16.41
CA HIS C 58 21.65 14.51 -15.65
C HIS C 58 22.83 15.30 -15.09
N VAL C 59 23.33 16.27 -15.86
CA VAL C 59 24.45 17.10 -15.41
C VAL C 59 24.22 18.59 -15.68
N HIS C 60 24.97 19.41 -14.98
CA HIS C 60 24.91 20.86 -15.12
C HIS C 60 26.31 21.39 -15.38
N ILE C 61 26.55 21.90 -16.59
CA ILE C 61 27.85 22.44 -16.91
C ILE C 61 27.69 23.97 -16.83
N TYR C 62 26.96 24.54 -17.78
CA TYR C 62 26.70 25.97 -17.76
C TYR C 62 25.42 26.19 -16.96
N LEU C 63 25.53 26.90 -15.84
CA LEU C 63 24.35 27.15 -15.03
C LEU C 63 24.35 28.42 -14.21
N PRO C 64 23.54 29.42 -14.63
CA PRO C 64 23.43 30.69 -13.91
C PRO C 64 22.36 30.35 -12.89
N PHE C 65 22.74 30.20 -11.63
CA PHE C 65 21.76 29.80 -10.62
C PHE C 65 22.07 30.36 -9.24
N MET C 66 21.01 30.73 -8.53
CA MET C 66 21.12 31.28 -7.19
C MET C 66 22.23 32.34 -7.06
N ALA C 67 22.11 33.37 -7.89
CA ALA C 67 23.02 34.52 -7.93
C ALA C 67 24.44 34.26 -8.41
N THR C 68 24.72 33.07 -8.94
CA THR C 68 26.07 32.78 -9.42
C THR C 68 26.14 31.75 -10.56
N PHE C 69 27.35 31.25 -10.84
CA PHE C 69 27.55 30.26 -11.91
C PHE C 69 28.28 28.98 -11.52
N ALA C 70 27.81 27.85 -12.06
CA ALA C 70 28.41 26.54 -11.79
C ALA C 70 29.85 26.60 -12.29
N LYS C 71 30.76 25.93 -11.60
CA LYS C 71 32.19 25.97 -11.94
C LYS C 71 32.74 25.29 -13.19
N ASP C 72 32.20 24.16 -13.60
CA ASP C 72 32.74 23.51 -14.78
C ASP C 72 32.38 24.15 -16.10
N THR C 73 33.23 23.91 -17.09
CA THR C 73 32.99 24.40 -18.45
C THR C 73 32.84 23.09 -19.21
N HIS C 74 32.38 23.15 -20.45
CA HIS C 74 32.22 21.93 -21.20
C HIS C 74 33.55 21.24 -21.39
N GLU C 75 34.62 22.02 -21.25
CA GLU C 75 35.96 21.48 -21.40
C GLU C 75 36.37 20.72 -20.14
N THR C 76 36.29 21.36 -18.98
CA THR C 76 36.67 20.70 -17.74
C THR C 76 35.67 19.62 -17.36
N GLY C 77 34.40 19.85 -17.70
CA GLY C 77 33.36 18.89 -17.38
C GLY C 77 33.45 17.60 -18.18
N SER C 78 33.62 17.72 -19.50
CA SER C 78 33.72 16.52 -20.33
C SER C 78 34.98 15.74 -20.02
N LYS C 79 36.04 16.44 -19.62
CA LYS C 79 37.29 15.79 -19.28
C LYS C 79 37.12 14.97 -18.02
N ALA C 80 36.53 15.57 -16.99
CA ALA C 80 36.30 14.89 -15.74
C ALA C 80 35.40 13.67 -15.97
N ALA C 81 34.41 13.81 -16.83
CA ALA C 81 33.50 12.71 -17.14
C ALA C 81 34.27 11.53 -17.73
N LEU C 82 35.09 11.81 -18.74
CA LEU C 82 35.87 10.77 -19.38
C LEU C 82 36.79 10.06 -18.41
N MET C 83 37.48 10.82 -17.56
CA MET C 83 38.39 10.22 -16.58
C MET C 83 37.61 9.23 -15.71
N GLY C 84 36.32 9.52 -15.50
CA GLY C 84 35.49 8.65 -14.69
C GLY C 84 34.81 7.52 -15.43
N GLY C 85 34.96 7.47 -16.75
CA GLY C 85 34.34 6.41 -17.52
C GLY C 85 33.05 6.79 -18.24
N THR C 86 32.62 8.05 -18.08
CA THR C 86 31.41 8.51 -18.73
C THR C 86 31.78 9.13 -20.07
N THR C 87 31.25 8.54 -21.14
CA THR C 87 31.55 9.00 -22.50
C THR C 87 30.47 9.87 -23.13
N THR C 88 29.30 9.94 -22.50
CA THR C 88 28.21 10.76 -23.00
C THR C 88 27.44 11.31 -21.81
N TYR C 89 27.10 12.59 -21.88
CA TYR C 89 26.35 13.23 -20.82
C TYR C 89 25.23 14.06 -21.41
N ILE C 90 24.14 14.17 -20.67
CA ILE C 90 23.01 14.96 -21.11
C ILE C 90 22.94 16.12 -20.14
N GLU C 91 23.09 17.33 -20.65
CA GLU C 91 23.04 18.52 -19.81
C GLU C 91 21.66 19.15 -19.81
N MET C 92 21.29 19.70 -18.67
CA MET C 92 20.01 20.38 -18.50
C MET C 92 20.17 21.82 -19.01
N CYS C 93 19.52 22.13 -20.13
CA CYS C 93 19.56 23.49 -20.68
C CYS C 93 18.53 24.24 -19.86
N CYS C 94 19.00 25.14 -18.99
CA CYS C 94 18.10 25.84 -18.07
C CYS C 94 17.85 27.34 -18.11
N PRO C 95 17.23 27.84 -19.19
CA PRO C 95 16.99 29.28 -19.16
C PRO C 95 15.84 29.52 -18.16
N SER C 96 15.89 30.61 -17.41
CA SER C 96 14.86 30.89 -16.42
C SER C 96 13.59 31.47 -17.04
N ARG C 97 12.60 31.78 -16.20
CA ARG C 97 11.34 32.32 -16.67
C ARG C 97 11.51 33.65 -17.42
N ASN C 98 12.52 34.42 -17.04
CA ASN C 98 12.77 35.70 -17.67
C ASN C 98 13.61 35.66 -18.94
N ASP C 99 14.08 34.47 -19.31
CA ASP C 99 14.90 34.34 -20.51
C ASP C 99 14.07 33.85 -21.68
N ASP C 100 14.57 34.09 -22.89
CA ASP C 100 13.91 33.62 -24.10
C ASP C 100 14.42 32.20 -24.24
N ALA C 101 13.50 31.24 -24.33
CA ALA C 101 13.86 29.84 -24.44
C ALA C 101 14.78 29.55 -25.64
N LEU C 102 14.42 30.02 -26.83
CA LEU C 102 15.24 29.77 -28.01
C LEU C 102 16.66 30.34 -27.86
N GLU C 103 16.76 31.53 -27.28
CA GLU C 103 18.07 32.15 -27.07
C GLU C 103 18.85 31.30 -26.07
N GLY C 104 18.17 30.85 -25.02
CA GLY C 104 18.82 30.04 -24.02
C GLY C 104 19.39 28.77 -24.63
N TYR C 105 18.57 28.10 -25.44
CA TYR C 105 19.01 26.89 -26.08
C TYR C 105 20.26 27.15 -26.92
N GLN C 106 20.22 28.21 -27.73
CA GLN C 106 21.36 28.55 -28.58
C GLN C 106 22.61 28.93 -27.79
N LEU C 107 22.43 29.52 -26.61
CA LEU C 107 23.55 29.89 -25.78
C LEU C 107 24.28 28.63 -25.30
N TRP C 108 23.51 27.71 -24.72
CA TRP C 108 24.05 26.44 -24.23
C TRP C 108 24.68 25.67 -25.37
N LYS C 109 23.98 25.64 -26.49
CA LYS C 109 24.43 24.93 -27.67
C LYS C 109 25.78 25.45 -28.19
N SER C 110 25.97 26.77 -28.20
CA SER C 110 27.23 27.32 -28.69
C SER C 110 28.37 27.20 -27.70
N LYS C 111 28.04 27.16 -26.41
CA LYS C 111 29.08 27.03 -25.39
C LYS C 111 29.70 25.63 -25.47
N ALA C 112 28.94 24.67 -25.98
CA ALA C 112 29.42 23.29 -26.09
C ALA C 112 30.17 23.00 -27.38
N GLU C 113 29.78 23.63 -28.49
CA GLU C 113 30.45 23.39 -29.76
C GLU C 113 31.96 23.57 -29.73
N GLY C 114 32.67 22.54 -30.18
CA GLY C 114 34.12 22.60 -30.21
C GLY C 114 34.78 22.65 -28.84
N ASN C 115 33.99 22.51 -27.78
CA ASN C 115 34.57 22.56 -26.44
C ASN C 115 34.43 21.28 -25.61
N SER C 116 33.78 20.27 -26.16
CA SER C 116 33.59 19.02 -25.43
C SER C 116 34.47 17.90 -25.94
N TYR C 117 35.07 17.16 -25.02
CA TYR C 117 35.93 16.03 -25.36
C TYR C 117 35.13 14.79 -25.71
N CYS C 118 33.88 14.73 -25.27
CA CYS C 118 33.03 13.59 -25.56
C CYS C 118 31.67 14.08 -26.06
N ASP C 119 30.87 13.17 -26.60
CA ASP C 119 29.56 13.51 -27.11
C ASP C 119 28.59 13.91 -26.01
N TYR C 120 27.56 14.65 -26.39
CA TYR C 120 26.58 15.15 -25.44
C TYR C 120 25.27 15.54 -26.14
N THR C 121 24.30 15.94 -25.34
CA THR C 121 23.02 16.37 -25.84
C THR C 121 22.32 17.10 -24.68
N PHE C 122 21.12 17.63 -24.92
CA PHE C 122 20.43 18.38 -23.88
C PHE C 122 18.98 17.97 -23.55
N HIS C 123 18.54 18.45 -22.39
CA HIS C 123 17.16 18.28 -21.93
C HIS C 123 16.75 19.76 -22.00
N MET C 124 15.66 20.08 -22.68
CA MET C 124 15.24 21.48 -22.77
C MET C 124 14.29 21.85 -21.65
N ALA C 125 14.73 22.75 -20.76
CA ALA C 125 13.89 23.18 -19.65
C ALA C 125 12.78 24.11 -20.13
N VAL C 126 11.58 23.90 -19.60
CA VAL C 126 10.43 24.72 -19.94
C VAL C 126 10.02 25.40 -18.64
N SER C 127 10.53 26.62 -18.42
CA SER C 127 10.23 27.36 -17.19
C SER C 127 9.09 28.36 -17.28
N LYS C 128 8.26 28.22 -18.31
CA LYS C 128 7.10 29.08 -18.50
C LYS C 128 6.44 28.60 -19.77
N PHE C 129 5.17 28.91 -19.94
CA PHE C 129 4.51 28.48 -21.15
C PHE C 129 3.54 29.52 -21.70
N ASP C 130 3.72 29.82 -22.99
CA ASP C 130 2.89 30.76 -23.71
C ASP C 130 3.07 30.50 -25.21
N GLU C 131 2.27 31.16 -26.02
CA GLU C 131 2.30 31.01 -27.49
C GLU C 131 3.70 31.14 -28.05
N LYS C 132 4.40 32.19 -27.62
CA LYS C 132 5.75 32.43 -28.09
C LYS C 132 6.62 31.21 -27.83
N THR C 133 6.58 30.72 -26.60
CA THR C 133 7.37 29.57 -26.18
C THR C 133 7.02 28.27 -26.91
N GLU C 134 5.73 28.02 -27.12
CA GLU C 134 5.34 26.80 -27.81
C GLU C 134 6.04 26.73 -29.17
N GLY C 135 6.01 27.85 -29.89
CA GLY C 135 6.62 27.89 -31.21
C GLY C 135 8.12 27.62 -31.16
N GLN C 136 8.79 28.14 -30.13
CA GLN C 136 10.22 27.94 -29.99
C GLN C 136 10.53 26.50 -29.59
N LEU C 137 9.66 25.88 -28.80
CA LEU C 137 9.89 24.50 -28.38
C LEU C 137 9.80 23.58 -29.59
N ARG C 138 8.87 23.88 -30.49
CA ARG C 138 8.73 23.05 -31.69
C ARG C 138 10.00 23.13 -32.51
N GLU C 139 10.63 24.30 -32.50
CA GLU C 139 11.86 24.51 -33.25
C GLU C 139 13.02 23.76 -32.60
N ILE C 140 13.10 23.83 -31.27
CA ILE C 140 14.15 23.15 -30.54
C ILE C 140 14.04 21.63 -30.68
N VAL C 141 12.83 21.11 -30.64
CA VAL C 141 12.62 19.67 -30.80
C VAL C 141 13.08 19.27 -32.20
N ALA C 142 12.68 20.07 -33.19
CA ALA C 142 13.05 19.82 -34.58
C ALA C 142 14.55 19.83 -34.79
N ASP C 143 15.28 20.45 -33.85
CA ASP C 143 16.73 20.50 -33.96
C ASP C 143 17.38 19.27 -33.33
N GLY C 144 16.55 18.31 -32.92
CA GLY C 144 17.09 17.08 -32.35
C GLY C 144 16.97 16.87 -30.85
N ILE C 145 16.40 17.83 -30.13
CA ILE C 145 16.24 17.69 -28.68
C ILE C 145 14.87 17.06 -28.41
N SER C 146 14.87 15.80 -27.99
CA SER C 146 13.63 15.08 -27.75
C SER C 146 13.16 14.95 -26.30
N SER C 147 13.70 15.77 -25.41
CA SER C 147 13.29 15.72 -24.02
C SER C 147 13.13 17.11 -23.40
N PHE C 148 12.11 17.27 -22.59
CA PHE C 148 11.88 18.53 -21.91
C PHE C 148 12.27 18.34 -20.46
N KCX C 149 12.14 19.42 -19.70
CA KCX C 149 12.45 19.40 -18.29
CB KCX C 149 13.93 19.67 -18.08
CG KCX C 149 14.21 20.37 -16.79
CD KCX C 149 14.02 19.44 -15.60
CE KCX C 149 15.37 19.24 -15.00
NZ KCX C 149 15.33 19.08 -13.56
C KCX C 149 11.62 20.48 -17.62
O KCX C 149 11.68 21.65 -18.01
CX KCX C 149 16.38 19.31 -12.77
OQ1 KCX C 149 16.24 19.13 -11.54
OQ2 KCX C 149 17.45 19.72 -13.28
N ILE C 150 10.83 20.10 -16.62
CA ILE C 150 10.04 21.09 -15.90
C ILE C 150 10.39 20.97 -14.43
N PHE C 151 10.21 22.06 -13.70
CA PHE C 151 10.50 22.08 -12.29
C PHE C 151 9.26 22.34 -11.46
N LEU C 152 9.03 21.52 -10.44
CA LEU C 152 7.93 21.73 -9.53
C LEU C 152 8.59 22.23 -8.24
N SER C 153 9.23 23.40 -8.36
CA SER C 153 9.92 24.08 -7.27
C SER C 153 10.61 25.32 -7.85
N TYR C 154 11.30 26.09 -7.00
CA TYR C 154 12.00 27.31 -7.45
C TYR C 154 10.97 28.31 -8.00
N LYS C 155 10.05 28.74 -7.16
CA LYS C 155 9.01 29.68 -7.55
C LYS C 155 9.52 30.92 -8.28
N ASN C 156 8.84 31.28 -9.37
CA ASN C 156 9.18 32.47 -10.16
C ASN C 156 10.48 32.44 -10.95
N PHE C 157 11.28 31.40 -10.78
CA PHE C 157 12.53 31.31 -11.51
C PHE C 157 12.49 30.14 -12.51
N PHE C 158 12.13 28.96 -12.02
CA PHE C 158 12.06 27.76 -12.85
C PHE C 158 10.70 27.08 -12.80
N GLY C 159 10.03 27.15 -11.65
CA GLY C 159 8.74 26.50 -11.48
C GLY C 159 7.58 26.90 -12.37
N VAL C 160 6.84 25.90 -12.84
CA VAL C 160 5.65 26.13 -13.67
C VAL C 160 4.43 25.75 -12.84
N ASP C 161 3.30 26.40 -13.11
CA ASP C 161 2.09 26.06 -12.37
C ASP C 161 1.35 24.90 -13.08
N ASP C 162 0.24 24.46 -12.51
CA ASP C 162 -0.51 23.35 -13.09
C ASP C 162 -0.94 23.60 -14.52
N GLY C 163 -1.33 24.85 -14.80
CA GLY C 163 -1.76 25.19 -16.15
C GLY C 163 -0.63 25.02 -17.15
N GLU C 164 0.54 25.53 -16.78
CA GLU C 164 1.71 25.45 -17.65
C GLU C 164 2.19 24.01 -17.78
N MET C 165 2.18 23.27 -16.68
CA MET C 165 2.60 21.88 -16.71
C MET C 165 1.69 21.09 -17.65
N TYR C 166 0.38 21.31 -17.55
CA TYR C 166 -0.55 20.60 -18.40
C TYR C 166 -0.26 20.88 -19.87
N GLN C 167 -0.10 22.15 -20.23
CA GLN C 167 0.18 22.51 -21.62
C GLN C 167 1.52 21.94 -22.11
N THR C 168 2.53 21.95 -21.25
CA THR C 168 3.82 21.40 -21.63
C THR C 168 3.68 19.92 -21.93
N LEU C 169 2.91 19.21 -21.10
CA LEU C 169 2.71 17.78 -21.30
C LEU C 169 1.91 17.48 -22.57
N ARG C 170 0.89 18.29 -22.87
CA ARG C 170 0.11 18.03 -24.09
C ARG C 170 0.97 18.23 -25.31
N LEU C 171 1.80 19.26 -25.29
CA LEU C 171 2.69 19.54 -26.40
C LEU C 171 3.69 18.40 -26.53
N ALA C 172 4.22 17.94 -25.40
CA ALA C 172 5.19 16.85 -25.39
C ALA C 172 4.61 15.60 -26.04
N LYS C 173 3.35 15.30 -25.70
CA LYS C 173 2.67 14.13 -26.24
C LYS C 173 2.50 14.26 -27.75
N GLU C 174 2.18 15.47 -28.20
CA GLU C 174 1.98 15.74 -29.62
C GLU C 174 3.30 15.55 -30.39
N LEU C 175 4.38 16.05 -29.82
CA LEU C 175 5.69 15.96 -30.43
C LEU C 175 6.43 14.65 -30.17
N GLY C 176 5.87 13.81 -29.30
CA GLY C 176 6.51 12.55 -28.99
C GLY C 176 7.71 12.70 -28.06
N VAL C 177 7.73 13.80 -27.31
CA VAL C 177 8.80 14.12 -26.38
C VAL C 177 8.59 13.55 -24.98
N ILE C 178 9.67 13.12 -24.34
CA ILE C 178 9.58 12.60 -22.97
C ILE C 178 9.89 13.78 -22.03
N VAL C 179 9.11 13.90 -20.96
CA VAL C 179 9.32 15.00 -20.03
C VAL C 179 9.98 14.61 -18.72
N THR C 180 11.14 15.18 -18.44
CA THR C 180 11.84 14.91 -17.19
C THR C 180 11.35 15.95 -16.19
N ALA C 181 11.29 15.60 -14.90
CA ALA C 181 10.78 16.56 -13.93
C ALA C 181 11.39 16.53 -12.55
N HIS C 182 11.60 17.71 -12.00
CA HIS C 182 12.14 17.86 -10.65
C HIS C 182 10.87 18.00 -9.80
N CYS C 183 10.62 17.02 -8.94
CA CYS C 183 9.39 17.01 -8.17
C CYS C 183 9.39 17.38 -6.69
N GLU C 184 8.90 18.57 -6.41
CA GLU C 184 8.75 19.05 -5.04
C GLU C 184 7.48 19.92 -5.12
N ASN C 185 7.45 21.03 -4.38
CA ASN C 185 6.32 21.93 -4.43
C ASN C 185 6.87 23.34 -4.23
N ALA C 186 6.89 24.13 -5.29
CA ALA C 186 7.42 25.50 -5.23
C ALA C 186 6.84 26.35 -4.10
N GLU C 187 5.52 26.30 -3.94
CA GLU C 187 4.85 27.08 -2.92
C GLU C 187 5.22 26.64 -1.50
N LEU C 188 5.07 25.35 -1.22
CA LEU C 188 5.39 24.84 0.10
C LEU C 188 6.82 25.10 0.52
N VAL C 189 7.77 24.91 -0.39
CA VAL C 189 9.16 25.13 -0.06
C VAL C 189 9.38 26.60 0.26
N GLY C 190 8.82 27.48 -0.56
CA GLY C 190 8.95 28.90 -0.32
C GLY C 190 8.42 29.29 1.04
N ARG C 191 7.21 28.84 1.38
CA ARG C 191 6.59 29.16 2.66
C ARG C 191 7.38 28.60 3.84
N LEU C 192 7.78 27.34 3.74
CA LEU C 192 8.54 26.72 4.82
C LEU C 192 9.89 27.39 5.01
N GLN C 193 10.48 27.89 3.92
CA GLN C 193 11.77 28.57 4.03
C GLN C 193 11.60 29.86 4.81
N GLN C 194 10.58 30.64 4.45
CA GLN C 194 10.31 31.90 5.12
C GLN C 194 10.00 31.69 6.60
N LYS C 195 9.20 30.66 6.89
CA LYS C 195 8.84 30.38 8.26
C LYS C 195 10.08 30.11 9.12
N LEU C 196 10.96 29.26 8.62
CA LEU C 196 12.18 28.93 9.35
C LEU C 196 13.10 30.13 9.55
N LEU C 197 13.28 30.93 8.49
CA LEU C 197 14.14 32.11 8.59
C LEU C 197 13.59 33.09 9.62
N SER C 198 12.29 33.36 9.56
CA SER C 198 11.66 34.28 10.49
C SER C 198 11.76 33.78 11.93
N GLU C 199 12.09 32.50 12.09
CA GLU C 199 12.23 31.92 13.42
C GLU C 199 13.68 31.93 13.85
N GLY C 200 14.53 32.55 13.04
CA GLY C 200 15.94 32.61 13.38
C GLY C 200 16.74 31.36 13.00
N LYS C 201 16.06 30.38 12.41
CA LYS C 201 16.73 29.15 11.99
C LYS C 201 17.35 29.42 10.62
N THR C 202 18.62 29.80 10.62
CA THR C 202 19.33 30.16 9.39
C THR C 202 20.43 29.21 8.93
N GLY C 203 20.88 28.32 9.82
CA GLY C 203 21.95 27.40 9.47
C GLY C 203 21.62 26.39 8.38
N PRO C 204 22.64 25.72 7.82
CA PRO C 204 22.46 24.73 6.76
C PRO C 204 21.60 23.53 7.18
N GLU C 205 21.55 23.27 8.49
CA GLU C 205 20.78 22.14 9.01
C GLU C 205 19.28 22.30 8.88
N TRP C 206 18.81 23.45 8.42
CA TRP C 206 17.38 23.66 8.26
C TRP C 206 16.92 23.50 6.81
N HIS C 207 17.86 23.22 5.92
CA HIS C 207 17.56 23.03 4.51
C HIS C 207 16.61 21.83 4.32
N GLU C 208 16.98 20.68 4.88
CA GLU C 208 16.15 19.48 4.76
C GLU C 208 14.74 19.71 5.31
N PRO C 209 14.62 20.22 6.55
CA PRO C 209 13.28 20.46 7.12
C PRO C 209 12.44 21.44 6.31
N SER C 210 13.08 22.30 5.52
CA SER C 210 12.35 23.28 4.72
C SER C 210 11.68 22.63 3.50
N ARG C 211 12.10 21.40 3.19
CA ARG C 211 11.51 20.67 2.07
C ARG C 211 11.58 19.19 2.39
N PRO C 212 10.76 18.76 3.38
CA PRO C 212 10.69 17.36 3.84
C PRO C 212 10.22 16.38 2.79
N GLU C 213 10.40 15.10 3.10
CA GLU C 213 10.02 14.02 2.21
C GLU C 213 8.58 14.12 1.73
N ALA C 214 7.68 14.60 2.59
CA ALA C 214 6.27 14.73 2.22
C ALA C 214 6.08 15.62 1.00
N VAL C 215 6.94 16.62 0.85
CA VAL C 215 6.85 17.54 -0.28
C VAL C 215 7.28 16.88 -1.58
N GLU C 216 8.38 16.14 -1.56
CA GLU C 216 8.83 15.46 -2.77
C GLU C 216 7.78 14.43 -3.18
N ALA C 217 7.16 13.79 -2.19
CA ALA C 217 6.14 12.79 -2.45
C ALA C 217 4.93 13.42 -3.13
N GLU C 218 4.53 14.59 -2.65
CA GLU C 218 3.39 15.31 -3.20
C GLU C 218 3.66 15.68 -4.67
N GLY C 219 4.82 16.28 -4.92
CA GLY C 219 5.16 16.66 -6.28
C GLY C 219 5.29 15.48 -7.23
N THR C 220 5.83 14.37 -6.72
CA THR C 220 6.01 13.18 -7.54
C THR C 220 4.65 12.62 -7.94
N ALA C 221 3.73 12.60 -6.99
CA ALA C 221 2.40 12.08 -7.25
C ALA C 221 1.63 13.02 -8.18
N ARG C 222 1.80 14.32 -7.98
CA ARG C 222 1.10 15.29 -8.81
C ARG C 222 1.55 15.10 -10.25
N PHE C 223 2.85 15.05 -10.45
CA PHE C 223 3.43 14.85 -11.78
C PHE C 223 2.84 13.60 -12.44
N ALA C 224 2.80 12.49 -11.69
CA ALA C 224 2.27 11.24 -12.21
C ALA C 224 0.81 11.40 -12.65
N THR C 225 0.04 12.16 -11.89
CA THR C 225 -1.37 12.37 -12.22
C THR C 225 -1.52 13.14 -13.52
N PHE C 226 -0.65 14.11 -13.75
CA PHE C 226 -0.71 14.89 -14.99
C PHE C 226 -0.27 14.06 -16.19
N LEU C 227 0.66 13.13 -15.99
CA LEU C 227 1.11 12.27 -17.07
C LEU C 227 -0.05 11.36 -17.44
N GLU C 228 -0.65 10.74 -16.43
CA GLU C 228 -1.77 9.83 -16.62
C GLU C 228 -2.94 10.50 -17.32
N THR C 229 -3.16 11.77 -16.99
CA THR C 229 -4.26 12.53 -17.58
C THR C 229 -3.99 13.08 -18.98
N THR C 230 -2.73 13.34 -19.32
CA THR C 230 -2.39 13.88 -20.62
C THR C 230 -1.93 12.83 -21.62
N GLY C 231 -1.50 11.67 -21.13
CA GLY C 231 -1.04 10.62 -22.02
C GLY C 231 0.43 10.75 -22.39
N ALA C 232 1.12 11.68 -21.72
CA ALA C 232 2.54 11.91 -21.98
C ALA C 232 3.45 10.97 -21.19
N THR C 233 4.64 10.73 -21.73
CA THR C 233 5.62 9.88 -21.06
C THR C 233 6.53 10.77 -20.20
N GLY C 234 6.75 10.35 -18.96
CA GLY C 234 7.56 11.13 -18.05
C GLY C 234 8.74 10.41 -17.42
N TYR C 235 9.58 11.19 -16.76
CA TYR C 235 10.80 10.69 -16.14
C TYR C 235 11.10 11.56 -14.93
N VAL C 236 11.12 10.96 -13.75
CA VAL C 236 11.37 11.67 -12.52
C VAL C 236 12.88 11.73 -12.21
N VAL C 237 13.44 12.94 -12.17
CA VAL C 237 14.86 13.09 -11.89
C VAL C 237 15.16 13.04 -10.39
N HIS C 238 16.37 12.62 -10.05
CA HIS C 238 16.84 12.48 -8.67
C HIS C 238 15.79 12.22 -7.60
N LEU C 239 15.16 11.05 -7.65
CA LEU C 239 14.17 10.65 -6.64
C LEU C 239 15.03 10.24 -5.44
N SER C 240 14.74 10.82 -4.28
CA SER C 240 15.57 10.58 -3.09
C SER C 240 15.03 9.82 -1.89
N CYS C 241 13.73 9.59 -1.81
CA CYS C 241 13.19 8.91 -0.64
C CYS C 241 12.04 7.94 -0.90
N LYS C 242 11.78 7.11 0.11
CA LYS C 242 10.73 6.11 0.02
C LYS C 242 9.34 6.65 -0.33
N PRO C 243 8.88 7.69 0.37
CA PRO C 243 7.54 8.23 0.06
C PRO C 243 7.38 8.58 -1.42
N ALA C 244 8.41 9.17 -2.01
CA ALA C 244 8.37 9.53 -3.42
C ALA C 244 8.42 8.25 -4.27
N LEU C 245 9.28 7.32 -3.91
CA LEU C 245 9.39 6.06 -4.65
C LEU C 245 8.02 5.34 -4.64
N ASP C 246 7.36 5.33 -3.49
CA ASP C 246 6.05 4.70 -3.38
C ASP C 246 5.07 5.34 -4.37
N ALA C 247 5.08 6.67 -4.45
CA ALA C 247 4.19 7.37 -5.36
C ALA C 247 4.52 7.03 -6.83
N ALA C 248 5.80 7.02 -7.19
CA ALA C 248 6.18 6.71 -8.56
C ALA C 248 5.90 5.24 -8.91
N MET C 249 6.11 4.34 -7.95
CA MET C 249 5.86 2.92 -8.17
C MET C 249 4.36 2.66 -8.37
N ALA C 250 3.53 3.34 -7.59
CA ALA C 250 2.08 3.17 -7.72
C ALA C 250 1.67 3.55 -9.14
N ALA C 251 2.26 4.61 -9.67
CA ALA C 251 1.96 5.07 -11.02
C ALA C 251 2.41 4.01 -12.03
N LYS C 252 3.61 3.47 -11.84
CA LYS C 252 4.12 2.45 -12.74
C LYS C 252 3.19 1.24 -12.76
N ALA C 253 2.80 0.81 -11.56
CA ALA C 253 1.92 -0.33 -11.41
C ALA C 253 0.57 -0.16 -12.11
N ARG C 254 0.01 1.06 -12.12
CA ARG C 254 -1.28 1.22 -12.78
C ARG C 254 -1.18 1.55 -14.26
N GLY C 255 0.02 1.42 -14.83
CA GLY C 255 0.17 1.66 -16.25
C GLY C 255 0.66 3.00 -16.78
N VAL C 256 0.96 3.95 -15.89
CA VAL C 256 1.44 5.25 -16.33
C VAL C 256 2.86 5.09 -16.90
N PRO C 257 3.11 5.65 -18.10
CA PRO C 257 4.47 5.50 -18.65
C PRO C 257 5.39 6.52 -17.98
N ILE C 258 5.91 6.16 -16.82
CA ILE C 258 6.79 7.03 -16.07
C ILE C 258 8.04 6.26 -15.68
N TYR C 259 9.18 6.94 -15.68
CA TYR C 259 10.44 6.31 -15.33
C TYR C 259 11.12 7.02 -14.18
N ILE C 260 11.98 6.28 -13.47
CA ILE C 260 12.66 6.83 -12.30
C ILE C 260 14.18 6.90 -12.38
N GLU C 261 14.70 8.03 -11.93
CA GLU C 261 16.13 8.27 -11.89
C GLU C 261 16.50 8.64 -10.46
N SER C 262 17.66 8.17 -10.03
CA SER C 262 18.19 8.51 -8.71
C SER C 262 19.64 8.91 -8.97
N VAL C 263 20.17 9.82 -8.16
CA VAL C 263 21.54 10.27 -8.37
C VAL C 263 22.43 9.78 -7.24
N ILE C 264 23.66 9.43 -7.61
CA ILE C 264 24.63 8.87 -6.69
C ILE C 264 24.73 9.45 -5.27
N PRO C 265 24.71 10.78 -5.09
CA PRO C 265 24.80 11.24 -3.71
C PRO C 265 23.70 10.73 -2.76
N HIS C 266 22.50 10.48 -3.27
CA HIS C 266 21.42 9.99 -2.42
C HIS C 266 21.56 8.52 -2.03
N PHE C 267 22.50 7.82 -2.65
CA PHE C 267 22.75 6.41 -2.33
C PHE C 267 23.82 6.29 -1.26
N LEU C 268 24.73 7.27 -1.19
CA LEU C 268 25.85 7.21 -0.27
C LEU C 268 25.97 8.27 0.83
N LEU C 269 25.32 9.41 0.68
CA LEU C 269 25.39 10.45 1.69
C LEU C 269 24.05 10.58 2.38
N ASP C 270 24.01 11.23 3.54
CA ASP C 270 22.76 11.40 4.26
C ASP C 270 22.67 12.78 4.92
N LYS C 271 21.49 13.11 5.44
CA LYS C 271 21.24 14.41 6.07
C LYS C 271 22.24 14.89 7.12
N THR C 272 22.85 13.98 7.86
CA THR C 272 23.80 14.40 8.89
C THR C 272 24.98 15.20 8.33
N TYR C 273 25.37 14.94 7.08
CA TYR C 273 26.47 15.67 6.46
C TYR C 273 26.13 17.16 6.43
N ALA C 274 24.85 17.47 6.25
CA ALA C 274 24.42 18.86 6.18
C ALA C 274 24.15 19.43 7.57
N GLU C 275 24.44 18.65 8.60
CA GLU C 275 24.23 19.07 9.98
C GLU C 275 25.57 19.24 10.70
N ARG C 276 26.65 19.24 9.93
CA ARG C 276 28.00 19.38 10.48
C ARG C 276 28.32 20.84 10.80
N GLY C 277 27.49 21.75 10.31
CA GLY C 277 27.69 23.16 10.55
C GLY C 277 28.81 23.79 9.73
N GLY C 278 28.67 25.10 9.50
CA GLY C 278 29.68 25.82 8.74
C GLY C 278 29.76 25.50 7.27
N VAL C 279 30.89 25.85 6.66
CA VAL C 279 31.10 25.62 5.25
C VAL C 279 31.15 24.12 4.95
N GLU C 280 31.53 23.33 5.96
CA GLU C 280 31.61 21.88 5.80
C GLU C 280 30.24 21.31 5.45
N ALA C 281 29.21 21.80 6.14
CA ALA C 281 27.84 21.34 5.90
C ALA C 281 27.31 21.90 4.58
N MET C 282 27.70 23.13 4.25
CA MET C 282 27.24 23.76 3.02
C MET C 282 27.68 23.00 1.77
N LYS C 283 28.74 22.20 1.89
CA LYS C 283 29.23 21.42 0.77
C LYS C 283 28.24 20.33 0.38
N TYR C 284 27.37 19.96 1.31
CA TYR C 284 26.42 18.90 1.07
C TYR C 284 24.98 19.36 0.93
N ILE C 285 24.80 20.63 0.59
CA ILE C 285 23.46 21.19 0.40
C ILE C 285 23.06 21.06 -1.07
N MET C 286 21.98 20.32 -1.31
CA MET C 286 21.45 20.12 -2.66
C MET C 286 19.95 19.94 -2.58
N SER C 287 19.31 19.85 -3.74
CA SER C 287 17.86 19.65 -3.80
C SER C 287 17.48 18.60 -4.84
N PRO C 288 16.71 17.58 -4.44
CA PRO C 288 16.19 17.36 -3.09
C PRO C 288 17.34 17.14 -2.11
N PRO C 289 17.14 17.53 -0.85
CA PRO C 289 18.16 17.39 0.21
C PRO C 289 18.61 15.97 0.43
N LEU C 290 19.76 15.81 1.08
CA LEU C 290 20.25 14.50 1.44
C LEU C 290 19.24 14.10 2.51
N ARG C 291 18.86 12.82 2.54
CA ARG C 291 17.84 12.36 3.48
C ARG C 291 18.35 11.51 4.63
N ASP C 292 17.42 11.07 5.47
CA ASP C 292 17.75 10.20 6.59
C ASP C 292 18.32 8.94 5.92
N LYS C 293 19.39 8.39 6.47
CA LYS C 293 20.03 7.23 5.85
C LYS C 293 19.16 5.98 5.68
N ARG C 294 18.02 5.92 6.36
CA ARG C 294 17.14 4.77 6.21
C ARG C 294 16.70 4.62 4.75
N ASN C 295 16.78 5.71 3.99
CA ASN C 295 16.38 5.72 2.57
C ASN C 295 17.38 5.06 1.63
N GLN C 296 18.64 4.96 2.05
CA GLN C 296 19.65 4.36 1.19
C GLN C 296 19.36 2.89 0.88
N LYS C 297 18.93 2.12 1.88
CA LYS C 297 18.62 0.71 1.62
C LYS C 297 17.46 0.60 0.62
N VAL C 298 16.45 1.45 0.82
CA VAL C 298 15.29 1.47 -0.05
C VAL C 298 15.72 1.70 -1.51
N LEU C 299 16.56 2.71 -1.74
CA LEU C 299 17.02 3.00 -3.08
C LEU C 299 17.88 1.87 -3.65
N TRP C 300 18.80 1.33 -2.85
CA TRP C 300 19.65 0.23 -3.33
C TRP C 300 18.80 -0.97 -3.71
N ASP C 301 17.85 -1.35 -2.86
CA ASP C 301 17.00 -2.50 -3.17
C ASP C 301 16.19 -2.26 -4.44
N ALA C 302 15.65 -1.05 -4.59
CA ALA C 302 14.86 -0.69 -5.76
C ALA C 302 15.71 -0.73 -7.03
N LEU C 303 16.97 -0.33 -6.91
CA LEU C 303 17.87 -0.34 -8.05
C LEU C 303 18.15 -1.78 -8.49
N ALA C 304 18.44 -2.64 -7.52
CA ALA C 304 18.74 -4.04 -7.82
C ALA C 304 17.62 -4.77 -8.56
N GLN C 305 16.38 -4.42 -8.23
CA GLN C 305 15.21 -5.04 -8.85
C GLN C 305 14.72 -4.29 -10.10
N GLY C 306 15.43 -3.23 -10.49
CA GLY C 306 15.04 -2.47 -11.65
C GLY C 306 13.90 -1.47 -11.46
N PHE C 307 13.50 -1.20 -10.21
CA PHE C 307 12.41 -0.25 -9.98
C PHE C 307 12.92 1.16 -10.31
N ILE C 308 14.19 1.39 -10.02
CA ILE C 308 14.82 2.66 -10.35
C ILE C 308 15.50 2.35 -11.68
N ASP C 309 15.18 3.14 -12.70
CA ASP C 309 15.71 2.91 -14.04
C ASP C 309 17.13 3.33 -14.34
N THR C 310 17.47 4.57 -13.98
CA THR C 310 18.80 5.08 -14.26
C THR C 310 19.45 5.70 -13.04
N VAL C 311 20.77 5.85 -13.12
CA VAL C 311 21.53 6.49 -12.06
C VAL C 311 22.33 7.60 -12.71
N GLY C 312 22.10 8.82 -12.24
CA GLY C 312 22.83 9.98 -12.76
C GLY C 312 23.58 10.64 -11.61
N THR C 313 23.98 11.89 -11.78
CA THR C 313 24.69 12.58 -10.71
C THR C 313 24.04 13.88 -10.28
N ASP C 314 23.47 14.59 -11.24
CA ASP C 314 22.90 15.92 -11.02
C ASP C 314 24.11 16.76 -10.62
N HIS C 315 25.20 16.53 -11.35
CA HIS C 315 26.47 17.21 -11.18
C HIS C 315 26.30 18.73 -11.23
N CYS C 316 26.58 19.39 -10.10
CA CYS C 316 26.46 20.84 -10.03
C CYS C 316 27.56 21.34 -9.10
N PRO C 317 28.77 21.57 -9.65
CA PRO C 317 29.94 22.03 -8.91
C PRO C 317 30.00 23.52 -8.54
N PHE C 318 30.36 23.78 -7.28
CA PHE C 318 30.50 25.12 -6.75
C PHE C 318 31.72 25.14 -5.84
N ASP C 319 32.37 26.29 -5.70
CA ASP C 319 33.53 26.42 -4.83
C ASP C 319 33.01 26.73 -3.42
N THR C 320 33.78 26.35 -2.40
CA THR C 320 33.37 26.61 -1.03
C THR C 320 33.12 28.10 -0.85
N GLU C 321 33.88 28.91 -1.59
CA GLU C 321 33.74 30.35 -1.55
C GLU C 321 32.33 30.75 -1.98
N GLN C 322 31.84 30.12 -3.03
CA GLN C 322 30.50 30.39 -3.54
C GLN C 322 29.45 29.88 -2.56
N LYS C 323 29.74 28.74 -1.94
CA LYS C 323 28.83 28.17 -0.97
C LYS C 323 28.61 29.15 0.17
N LEU C 324 29.66 29.87 0.54
CA LEU C 324 29.58 30.85 1.62
C LEU C 324 28.67 32.03 1.34
N LEU C 325 28.16 32.11 0.11
CA LEU C 325 27.25 33.19 -0.25
C LEU C 325 25.99 33.10 0.60
N GLY C 326 25.79 31.96 1.25
CA GLY C 326 24.62 31.77 2.07
C GLY C 326 24.94 31.57 3.54
N LYS C 327 26.01 32.22 4.01
CA LYS C 327 26.42 32.08 5.41
C LYS C 327 25.39 32.75 6.33
N GLU C 328 24.61 33.67 5.76
CA GLU C 328 23.59 34.39 6.52
C GLU C 328 22.27 33.62 6.57
N ALA C 329 21.89 33.01 5.44
CA ALA C 329 20.65 32.26 5.34
C ALA C 329 20.84 31.05 4.42
N PHE C 330 20.39 29.88 4.88
CA PHE C 330 20.55 28.66 4.10
C PHE C 330 19.91 28.75 2.72
N THR C 331 18.90 29.60 2.60
CA THR C 331 18.21 29.78 1.33
C THR C 331 19.11 30.39 0.26
N ALA C 332 20.23 30.96 0.68
CA ALA C 332 21.15 31.58 -0.27
C ALA C 332 22.36 30.72 -0.61
N ILE C 333 22.42 29.51 -0.05
CA ILE C 333 23.52 28.59 -0.34
C ILE C 333 23.24 27.95 -1.70
N PRO C 334 24.13 28.16 -2.68
CA PRO C 334 23.85 27.55 -3.99
C PRO C 334 23.77 26.02 -3.87
N ASN C 335 22.64 25.47 -4.27
CA ASN C 335 22.41 24.03 -4.17
C ASN C 335 23.17 23.21 -5.20
N GLY C 336 23.84 22.15 -4.75
CA GLY C 336 24.57 21.31 -5.67
C GLY C 336 25.80 20.63 -5.10
N ILE C 337 26.08 19.44 -5.65
CA ILE C 337 27.23 18.64 -5.25
C ILE C 337 27.86 18.12 -6.54
N PRO C 338 29.21 18.07 -6.59
CA PRO C 338 29.87 17.58 -7.80
C PRO C 338 29.97 16.05 -7.75
N ALA C 339 29.91 15.40 -8.91
CA ALA C 339 29.99 13.95 -8.93
C ALA C 339 30.16 13.31 -10.30
N ILE C 340 30.15 14.11 -11.36
CA ILE C 340 30.28 13.58 -12.72
C ILE C 340 31.46 12.63 -12.92
N GLU C 341 32.53 12.83 -12.16
CA GLU C 341 33.73 12.01 -12.30
C GLU C 341 33.74 10.74 -11.46
N ASP C 342 32.97 10.72 -10.38
CA ASP C 342 32.97 9.56 -9.49
C ASP C 342 31.80 8.59 -9.60
N ARG C 343 30.74 8.96 -10.32
CA ARG C 343 29.56 8.11 -10.43
C ARG C 343 29.84 6.64 -10.70
N VAL C 344 30.49 6.34 -11.82
CA VAL C 344 30.77 4.97 -12.18
C VAL C 344 31.58 4.19 -11.13
N ASN C 345 32.70 4.75 -10.70
CA ASN C 345 33.52 4.06 -9.70
C ASN C 345 32.76 3.85 -8.39
N LEU C 346 31.97 4.85 -7.98
CA LEU C 346 31.20 4.73 -6.75
C LEU C 346 30.11 3.66 -6.87
N LEU C 347 29.38 3.68 -7.99
CA LEU C 347 28.31 2.72 -8.22
C LEU C 347 28.88 1.31 -8.33
N TYR C 348 30.00 1.18 -9.03
CA TYR C 348 30.62 -0.14 -9.17
C TYR C 348 31.10 -0.66 -7.83
N THR C 349 31.77 0.19 -7.07
CA THR C 349 32.31 -0.20 -5.77
C THR C 349 31.26 -0.59 -4.72
N TYR C 350 30.38 0.33 -4.40
CA TYR C 350 29.36 0.08 -3.40
C TYR C 350 28.15 -0.69 -3.87
N GLY C 351 28.03 -0.87 -5.18
CA GLY C 351 26.90 -1.62 -5.70
C GLY C 351 27.29 -3.03 -6.07
N VAL C 352 28.26 -3.16 -6.98
CA VAL C 352 28.72 -4.46 -7.44
C VAL C 352 29.74 -5.14 -6.54
N SER C 353 30.87 -4.48 -6.35
CA SER C 353 31.95 -5.01 -5.54
C SER C 353 31.61 -5.30 -4.08
N ARG C 354 30.95 -4.36 -3.42
CA ARG C 354 30.62 -4.52 -2.01
C ARG C 354 29.12 -4.61 -1.72
N GLY C 355 28.30 -4.64 -2.76
CA GLY C 355 26.87 -4.69 -2.55
C GLY C 355 26.17 -5.87 -3.19
N ARG C 356 24.87 -5.75 -3.37
CA ARG C 356 24.08 -6.82 -3.97
C ARG C 356 23.69 -6.51 -5.40
N LEU C 357 24.25 -5.44 -5.94
CA LEU C 357 23.94 -5.05 -7.30
C LEU C 357 24.61 -5.96 -8.34
N ASP C 358 23.77 -6.62 -9.13
CA ASP C 358 24.21 -7.51 -10.19
C ASP C 358 24.99 -6.67 -11.22
N ILE C 359 26.09 -7.19 -11.74
CA ILE C 359 26.89 -6.44 -12.70
C ILE C 359 26.18 -6.03 -14.00
N HIS C 360 25.20 -6.81 -14.43
CA HIS C 360 24.46 -6.48 -15.63
C HIS C 360 23.45 -5.37 -15.36
N ARG C 361 22.90 -5.37 -14.15
CA ARG C 361 21.95 -4.35 -13.76
C ARG C 361 22.73 -3.03 -13.64
N PHE C 362 24.01 -3.16 -13.28
CA PHE C 362 24.90 -2.02 -13.12
C PHE C 362 25.13 -1.33 -14.47
N VAL C 363 25.38 -2.12 -15.52
CA VAL C 363 25.61 -1.56 -16.84
C VAL C 363 24.33 -0.90 -17.35
N ASP C 364 23.21 -1.57 -17.11
CA ASP C 364 21.92 -1.05 -17.56
C ASP C 364 21.57 0.26 -16.86
N ALA C 365 21.77 0.30 -15.55
CA ALA C 365 21.45 1.50 -14.77
C ALA C 365 22.41 2.66 -15.00
N ALA C 366 23.65 2.36 -15.38
CA ALA C 366 24.63 3.41 -15.59
C ALA C 366 24.90 3.75 -17.05
N SER C 367 24.28 3.02 -17.97
CA SER C 367 24.50 3.30 -19.38
C SER C 367 23.33 3.04 -20.33
N THR C 368 23.02 1.76 -20.55
CA THR C 368 21.98 1.35 -21.48
C THR C 368 20.57 1.91 -21.31
N LYS C 369 20.03 1.87 -20.09
CA LYS C 369 18.66 2.36 -19.88
C LYS C 369 18.50 3.82 -20.30
N ALA C 370 19.43 4.66 -19.89
CA ALA C 370 19.37 6.09 -20.23
C ALA C 370 19.48 6.28 -21.75
N ALA C 371 20.31 5.49 -22.40
CA ALA C 371 20.47 5.59 -23.84
C ALA C 371 19.15 5.25 -24.52
N LYS C 372 18.46 4.25 -23.99
CA LYS C 372 17.16 3.84 -24.54
C LYS C 372 16.09 4.89 -24.35
N LEU C 373 15.95 5.35 -23.10
CA LEU C 373 14.93 6.35 -22.78
C LEU C 373 15.06 7.65 -23.55
N PHE C 374 16.29 8.10 -23.78
CA PHE C 374 16.48 9.36 -24.48
C PHE C 374 16.90 9.29 -25.95
N GLY C 375 16.62 8.16 -26.60
CA GLY C 375 16.93 8.02 -28.00
C GLY C 375 18.38 8.02 -28.45
N LEU C 376 19.28 7.62 -27.57
CA LEU C 376 20.70 7.57 -27.91
C LEU C 376 21.07 6.16 -28.35
N PHE C 377 20.19 5.21 -28.05
CA PHE C 377 20.35 3.80 -28.38
C PHE C 377 19.84 3.55 -29.79
N PRO C 378 20.45 2.61 -30.54
CA PRO C 378 21.60 1.76 -30.23
C PRO C 378 22.96 2.40 -30.53
N ARG C 379 22.94 3.66 -30.94
CA ARG C 379 24.16 4.37 -31.26
C ARG C 379 25.08 4.33 -30.03
N LYS C 380 24.50 4.61 -28.87
CA LYS C 380 25.22 4.60 -27.61
C LYS C 380 24.59 3.59 -26.66
N GLY C 381 25.24 3.37 -25.53
CA GLY C 381 24.71 2.48 -24.52
C GLY C 381 24.94 0.98 -24.59
N THR C 382 25.68 0.50 -25.58
CA THR C 382 25.94 -0.92 -25.66
C THR C 382 27.16 -1.24 -26.52
N ILE C 383 27.56 -2.51 -26.51
CA ILE C 383 28.69 -2.96 -27.31
C ILE C 383 28.14 -3.94 -28.35
N ALA C 384 28.14 -3.51 -29.61
CA ALA C 384 27.66 -4.34 -30.71
C ALA C 384 28.08 -3.74 -32.04
N VAL C 385 28.20 -4.59 -33.06
CA VAL C 385 28.59 -4.12 -34.38
C VAL C 385 27.62 -3.01 -34.78
N GLY C 386 28.17 -1.91 -35.27
CA GLY C 386 27.33 -0.80 -35.69
C GLY C 386 27.29 0.35 -34.69
N SER C 387 27.53 0.04 -33.42
CA SER C 387 27.51 1.03 -32.35
C SER C 387 28.77 1.89 -32.35
N ASP C 388 28.68 3.08 -31.77
CA ASP C 388 29.84 3.96 -31.69
C ASP C 388 30.85 3.26 -30.81
N ALA C 389 32.13 3.37 -31.18
CA ALA C 389 33.18 2.74 -30.40
C ALA C 389 33.50 3.53 -29.14
N ASP C 390 32.48 3.68 -28.28
CA ASP C 390 32.66 4.36 -27.00
C ASP C 390 32.84 3.20 -26.04
N LEU C 391 34.08 2.98 -25.61
CA LEU C 391 34.39 1.87 -24.75
C LEU C 391 35.14 2.23 -23.49
N VAL C 392 35.01 1.39 -22.48
CA VAL C 392 35.69 1.59 -21.21
C VAL C 392 36.37 0.30 -20.75
N VAL C 393 37.70 0.27 -20.82
CA VAL C 393 38.45 -0.89 -20.37
C VAL C 393 38.58 -0.60 -18.88
N TYR C 394 37.86 -1.37 -18.08
CA TYR C 394 37.83 -1.17 -16.63
C TYR C 394 38.73 -2.15 -15.88
N ASP C 395 39.51 -1.62 -14.95
CA ASP C 395 40.43 -2.42 -14.15
C ASP C 395 39.87 -2.72 -12.76
N PRO C 396 39.44 -3.96 -12.54
CA PRO C 396 38.87 -4.37 -11.25
C PRO C 396 39.89 -4.69 -10.16
N GLN C 397 41.17 -4.61 -10.50
CA GLN C 397 42.22 -4.89 -9.53
C GLN C 397 42.68 -3.61 -8.84
N TYR C 398 42.29 -2.48 -9.39
CA TYR C 398 42.66 -1.19 -8.83
C TYR C 398 42.02 -0.94 -7.47
N ARG C 399 42.77 -0.30 -6.58
CA ARG C 399 42.28 0.04 -5.25
C ARG C 399 42.80 1.42 -4.92
N GLY C 400 41.93 2.30 -4.47
CA GLY C 400 42.36 3.65 -4.14
C GLY C 400 41.28 4.42 -3.41
N THR C 401 41.46 5.74 -3.31
CA THR C 401 40.48 6.57 -2.64
C THR C 401 40.23 7.82 -3.45
N ILE C 402 39.02 8.36 -3.33
CA ILE C 402 38.67 9.57 -4.04
C ILE C 402 39.15 10.78 -3.23
N SER C 403 39.68 11.78 -3.94
CA SER C 403 40.15 12.98 -3.28
C SER C 403 40.12 14.17 -4.22
N VAL C 404 39.89 15.35 -3.67
CA VAL C 404 39.86 16.56 -4.47
C VAL C 404 41.25 16.77 -5.08
N LYS C 405 42.28 16.28 -4.38
CA LYS C 405 43.66 16.43 -4.83
C LYS C 405 43.93 15.74 -6.16
N THR C 406 43.08 14.80 -6.56
CA THR C 406 43.28 14.09 -7.81
C THR C 406 42.09 14.15 -8.77
N GLN C 407 41.13 15.02 -8.47
CA GLN C 407 39.95 15.17 -9.32
C GLN C 407 40.22 16.15 -10.45
N HIS C 408 39.33 16.17 -11.43
CA HIS C 408 39.47 17.06 -12.57
C HIS C 408 38.31 18.04 -12.68
N VAL C 409 37.42 17.99 -11.69
CA VAL C 409 36.28 18.90 -11.66
C VAL C 409 36.83 20.26 -11.27
N ASN C 410 36.40 21.28 -11.99
CA ASN C 410 36.88 22.64 -11.75
C ASN C 410 36.38 23.37 -10.49
N ASN C 411 36.46 22.70 -9.34
CA ASN C 411 36.04 23.32 -8.08
C ASN C 411 37.00 22.90 -6.96
N ASP C 412 36.83 23.46 -5.76
CA ASP C 412 37.74 23.18 -4.65
C ASP C 412 37.40 22.10 -3.62
N TYR C 413 36.45 21.24 -3.90
CA TYR C 413 36.13 20.16 -2.96
C TYR C 413 35.42 19.01 -3.64
N ASN C 414 35.59 17.82 -3.08
CA ASN C 414 34.97 16.61 -3.60
C ASN C 414 33.96 16.12 -2.55
N GLY C 415 32.76 15.80 -3.00
CA GLY C 415 31.74 15.34 -2.07
C GLY C 415 32.01 13.99 -1.43
N PHE C 416 32.86 13.21 -2.06
CA PHE C 416 33.17 11.87 -1.57
C PHE C 416 34.61 11.73 -1.13
N GLU C 417 35.16 12.82 -0.59
CA GLU C 417 36.54 12.86 -0.11
C GLU C 417 36.79 11.67 0.81
N GLY C 418 37.81 10.89 0.51
CA GLY C 418 38.14 9.75 1.34
C GLY C 418 37.48 8.43 1.01
N PHE C 419 36.44 8.44 0.18
CA PHE C 419 35.76 7.19 -0.17
C PHE C 419 36.68 6.24 -0.93
N GLU C 420 36.60 4.96 -0.60
CA GLU C 420 37.43 3.97 -1.28
C GLU C 420 36.70 3.49 -2.52
N ILE C 421 37.46 3.08 -3.53
CA ILE C 421 36.88 2.56 -4.76
C ILE C 421 37.63 1.29 -5.14
N ASP C 422 36.90 0.28 -5.60
CA ASP C 422 37.52 -0.99 -5.98
C ASP C 422 37.71 -1.17 -7.48
N GLY C 423 37.92 -0.06 -8.18
CA GLY C 423 38.13 -0.13 -9.61
C GLY C 423 38.24 1.24 -10.22
N ARG C 424 38.60 1.30 -11.49
CA ARG C 424 38.72 2.56 -12.19
C ARG C 424 38.95 2.32 -13.68
N PRO C 425 38.65 3.31 -14.52
CA PRO C 425 38.86 3.15 -15.95
C PRO C 425 40.34 3.15 -16.29
N SER C 426 40.76 2.20 -17.12
CA SER C 426 42.15 2.10 -17.54
C SER C 426 42.27 2.77 -18.91
N VAL C 427 41.34 2.47 -19.79
CA VAL C 427 41.31 3.05 -21.13
C VAL C 427 39.88 3.46 -21.45
N VAL C 428 39.70 4.64 -22.02
CA VAL C 428 38.38 5.15 -22.38
C VAL C 428 38.45 5.69 -23.80
N THR C 429 37.53 5.26 -24.67
CA THR C 429 37.52 5.73 -26.05
C THR C 429 36.21 6.41 -26.40
N VAL C 430 36.29 7.34 -27.35
CA VAL C 430 35.11 8.07 -27.82
C VAL C 430 35.07 7.92 -29.33
N ARG C 431 34.08 7.21 -29.82
CA ARG C 431 33.93 6.96 -31.25
C ARG C 431 35.22 6.50 -31.93
N GLY C 432 35.85 5.49 -31.34
CA GLY C 432 37.07 4.91 -31.89
C GLY C 432 38.38 5.59 -31.56
N LYS C 433 38.33 6.73 -30.87
CA LYS C 433 39.54 7.45 -30.52
C LYS C 433 39.82 7.41 -29.01
N VAL C 434 41.04 7.01 -28.65
CA VAL C 434 41.42 6.91 -27.24
C VAL C 434 41.48 8.28 -26.57
N ALA C 435 40.76 8.43 -25.46
CA ALA C 435 40.73 9.69 -24.73
C ALA C 435 41.45 9.56 -23.39
N VAL C 436 41.50 8.34 -22.86
CA VAL C 436 42.17 8.10 -21.59
C VAL C 436 42.98 6.82 -21.67
N ARG C 437 44.29 6.93 -21.43
CA ARG C 437 45.16 5.77 -21.46
C ARG C 437 45.96 5.67 -20.17
N ASP C 438 45.74 4.58 -19.44
CA ASP C 438 46.41 4.34 -18.18
C ASP C 438 46.34 5.54 -17.22
N GLY C 439 45.14 6.05 -17.03
CA GLY C 439 44.95 7.18 -16.12
C GLY C 439 45.48 8.51 -16.61
N GLN C 440 45.92 8.54 -17.87
CA GLN C 440 46.44 9.77 -18.46
C GLN C 440 45.40 10.32 -19.43
N PHE C 441 45.08 11.60 -19.34
CA PHE C 441 44.11 12.16 -20.25
C PHE C 441 44.80 12.57 -21.55
N VAL C 442 44.35 11.99 -22.66
CA VAL C 442 44.94 12.28 -23.96
C VAL C 442 43.86 12.66 -24.96
N GLY C 443 42.76 13.21 -24.45
CA GLY C 443 41.65 13.58 -25.32
C GLY C 443 41.94 14.72 -26.27
N GLU C 444 41.13 14.83 -27.32
CA GLU C 444 41.26 15.86 -28.32
C GLU C 444 40.14 16.89 -28.17
N LYS C 445 40.50 18.15 -27.99
CA LYS C 445 39.50 19.21 -27.84
C LYS C 445 38.57 19.31 -29.04
N GLY C 446 37.27 19.47 -28.77
CA GLY C 446 36.30 19.60 -29.83
C GLY C 446 35.91 18.32 -30.55
N TRP C 447 36.44 17.19 -30.10
CA TRP C 447 36.12 15.91 -30.72
C TRP C 447 34.65 15.56 -30.47
N GLY C 448 34.16 15.90 -29.28
CA GLY C 448 32.79 15.62 -28.93
C GLY C 448 31.77 16.31 -29.81
N LYS C 449 30.69 15.60 -30.14
CA LYS C 449 29.65 16.15 -30.98
C LYS C 449 28.28 16.18 -30.29
N LEU C 450 27.37 16.99 -30.83
CA LEU C 450 26.02 17.12 -30.31
C LEU C 450 25.21 15.96 -30.88
N LEU C 451 24.54 15.20 -30.03
CA LEU C 451 23.74 14.07 -30.48
C LEU C 451 22.29 14.49 -30.67
N ARG C 452 21.80 14.35 -31.90
CA ARG C 452 20.43 14.71 -32.20
C ARG C 452 19.56 13.45 -32.13
N ARG C 453 18.39 13.57 -31.50
CA ARG C 453 17.49 12.43 -31.32
C ARG C 453 16.18 12.56 -32.08
N GLU C 454 15.49 11.43 -32.24
CA GLU C 454 14.19 11.37 -32.92
C GLU C 454 13.14 11.14 -31.83
N PRO C 455 12.02 11.89 -31.86
CA PRO C 455 10.98 11.72 -30.85
C PRO C 455 10.36 10.32 -31.00
N MET C 456 9.98 9.70 -29.88
CA MET C 456 9.42 8.35 -29.95
C MET C 456 8.27 8.04 -29.00
N TYR C 457 7.87 9.00 -28.17
CA TYR C 457 6.79 8.76 -27.23
C TYR C 457 5.50 9.48 -27.58
N PHE C 458 4.80 9.01 -28.59
CA PHE C 458 3.56 9.66 -28.99
C PHE C 458 2.34 9.12 -28.22
N PRO D 1 -43.22 21.22 29.09
CA PRO D 1 -42.47 20.00 29.47
C PRO D 1 -42.79 18.84 28.54
N LEU D 2 -41.79 17.99 28.31
CA LEU D 2 -41.95 16.84 27.43
C LEU D 2 -41.52 15.54 28.12
N LEU D 3 -42.27 14.48 27.84
CA LEU D 3 -41.97 13.18 28.41
C LEU D 3 -42.16 12.12 27.34
N ILE D 4 -41.07 11.42 27.01
CA ILE D 4 -41.11 10.35 26.03
C ILE D 4 -40.89 9.09 26.86
N LYS D 5 -41.89 8.21 26.87
CA LYS D 5 -41.79 7.00 27.69
C LYS D 5 -41.90 5.69 26.92
N ASN D 6 -41.37 4.64 27.54
CA ASN D 6 -41.39 3.27 27.02
C ASN D 6 -40.68 3.06 25.69
N GLY D 7 -39.73 3.95 25.38
CA GLY D 7 -39.01 3.80 24.14
C GLY D 7 -37.65 3.17 24.35
N GLU D 8 -37.12 2.52 23.31
CA GLU D 8 -35.80 1.93 23.44
C GLU D 8 -34.81 2.98 22.97
N ILE D 9 -34.08 3.54 23.92
CA ILE D 9 -33.10 4.58 23.62
C ILE D 9 -31.81 4.00 23.06
N ILE D 10 -31.37 4.53 21.92
CA ILE D 10 -30.16 4.07 21.28
C ILE D 10 -29.25 5.22 20.88
N THR D 11 -28.06 5.26 21.46
CA THR D 11 -27.10 6.29 21.10
C THR D 11 -25.87 5.53 20.59
N ALA D 12 -24.80 6.25 20.28
CA ALA D 12 -23.61 5.60 19.77
C ALA D 12 -22.98 4.64 20.77
N ASP D 13 -23.17 4.89 22.08
CA ASP D 13 -22.56 4.01 23.06
C ASP D 13 -23.50 3.54 24.19
N SER D 14 -24.79 3.47 23.91
CA SER D 14 -25.74 3.01 24.91
C SER D 14 -27.02 2.52 24.25
N ARG D 15 -27.69 1.61 24.92
CA ARG D 15 -28.94 1.04 24.44
C ARG D 15 -29.75 0.56 25.64
N TYR D 16 -30.92 1.14 25.85
CA TYR D 16 -31.74 0.77 26.99
C TYR D 16 -33.17 1.28 26.87
N LYS D 17 -34.01 0.86 27.81
CA LYS D 17 -35.40 1.28 27.84
C LYS D 17 -35.57 2.11 29.10
N ALA D 18 -36.11 3.32 28.93
CA ALA D 18 -36.32 4.24 30.03
C ALA D 18 -37.09 5.43 29.51
N ASP D 19 -37.46 6.33 30.40
CA ASP D 19 -38.20 7.52 30.02
C ASP D 19 -37.27 8.73 30.00
N ILE D 20 -37.60 9.67 29.14
CA ILE D 20 -36.81 10.90 29.01
C ILE D 20 -37.74 12.06 29.36
N TYR D 21 -37.30 12.87 30.31
CA TYR D 21 -38.10 14.02 30.70
C TYR D 21 -37.34 15.31 30.44
N ALA D 22 -37.96 16.20 29.68
CA ALA D 22 -37.36 17.49 29.39
C ALA D 22 -38.32 18.56 29.89
N GLU D 23 -37.89 19.29 30.92
CA GLU D 23 -38.72 20.33 31.49
C GLU D 23 -38.84 21.48 30.50
N GLY D 24 -37.71 21.87 29.93
CA GLY D 24 -37.70 22.95 28.97
C GLY D 24 -37.09 22.56 27.63
N GLU D 25 -35.96 23.18 27.29
CA GLU D 25 -35.30 22.90 26.03
C GLU D 25 -34.30 21.75 26.10
N THR D 26 -33.82 21.45 27.31
CA THR D 26 -32.86 20.37 27.48
C THR D 26 -33.44 19.21 28.29
N ILE D 27 -32.78 18.05 28.19
CA ILE D 27 -33.20 16.85 28.91
C ILE D 27 -32.88 17.04 30.38
N THR D 28 -33.92 16.94 31.21
CA THR D 28 -33.79 17.15 32.64
C THR D 28 -33.38 15.88 33.38
N ARG D 29 -34.05 14.78 33.08
CA ARG D 29 -33.70 13.53 33.73
C ARG D 29 -34.13 12.31 32.93
N ILE D 30 -33.48 11.19 33.22
CA ILE D 30 -33.75 9.93 32.56
C ILE D 30 -33.86 8.83 33.62
N GLY D 31 -34.87 7.99 33.48
CA GLY D 31 -35.05 6.92 34.43
C GLY D 31 -36.28 6.12 34.02
N GLN D 32 -36.61 5.09 34.79
CA GLN D 32 -37.78 4.29 34.46
C GLN D 32 -38.98 4.78 35.27
N ASN D 33 -40.15 4.77 34.63
CA ASN D 33 -41.38 5.20 35.28
C ASN D 33 -41.21 6.58 35.92
N LEU D 34 -40.90 7.58 35.10
CA LEU D 34 -40.73 8.94 35.60
C LEU D 34 -42.10 9.58 35.73
N GLU D 35 -42.26 10.42 36.74
CA GLU D 35 -43.53 11.12 36.94
C GLU D 35 -43.37 12.55 36.45
N ALA D 36 -44.11 12.90 35.40
CA ALA D 36 -44.04 14.24 34.85
C ALA D 36 -45.14 15.10 35.43
N PRO D 37 -44.81 16.35 35.82
CA PRO D 37 -45.82 17.22 36.40
C PRO D 37 -47.03 17.29 35.48
N PRO D 38 -48.20 17.66 36.03
CA PRO D 38 -49.38 17.74 35.17
C PRO D 38 -49.20 18.80 34.09
N GLY D 39 -49.76 18.53 32.91
CA GLY D 39 -49.63 19.46 31.80
C GLY D 39 -48.53 19.03 30.84
N THR D 40 -47.66 18.16 31.31
CA THR D 40 -46.56 17.66 30.50
C THR D 40 -47.09 16.93 29.26
N GLU D 41 -46.47 17.19 28.12
CA GLU D 41 -46.88 16.51 26.89
C GLU D 41 -46.22 15.13 26.87
N VAL D 42 -47.05 14.09 26.82
CA VAL D 42 -46.55 12.73 26.85
C VAL D 42 -46.58 12.01 25.50
N ILE D 43 -45.42 11.48 25.11
CA ILE D 43 -45.27 10.75 23.86
C ILE D 43 -44.98 9.30 24.26
N ASP D 44 -45.75 8.37 23.72
CA ASP D 44 -45.53 6.96 24.02
C ASP D 44 -44.66 6.39 22.91
N ALA D 45 -43.45 5.95 23.26
CA ALA D 45 -42.52 5.40 22.29
C ALA D 45 -42.44 3.88 22.32
N THR D 46 -43.50 3.26 22.83
CA THR D 46 -43.54 1.80 22.91
C THR D 46 -43.29 1.15 21.56
N GLY D 47 -42.34 0.22 21.52
CA GLY D 47 -42.04 -0.48 20.30
C GLY D 47 -41.28 0.36 19.28
N LYS D 48 -40.71 1.47 19.72
CA LYS D 48 -39.97 2.35 18.82
C LYS D 48 -38.60 2.72 19.38
N TYR D 49 -37.71 3.18 18.49
CA TYR D 49 -36.37 3.57 18.91
C TYR D 49 -36.38 5.07 19.16
N VAL D 50 -35.53 5.51 20.07
CA VAL D 50 -35.40 6.93 20.35
C VAL D 50 -33.93 7.27 20.09
N PHE D 51 -33.68 7.96 18.98
CA PHE D 51 -32.33 8.35 18.58
C PHE D 51 -32.10 9.83 18.85
N PRO D 52 -30.82 10.25 18.85
CA PRO D 52 -30.53 11.67 19.08
C PRO D 52 -30.90 12.31 17.75
N GLY D 53 -31.23 13.60 17.74
CA GLY D 53 -31.58 14.24 16.49
C GLY D 53 -30.39 14.09 15.54
N PHE D 54 -30.64 13.72 14.30
CA PHE D 54 -29.56 13.54 13.35
C PHE D 54 -28.99 14.85 12.80
N ILE D 55 -27.71 14.83 12.43
CA ILE D 55 -27.04 16.01 11.96
C ILE D 55 -26.43 15.84 10.57
N ASP D 56 -26.75 16.76 9.66
CA ASP D 56 -26.22 16.74 8.30
C ASP D 56 -25.17 17.86 8.26
N PRO D 57 -23.88 17.49 8.21
CA PRO D 57 -22.79 18.47 8.19
C PRO D 57 -22.50 19.11 6.84
N HIS D 58 -23.33 18.82 5.84
CA HIS D 58 -23.06 19.35 4.52
C HIS D 58 -24.28 19.56 3.64
N VAL D 59 -24.87 20.76 3.69
CA VAL D 59 -26.04 21.07 2.86
C VAL D 59 -25.90 22.43 2.20
N HIS D 60 -26.70 22.63 1.16
CA HIS D 60 -26.75 23.89 0.42
C HIS D 60 -28.19 24.37 0.35
N ILE D 61 -28.48 25.48 1.03
CA ILE D 61 -29.83 26.04 1.00
C ILE D 61 -29.77 27.21 0.03
N TYR D 62 -29.11 28.29 0.44
CA TYR D 62 -28.95 29.44 -0.42
C TYR D 62 -27.67 29.24 -1.24
N LEU D 63 -27.81 29.14 -2.55
CA LEU D 63 -26.65 28.95 -3.39
C LEU D 63 -26.72 29.49 -4.81
N PRO D 64 -25.99 30.58 -5.07
CA PRO D 64 -25.95 31.19 -6.41
C PRO D 64 -24.83 30.38 -7.06
N PHE D 65 -25.19 29.49 -7.97
CA PHE D 65 -24.15 28.65 -8.57
C PHE D 65 -24.48 28.26 -10.01
N MET D 66 -23.43 28.21 -10.83
CA MET D 66 -23.55 27.84 -12.23
C MET D 66 -24.72 28.54 -12.93
N ALA D 67 -24.69 29.88 -12.89
CA ALA D 67 -25.68 30.74 -13.51
C ALA D 67 -27.09 30.72 -12.92
N THR D 68 -27.28 30.07 -11.78
CA THR D 68 -28.63 30.02 -11.20
C THR D 68 -28.64 29.86 -9.67
N PHE D 69 -29.82 29.54 -9.12
CA PHE D 69 -29.98 29.38 -7.66
C PHE D 69 -30.61 28.06 -7.20
N ALA D 70 -30.07 27.50 -6.12
CA ALA D 70 -30.58 26.25 -5.53
C ALA D 70 -32.03 26.50 -5.13
N LYS D 71 -32.87 25.48 -5.28
CA LYS D 71 -34.30 25.60 -4.99
C LYS D 71 -34.85 25.76 -3.56
N ASP D 72 -34.21 25.14 -2.57
CA ASP D 72 -34.75 25.28 -1.22
C ASP D 72 -34.46 26.60 -0.55
N THR D 73 -35.29 26.93 0.41
CA THR D 73 -35.14 28.14 1.22
C THR D 73 -34.91 27.56 2.59
N HIS D 74 -34.48 28.37 3.54
CA HIS D 74 -34.24 27.86 4.87
C HIS D 74 -35.53 27.34 5.47
N GLU D 75 -36.64 27.78 4.91
CA GLU D 75 -37.95 27.35 5.37
C GLU D 75 -38.27 25.96 4.83
N THR D 76 -38.23 25.80 3.51
CA THR D 76 -38.52 24.50 2.91
C THR D 76 -37.44 23.48 3.22
N GLY D 77 -36.19 23.95 3.32
CA GLY D 77 -35.08 23.07 3.62
C GLY D 77 -35.11 22.49 5.01
N SER D 78 -35.28 23.35 6.03
CA SER D 78 -35.32 22.88 7.41
C SER D 78 -36.52 21.98 7.64
N LYS D 79 -37.62 22.24 6.93
CA LYS D 79 -38.82 21.43 7.08
C LYS D 79 -38.57 20.03 6.55
N ALA D 80 -38.00 19.95 5.35
CA ALA D 80 -37.69 18.66 4.74
C ALA D 80 -36.72 17.89 5.62
N ALA D 81 -35.76 18.60 6.22
CA ALA D 81 -34.77 17.98 7.08
C ALA D 81 -35.48 17.30 8.25
N LEU D 82 -36.32 18.07 8.94
CA LEU D 82 -37.05 17.56 10.10
C LEU D 82 -37.91 16.35 9.75
N MET D 83 -38.63 16.41 8.63
CA MET D 83 -39.46 15.28 8.22
C MET D 83 -38.60 14.03 8.09
N GLY D 84 -37.33 14.23 7.73
CA GLY D 84 -36.42 13.10 7.56
C GLY D 84 -35.67 12.68 8.81
N GLY D 85 -35.84 13.42 9.91
CA GLY D 85 -35.16 13.06 11.14
C GLY D 85 -33.92 13.88 11.44
N THR D 86 -33.59 14.82 10.56
CA THR D 86 -32.43 15.67 10.77
C THR D 86 -32.86 16.93 11.51
N THR D 87 -32.34 17.13 12.71
CA THR D 87 -32.69 18.28 13.54
C THR D 87 -31.69 19.43 13.52
N THR D 88 -30.52 19.19 12.95
CA THR D 88 -29.48 20.22 12.84
C THR D 88 -28.74 20.02 11.52
N TYR D 89 -28.50 21.11 10.81
CA TYR D 89 -27.77 21.04 9.55
C TYR D 89 -26.72 22.15 9.52
N ILE D 90 -25.63 21.87 8.83
CA ILE D 90 -24.57 22.85 8.70
C ILE D 90 -24.54 23.20 7.22
N GLU D 91 -24.79 24.47 6.92
CA GLU D 91 -24.82 24.93 5.53
C GLU D 91 -23.48 25.54 5.11
N MET D 92 -23.14 25.33 3.85
CA MET D 92 -21.91 25.88 3.29
C MET D 92 -22.18 27.31 2.87
N CYS D 93 -21.57 28.27 3.56
CA CYS D 93 -21.73 29.68 3.22
C CYS D 93 -20.74 29.87 2.07
N CYS D 94 -21.25 30.04 0.85
CA CYS D 94 -20.38 30.12 -0.32
C CYS D 94 -20.23 31.38 -1.18
N PRO D 95 -19.67 32.45 -0.63
CA PRO D 95 -19.54 33.62 -1.51
C PRO D 95 -18.39 33.29 -2.48
N SER D 96 -18.50 33.71 -3.74
CA SER D 96 -17.47 33.43 -4.73
C SER D 96 -16.26 34.36 -4.59
N ARG D 97 -15.28 34.18 -5.46
CA ARG D 97 -14.06 34.98 -5.43
C ARG D 97 -14.35 36.47 -5.60
N ASN D 98 -15.39 36.79 -6.34
CA ASN D 98 -15.75 38.19 -6.61
C ASN D 98 -16.60 38.85 -5.53
N ASP D 99 -17.01 38.08 -4.53
CA ASP D 99 -17.83 38.62 -3.46
C ASP D 99 -17.01 38.98 -2.25
N ASP D 100 -17.56 39.86 -1.41
CA ASP D 100 -16.90 40.25 -0.17
C ASP D 100 -17.29 39.14 0.81
N ALA D 101 -16.30 38.50 1.43
CA ALA D 101 -16.57 37.42 2.36
C ALA D 101 -17.51 37.82 3.51
N LEU D 102 -17.21 38.91 4.18
CA LEU D 102 -18.03 39.36 5.30
C LEU D 102 -19.47 39.64 4.86
N GLU D 103 -19.64 40.25 3.70
CA GLU D 103 -20.98 40.53 3.20
C GLU D 103 -21.68 39.21 2.92
N GLY D 104 -20.95 38.26 2.32
CA GLY D 104 -21.52 36.97 2.01
C GLY D 104 -22.00 36.26 3.25
N TYR D 105 -21.17 36.28 4.28
CA TYR D 105 -21.53 35.65 5.54
C TYR D 105 -22.82 36.26 6.07
N GLN D 106 -22.87 37.59 6.12
CA GLN D 106 -24.06 38.29 6.63
C GLN D 106 -25.30 38.03 5.79
N LEU D 107 -25.13 37.82 4.49
CA LEU D 107 -26.27 37.56 3.62
C LEU D 107 -26.89 36.22 4.01
N TRP D 108 -26.06 35.18 4.06
CA TRP D 108 -26.49 33.83 4.43
C TRP D 108 -27.10 33.84 5.83
N LYS D 109 -26.41 34.53 6.72
CA LYS D 109 -26.83 34.64 8.11
C LYS D 109 -28.22 35.26 8.26
N SER D 110 -28.51 36.31 7.50
CA SER D 110 -29.81 36.98 7.60
C SER D 110 -30.92 36.20 6.89
N LYS D 111 -30.56 35.43 5.86
CA LYS D 111 -31.56 34.65 5.15
C LYS D 111 -32.08 33.52 6.04
N ALA D 112 -31.27 33.12 7.02
CA ALA D 112 -31.65 32.04 7.92
C ALA D 112 -32.42 32.52 9.15
N GLU D 113 -32.09 33.71 9.68
CA GLU D 113 -32.78 34.22 10.87
C GLU D 113 -34.29 34.22 10.76
N GLY D 114 -34.94 33.63 11.76
CA GLY D 114 -36.38 33.57 11.78
C GLY D 114 -37.01 32.76 10.67
N ASN D 115 -36.19 32.08 9.87
CA ASN D 115 -36.75 31.29 8.77
C ASN D 115 -36.52 29.80 8.86
N SER D 116 -35.78 29.35 9.87
CA SER D 116 -35.49 27.92 10.02
C SER D 116 -36.29 27.25 11.14
N TYR D 117 -36.84 26.09 10.82
CA TYR D 117 -37.62 25.32 11.79
C TYR D 117 -36.73 24.58 12.80
N CYS D 118 -35.48 24.37 12.44
CA CYS D 118 -34.54 23.68 13.34
C CYS D 118 -33.23 24.45 13.41
N ASP D 119 -32.39 24.10 14.39
CA ASP D 119 -31.12 24.79 14.55
C ASP D 119 -30.18 24.53 13.40
N TYR D 120 -29.19 25.40 13.24
CA TYR D 120 -28.23 25.31 12.15
C TYR D 120 -26.98 26.12 12.45
N THR D 121 -26.01 26.02 11.55
CA THR D 121 -24.77 26.78 11.66
C THR D 121 -24.11 26.73 10.29
N PHE D 122 -22.95 27.35 10.14
CA PHE D 122 -22.29 27.39 8.83
C PHE D 122 -20.83 26.99 8.77
N HIS D 123 -20.39 26.70 7.55
CA HIS D 123 -18.99 26.41 7.24
C HIS D 123 -18.69 27.66 6.39
N MET D 124 -17.67 28.42 6.75
CA MET D 124 -17.33 29.62 5.98
C MET D 124 -16.37 29.32 4.83
N ALA D 125 -16.86 29.47 3.60
CA ALA D 125 -16.02 29.23 2.43
C ALA D 125 -14.98 30.32 2.24
N VAL D 126 -13.76 29.93 1.90
CA VAL D 126 -12.69 30.87 1.66
C VAL D 126 -12.30 30.68 0.20
N SER D 127 -12.88 31.49 -0.70
CA SER D 127 -12.61 31.37 -2.12
C SER D 127 -11.54 32.30 -2.68
N LYS D 128 -10.73 32.85 -1.78
CA LYS D 128 -9.64 33.74 -2.15
C LYS D 128 -8.97 34.15 -0.86
N PHE D 129 -7.74 34.60 -0.94
CA PHE D 129 -7.07 35.01 0.28
C PHE D 129 -6.20 36.24 0.09
N ASP D 130 -6.40 37.22 0.96
CA ASP D 130 -5.66 38.46 0.96
C ASP D 130 -5.86 39.13 2.31
N GLU D 131 -5.12 40.20 2.57
CA GLU D 131 -5.18 40.95 3.83
C GLU D 131 -6.61 41.28 4.24
N LYS D 132 -7.36 41.84 3.30
CA LYS D 132 -8.74 42.22 3.56
C LYS D 132 -9.53 41.02 4.08
N THR D 133 -9.42 39.90 3.38
CA THR D 133 -10.13 38.68 3.73
C THR D 133 -9.69 38.09 5.08
N GLU D 134 -8.40 38.10 5.36
CA GLU D 134 -7.93 37.56 6.63
C GLU D 134 -8.66 38.25 7.77
N GLY D 135 -8.72 39.58 7.71
CA GLY D 135 -9.37 40.36 8.75
C GLY D 135 -10.83 40.01 8.91
N GLN D 136 -11.51 39.76 7.79
CA GLN D 136 -12.92 39.42 7.85
C GLN D 136 -13.12 38.01 8.39
N LEU D 137 -12.19 37.10 8.08
CA LEU D 137 -12.30 35.72 8.56
C LEU D 137 -12.18 35.71 10.08
N ARG D 138 -11.29 36.54 10.61
CA ARG D 138 -11.10 36.60 12.06
C ARG D 138 -12.41 37.05 12.72
N GLU D 139 -13.12 37.95 12.05
CA GLU D 139 -14.36 38.47 12.56
C GLU D 139 -15.45 37.40 12.50
N ILE D 140 -15.52 36.68 11.39
CA ILE D 140 -16.51 35.63 11.22
C ILE D 140 -16.30 34.51 12.24
N VAL D 141 -15.04 34.14 12.48
CA VAL D 141 -14.74 33.09 13.45
C VAL D 141 -15.18 33.58 14.82
N ALA D 142 -14.87 34.83 15.14
CA ALA D 142 -15.24 35.41 16.43
C ALA D 142 -16.76 35.43 16.62
N ASP D 143 -17.51 35.35 15.53
CA ASP D 143 -18.97 35.35 15.61
C ASP D 143 -19.50 33.95 15.86
N GLY D 144 -18.60 33.00 16.07
CA GLY D 144 -19.02 31.63 16.34
C GLY D 144 -18.87 30.57 15.25
N ILE D 145 -18.36 30.95 14.09
CA ILE D 145 -18.17 29.99 13.00
C ILE D 145 -16.76 29.42 13.12
N SER D 146 -16.66 28.15 13.52
CA SER D 146 -15.36 27.53 13.73
C SER D 146 -14.85 26.60 12.63
N SER D 147 -15.44 26.69 11.44
CA SER D 147 -14.99 25.85 10.34
C SER D 147 -14.93 26.60 9.02
N PHE D 148 -13.88 26.33 8.24
CA PHE D 148 -13.73 26.95 6.94
C PHE D 148 -14.08 25.92 5.89
N KCX D 149 -14.01 26.35 4.65
CA KCX D 149 -14.29 25.49 3.52
CB KCX D 149 -15.78 25.47 3.23
CG KCX D 149 -16.08 25.24 1.78
CD KCX D 149 -15.81 23.81 1.38
CE KCX D 149 -17.14 23.23 1.02
NZ KCX D 149 -17.05 22.25 -0.05
C KCX D 149 -13.54 26.01 2.31
O KCX D 149 -13.71 27.17 1.93
CX KCX D 149 -18.10 21.89 -0.80
OQ1 KCX D 149 -17.89 21.05 -1.69
OQ2 KCX D 149 -19.21 22.43 -0.59
N ILE D 150 -12.69 25.18 1.72
CA ILE D 150 -11.95 25.58 0.54
C ILE D 150 -12.26 24.60 -0.56
N PHE D 151 -12.13 25.07 -1.80
CA PHE D 151 -12.40 24.21 -2.95
C PHE D 151 -11.15 24.04 -3.80
N LEU D 152 -10.86 22.78 -4.15
CA LEU D 152 -9.74 22.51 -5.03
C LEU D 152 -10.42 22.10 -6.35
N SER D 153 -11.14 23.06 -6.93
CA SER D 153 -11.84 22.90 -8.21
C SER D 153 -12.62 24.19 -8.45
N TYR D 154 -13.36 24.26 -9.55
CA TYR D 154 -14.15 25.45 -9.90
C TYR D 154 -13.22 26.65 -10.06
N LYS D 155 -12.31 26.56 -11.01
CA LYS D 155 -11.33 27.62 -11.27
C LYS D 155 -11.95 29.02 -11.43
N ASN D 156 -11.33 30.00 -10.77
CA ASN D 156 -11.75 31.39 -10.83
C ASN D 156 -13.06 31.75 -10.12
N PHE D 157 -13.80 30.76 -9.66
CA PHE D 157 -15.05 31.03 -8.98
C PHE D 157 -14.96 30.69 -7.49
N PHE D 158 -14.52 29.47 -7.19
CA PHE D 158 -14.37 29.01 -5.81
C PHE D 158 -12.97 28.53 -5.47
N GLY D 159 -12.28 27.96 -6.46
CA GLY D 159 -10.95 27.43 -6.24
C GLY D 159 -9.84 28.36 -5.79
N VAL D 160 -9.04 27.88 -4.84
CA VAL D 160 -7.89 28.64 -4.35
C VAL D 160 -6.62 27.94 -4.81
N ASP D 161 -5.54 28.69 -5.01
CA ASP D 161 -4.29 28.06 -5.43
C ASP D 161 -3.50 27.60 -4.20
N ASP D 162 -2.34 26.98 -4.42
CA ASP D 162 -1.54 26.48 -3.33
C ASP D 162 -1.14 27.56 -2.34
N GLY D 163 -0.85 28.76 -2.84
CA GLY D 163 -0.46 29.85 -1.95
C GLY D 163 -1.60 30.24 -1.04
N GLU D 164 -2.81 30.33 -1.61
CA GLU D 164 -3.98 30.71 -0.83
C GLU D 164 -4.36 29.60 0.15
N MET D 165 -4.27 28.35 -0.31
CA MET D 165 -4.59 27.22 0.55
C MET D 165 -3.65 27.20 1.74
N TYR D 166 -2.37 27.43 1.49
CA TYR D 166 -1.40 27.44 2.58
C TYR D 166 -1.74 28.49 3.61
N GLN D 167 -2.00 29.71 3.14
CA GLN D 167 -2.34 30.80 4.06
C GLN D 167 -3.63 30.54 4.84
N THR D 168 -4.63 29.98 4.17
CA THR D 168 -5.91 29.67 4.82
C THR D 168 -5.66 28.66 5.94
N LEU D 169 -4.82 27.66 5.67
CA LEU D 169 -4.52 26.65 6.68
C LEU D 169 -3.72 27.20 7.85
N ARG D 170 -2.76 28.10 7.59
CA ARG D 170 -2.00 28.67 8.70
C ARG D 170 -2.91 29.50 9.59
N LEU D 171 -3.82 30.25 8.97
CA LEU D 171 -4.74 31.07 9.73
C LEU D 171 -5.66 30.16 10.55
N ALA D 172 -6.13 29.09 9.92
CA ALA D 172 -7.02 28.13 10.59
C ALA D 172 -6.36 27.55 11.83
N LYS D 173 -5.09 27.21 11.71
CA LYS D 173 -4.32 26.63 12.80
C LYS D 173 -4.20 27.64 13.94
N GLU D 174 -3.97 28.90 13.58
CA GLU D 174 -3.83 29.97 14.55
C GLU D 174 -5.14 30.19 15.32
N LEU D 175 -6.25 30.16 14.59
CA LEU D 175 -7.57 30.38 15.18
C LEU D 175 -8.20 29.11 15.75
N GLY D 176 -7.55 27.96 15.54
CA GLY D 176 -8.09 26.71 16.04
C GLY D 176 -9.28 26.21 15.25
N VAL D 177 -9.37 26.65 13.99
CA VAL D 177 -10.45 26.28 13.08
C VAL D 177 -10.17 25.00 12.29
N ILE D 178 -11.21 24.22 12.03
CA ILE D 178 -11.05 23.00 11.24
C ILE D 178 -11.42 23.36 9.81
N VAL D 179 -10.63 22.87 8.85
CA VAL D 179 -10.90 23.20 7.45
C VAL D 179 -11.50 22.05 6.66
N THR D 180 -12.68 22.28 6.09
CA THR D 180 -13.33 21.26 5.28
C THR D 180 -12.89 21.53 3.85
N ALA D 181 -12.78 20.51 3.02
CA ALA D 181 -12.31 20.75 1.66
C ALA D 181 -12.89 19.86 0.58
N HIS D 182 -13.20 20.47 -0.56
CA HIS D 182 -13.72 19.77 -1.73
C HIS D 182 -12.43 19.46 -2.51
N CYS D 183 -12.10 18.18 -2.64
CA CYS D 183 -10.85 17.80 -3.28
C CYS D 183 -10.87 17.22 -4.70
N GLU D 184 -10.44 18.04 -5.65
CA GLU D 184 -10.30 17.64 -7.05
C GLU D 184 -9.10 18.45 -7.52
N ASN D 185 -9.13 18.92 -8.76
CA ASN D 185 -8.05 19.75 -9.29
C ASN D 185 -8.70 20.72 -10.28
N ALA D 186 -8.78 21.99 -9.89
CA ALA D 186 -9.40 23.02 -10.73
C ALA D 186 -8.87 23.08 -12.16
N GLU D 187 -7.55 23.01 -12.29
CA GLU D 187 -6.92 23.07 -13.60
C GLU D 187 -7.23 21.87 -14.46
N LEU D 188 -6.98 20.67 -13.92
CA LEU D 188 -7.23 19.46 -14.69
C LEU D 188 -8.69 19.32 -15.15
N VAL D 189 -9.63 19.65 -14.27
CA VAL D 189 -11.04 19.54 -14.64
C VAL D 189 -11.34 20.51 -15.77
N GLY D 190 -10.89 21.75 -15.63
CA GLY D 190 -11.09 22.73 -16.67
C GLY D 190 -10.56 22.29 -18.02
N ARG D 191 -9.31 21.79 -18.04
CA ARG D 191 -8.69 21.34 -19.28
C ARG D 191 -9.42 20.14 -19.88
N LEU D 192 -9.73 19.16 -19.04
CA LEU D 192 -10.42 17.96 -19.52
C LEU D 192 -11.81 18.29 -20.04
N GLN D 193 -12.45 19.30 -19.44
CA GLN D 193 -13.78 19.69 -19.89
C GLN D 193 -13.68 20.26 -21.30
N GLN D 194 -12.75 21.18 -21.50
CA GLN D 194 -12.55 21.81 -22.79
C GLN D 194 -12.20 20.80 -23.86
N LYS D 195 -11.31 19.87 -23.53
CA LYS D 195 -10.90 18.84 -24.47
C LYS D 195 -12.10 18.04 -24.97
N LEU D 196 -12.93 17.59 -24.04
CA LEU D 196 -14.10 16.79 -24.40
C LEU D 196 -15.10 17.59 -25.24
N LEU D 197 -15.35 18.83 -24.85
CA LEU D 197 -16.29 19.66 -25.61
C LEU D 197 -15.80 19.88 -27.03
N SER D 198 -14.52 20.22 -27.17
CA SER D 198 -13.94 20.46 -28.49
C SER D 198 -13.97 19.20 -29.34
N GLU D 199 -14.20 18.05 -28.72
CA GLU D 199 -14.28 16.79 -29.44
C GLU D 199 -15.72 16.42 -29.75
N GLY D 200 -16.63 17.34 -29.45
CA GLY D 200 -18.02 17.10 -29.72
C GLY D 200 -18.74 16.27 -28.67
N LYS D 201 -18.01 15.87 -27.62
CA LYS D 201 -18.61 15.08 -26.54
C LYS D 201 -19.27 16.08 -25.58
N THR D 202 -20.56 16.30 -25.78
CA THR D 202 -21.31 17.26 -24.97
C THR D 202 -22.36 16.70 -24.02
N GLY D 203 -22.72 15.43 -24.19
CA GLY D 203 -23.73 14.82 -23.34
C GLY D 203 -23.36 14.69 -21.88
N PRO D 204 -24.34 14.40 -21.01
CA PRO D 204 -24.12 14.23 -19.57
C PRO D 204 -23.18 13.08 -19.21
N GLU D 205 -23.07 12.10 -20.12
CA GLU D 205 -22.21 10.94 -19.89
C GLU D 205 -20.71 11.25 -19.91
N TRP D 206 -20.35 12.49 -20.22
CA TRP D 206 -18.93 12.85 -20.27
C TRP D 206 -18.49 13.61 -19.03
N HIS D 207 -19.43 13.82 -18.11
CA HIS D 207 -19.15 14.53 -16.87
C HIS D 207 -18.13 13.75 -16.05
N GLU D 208 -18.39 12.48 -15.80
CA GLU D 208 -17.48 11.65 -15.00
C GLU D 208 -16.08 11.61 -15.62
N PRO D 209 -15.98 11.30 -16.92
CA PRO D 209 -14.66 11.25 -17.56
C PRO D 209 -13.89 12.57 -17.51
N SER D 210 -14.61 13.67 -17.37
CA SER D 210 -13.98 14.99 -17.31
C SER D 210 -13.29 15.24 -15.97
N ARG D 211 -13.62 14.41 -14.97
CA ARG D 211 -13.01 14.53 -13.64
C ARG D 211 -12.96 13.14 -13.04
N PRO D 212 -12.10 12.28 -13.59
CA PRO D 212 -11.92 10.89 -13.14
C PRO D 212 -11.40 10.75 -11.72
N GLU D 213 -11.48 9.52 -11.22
CA GLU D 213 -11.04 9.21 -9.87
C GLU D 213 -9.63 9.70 -9.58
N ALA D 214 -8.75 9.61 -10.57
CA ALA D 214 -7.35 10.03 -10.39
C ALA D 214 -7.25 11.49 -9.94
N VAL D 215 -8.19 12.31 -10.39
CA VAL D 215 -8.19 13.73 -10.03
C VAL D 215 -8.59 13.96 -8.58
N GLU D 216 -9.63 13.26 -8.13
CA GLU D 216 -10.06 13.38 -6.74
C GLU D 216 -8.95 12.88 -5.83
N ALA D 217 -8.28 11.80 -6.26
CA ALA D 217 -7.19 11.25 -5.47
C ALA D 217 -6.06 12.25 -5.34
N GLU D 218 -5.73 12.93 -6.43
CA GLU D 218 -4.65 13.91 -6.44
C GLU D 218 -4.96 15.06 -5.47
N GLY D 219 -6.17 15.61 -5.59
CA GLY D 219 -6.57 16.70 -4.71
C GLY D 219 -6.64 16.29 -3.24
N THR D 220 -7.09 15.07 -2.98
CA THR D 220 -7.19 14.58 -1.61
C THR D 220 -5.81 14.46 -1.00
N ALA D 221 -4.86 13.94 -1.77
CA ALA D 221 -3.51 13.78 -1.27
C ALA D 221 -2.83 15.13 -1.11
N ARG D 222 -3.09 16.05 -2.04
CA ARG D 222 -2.48 17.38 -1.95
C ARG D 222 -2.95 18.05 -0.67
N PHE D 223 -4.25 18.01 -0.44
CA PHE D 223 -4.83 18.61 0.75
C PHE D 223 -4.17 18.03 2.01
N ALA D 224 -4.04 16.71 2.05
CA ALA D 224 -3.43 16.06 3.20
C ALA D 224 -1.99 16.54 3.43
N THR D 225 -1.26 16.74 2.34
CA THR D 225 0.12 17.21 2.44
C THR D 225 0.20 18.61 3.04
N PHE D 226 -0.75 19.47 2.68
CA PHE D 226 -0.75 20.83 3.21
C PHE D 226 -1.15 20.85 4.69
N LEU D 227 -2.03 19.93 5.07
CA LEU D 227 -2.44 19.83 6.47
C LEU D 227 -1.21 19.40 7.28
N GLU D 228 -0.57 18.34 6.81
CA GLU D 228 0.61 17.80 7.49
C GLU D 228 1.73 18.83 7.62
N THR D 229 1.85 19.69 6.62
CA THR D 229 2.88 20.72 6.61
C THR D 229 2.55 21.97 7.42
N THR D 230 1.26 22.28 7.56
CA THR D 230 0.85 23.47 8.31
C THR D 230 0.46 23.18 9.75
N GLY D 231 0.11 21.94 10.04
CA GLY D 231 -0.29 21.59 11.39
C GLY D 231 -1.76 21.81 11.64
N ALA D 232 -2.51 22.11 10.57
CA ALA D 232 -3.95 22.35 10.70
C ALA D 232 -4.77 21.07 10.64
N THR D 233 -5.97 21.11 11.21
CA THR D 233 -6.86 19.97 11.22
C THR D 233 -7.81 20.09 10.02
N GLY D 234 -7.97 19.00 9.27
CA GLY D 234 -8.81 19.04 8.09
C GLY D 234 -9.92 18.01 8.05
N TYR D 235 -10.81 18.18 7.09
CA TYR D 235 -11.96 17.31 6.91
C TYR D 235 -12.30 17.28 5.42
N VAL D 236 -12.25 16.10 4.82
CA VAL D 236 -12.54 15.93 3.40
C VAL D 236 -14.03 15.69 3.16
N VAL D 237 -14.69 16.60 2.45
CA VAL D 237 -16.11 16.46 2.17
C VAL D 237 -16.37 15.52 0.99
N HIS D 238 -17.54 14.89 1.00
CA HIS D 238 -17.96 13.94 -0.02
C HIS D 238 -16.87 13.16 -0.75
N LEU D 239 -16.16 12.30 -0.04
CA LEU D 239 -15.13 11.46 -0.64
C LEU D 239 -15.92 10.36 -1.36
N SER D 240 -15.66 10.15 -2.65
CA SER D 240 -16.44 9.19 -3.42
C SER D 240 -15.82 7.90 -3.95
N CYS D 241 -14.50 7.76 -3.91
CA CYS D 241 -13.90 6.56 -4.48
C CYS D 241 -12.69 6.02 -3.73
N LYS D 242 -12.36 4.78 -4.04
CA LYS D 242 -11.24 4.09 -3.41
C LYS D 242 -9.90 4.82 -3.48
N PRO D 243 -9.49 5.29 -4.67
CA PRO D 243 -8.20 6.00 -4.78
C PRO D 243 -8.10 7.17 -3.81
N ALA D 244 -9.20 7.90 -3.64
CA ALA D 244 -9.20 9.03 -2.73
C ALA D 244 -9.18 8.51 -1.28
N LEU D 245 -9.96 7.49 -1.00
CA LEU D 245 -10.00 6.91 0.33
C LEU D 245 -8.59 6.44 0.72
N ASP D 246 -7.90 5.79 -0.22
CA ASP D 246 -6.54 5.32 0.05
C ASP D 246 -5.63 6.46 0.44
N ALA D 247 -5.75 7.58 -0.27
CA ALA D 247 -4.94 8.76 0.01
C ALA D 247 -5.24 9.33 1.39
N ALA D 248 -6.52 9.43 1.74
CA ALA D 248 -6.92 9.98 3.05
C ALA D 248 -6.53 9.02 4.17
N MET D 249 -6.68 7.72 3.92
CA MET D 249 -6.32 6.72 4.93
C MET D 249 -4.82 6.73 5.23
N ALA D 250 -4.02 6.88 4.19
CA ALA D 250 -2.57 6.93 4.34
C ALA D 250 -2.20 8.09 5.24
N ALA D 251 -2.90 9.22 5.05
CA ALA D 251 -2.64 10.40 5.86
C ALA D 251 -3.05 10.14 7.33
N LYS D 252 -4.20 9.51 7.53
CA LYS D 252 -4.66 9.20 8.87
C LYS D 252 -3.64 8.30 9.56
N ALA D 253 -3.20 7.27 8.84
CA ALA D 253 -2.24 6.32 9.37
C ALA D 253 -0.91 6.94 9.80
N ARG D 254 -0.45 7.98 9.09
CA ARG D 254 0.81 8.59 9.49
C ARG D 254 0.66 9.72 10.48
N GLY D 255 -0.53 9.88 11.05
CA GLY D 255 -0.72 10.90 12.06
C GLY D 255 -1.33 12.24 11.71
N VAL D 256 -1.68 12.46 10.45
CA VAL D 256 -2.27 13.73 10.03
C VAL D 256 -3.68 13.85 10.62
N PRO D 257 -3.99 14.98 11.27
CA PRO D 257 -5.35 15.10 11.84
C PRO D 257 -6.33 15.46 10.72
N ILE D 258 -6.79 14.44 10.01
CA ILE D 258 -7.71 14.63 8.90
C ILE D 258 -8.91 13.69 9.08
N TYR D 259 -10.10 14.14 8.70
CA TYR D 259 -11.31 13.35 8.83
C TYR D 259 -12.01 13.20 7.50
N ILE D 260 -12.79 12.13 7.38
CA ILE D 260 -13.47 11.83 6.12
C ILE D 260 -14.98 11.83 6.20
N GLU D 261 -15.60 12.43 5.18
CA GLU D 261 -17.03 12.49 5.06
C GLU D 261 -17.41 11.93 3.70
N SER D 262 -18.52 11.20 3.65
CA SER D 262 -19.03 10.68 2.38
C SER D 262 -20.51 11.05 2.40
N VAL D 263 -21.09 11.26 1.22
CA VAL D 263 -22.49 11.64 1.16
C VAL D 263 -23.32 10.52 0.56
N ILE D 264 -24.53 10.38 1.09
CA ILE D 264 -25.44 9.31 0.71
C ILE D 264 -25.56 8.93 -0.77
N PRO D 265 -25.61 9.90 -1.70
CA PRO D 265 -25.72 9.44 -3.09
C PRO D 265 -24.57 8.54 -3.58
N HIS D 266 -23.36 8.72 -3.05
CA HIS D 266 -22.22 7.90 -3.47
C HIS D 266 -22.23 6.48 -2.90
N PHE D 267 -23.17 6.22 -1.99
CA PHE D 267 -23.30 4.89 -1.40
C PHE D 267 -24.33 4.07 -2.16
N LEU D 268 -25.29 4.76 -2.78
CA LEU D 268 -26.40 4.08 -3.46
C LEU D 268 -26.58 4.28 -4.97
N LEU D 269 -26.00 5.34 -5.53
CA LEU D 269 -26.14 5.57 -6.96
C LEU D 269 -24.79 5.36 -7.63
N ASP D 270 -24.78 5.18 -8.95
CA ASP D 270 -23.52 4.99 -9.67
C ASP D 270 -23.51 5.71 -11.01
N LYS D 271 -22.35 5.74 -11.67
CA LYS D 271 -22.18 6.44 -12.94
C LYS D 271 -23.18 6.14 -14.04
N THR D 272 -23.72 4.93 -14.08
CA THR D 272 -24.67 4.58 -15.15
C THR D 272 -25.91 5.48 -15.14
N TYR D 273 -26.31 5.96 -13.96
CA TYR D 273 -27.47 6.85 -13.88
C TYR D 273 -27.24 8.09 -14.74
N ALA D 274 -25.98 8.54 -14.81
CA ALA D 274 -25.66 9.73 -15.59
C ALA D 274 -25.40 9.38 -17.05
N GLU D 275 -25.60 8.11 -17.39
CA GLU D 275 -25.40 7.66 -18.77
C GLU D 275 -26.74 7.27 -19.40
N ARG D 276 -27.84 7.67 -18.77
CA ARG D 276 -29.18 7.36 -19.27
C ARG D 276 -29.60 8.31 -20.37
N GLY D 277 -28.84 9.38 -20.54
CA GLY D 277 -29.15 10.36 -21.58
C GLY D 277 -30.32 11.28 -21.26
N GLY D 278 -30.29 12.47 -21.84
CA GLY D 278 -31.36 13.43 -21.63
C GLY D 278 -31.44 14.04 -20.25
N VAL D 279 -32.59 14.61 -19.94
CA VAL D 279 -32.82 15.25 -18.65
C VAL D 279 -32.78 14.21 -17.53
N GLU D 280 -33.08 12.95 -17.87
CA GLU D 280 -33.07 11.88 -16.88
C GLU D 280 -31.67 11.72 -16.29
N ALA D 281 -30.66 11.77 -17.16
CA ALA D 281 -29.27 11.64 -16.73
C ALA D 281 -28.80 12.91 -16.02
N MET D 282 -29.29 14.07 -16.46
CA MET D 282 -28.90 15.33 -15.86
C MET D 282 -29.30 15.42 -14.39
N LYS D 283 -30.30 14.63 -14.00
CA LYS D 283 -30.76 14.64 -12.63
C LYS D 283 -29.71 14.07 -11.69
N TYR D 284 -28.80 13.27 -12.24
CA TYR D 284 -27.77 12.63 -11.44
C TYR D 284 -26.37 13.21 -11.62
N ILE D 285 -26.29 14.44 -12.10
CA ILE D 285 -25.00 15.08 -12.31
C ILE D 285 -24.62 15.87 -11.08
N MET D 286 -23.49 15.50 -10.47
CA MET D 286 -22.99 16.18 -9.28
C MET D 286 -21.47 16.09 -9.27
N SER D 287 -20.84 16.75 -8.29
CA SER D 287 -19.40 16.72 -8.16
C SER D 287 -18.99 16.52 -6.71
N PRO D 288 -18.13 15.52 -6.44
CA PRO D 288 -17.55 14.60 -7.42
C PRO D 288 -18.66 13.77 -8.06
N PRO D 289 -18.47 13.33 -9.31
CA PRO D 289 -19.44 12.53 -10.05
C PRO D 289 -19.80 11.20 -9.38
N LEU D 290 -20.93 10.63 -9.78
CA LEU D 290 -21.31 9.32 -9.27
C LEU D 290 -20.25 8.43 -9.92
N ARG D 291 -19.77 7.42 -9.21
CA ARG D 291 -18.70 6.57 -9.72
C ARG D 291 -19.12 5.16 -10.12
N ASP D 292 -18.14 4.38 -10.56
CA ASP D 292 -18.38 3.00 -10.94
C ASP D 292 -18.86 2.34 -9.64
N LYS D 293 -19.90 1.51 -9.73
CA LYS D 293 -20.46 0.89 -8.53
C LYS D 293 -19.50 0.07 -7.69
N ARG D 294 -18.36 -0.31 -8.23
CA ARG D 294 -17.40 -1.09 -7.45
C ARG D 294 -16.98 -0.30 -6.19
N ASN D 295 -17.15 1.01 -6.23
CA ASN D 295 -16.78 1.87 -5.10
C ASN D 295 -17.74 1.83 -3.92
N GLN D 296 -18.99 1.41 -4.17
CA GLN D 296 -19.97 1.36 -3.10
C GLN D 296 -19.59 0.39 -1.98
N LYS D 297 -19.08 -0.78 -2.34
CA LYS D 297 -18.68 -1.74 -1.31
C LYS D 297 -17.54 -1.15 -0.47
N VAL D 298 -16.59 -0.52 -1.15
CA VAL D 298 -15.45 0.09 -0.48
C VAL D 298 -15.94 1.11 0.56
N LEU D 299 -16.85 1.99 0.15
CA LEU D 299 -17.36 2.99 1.07
C LEU D 299 -18.14 2.35 2.23
N TRP D 300 -19.01 1.38 1.91
CA TRP D 300 -19.78 0.73 2.98
C TRP D 300 -18.86 0.05 3.98
N ASP D 301 -17.87 -0.71 3.51
CA ASP D 301 -16.94 -1.38 4.41
C ASP D 301 -16.18 -0.36 5.27
N ALA D 302 -15.74 0.73 4.66
CA ALA D 302 -14.99 1.76 5.37
C ALA D 302 -15.87 2.41 6.45
N LEU D 303 -17.15 2.57 6.15
CA LEU D 303 -18.07 3.18 7.09
C LEU D 303 -18.28 2.27 8.30
N ALA D 304 -18.47 0.98 8.04
CA ALA D 304 -18.68 0.01 9.11
C ALA D 304 -17.51 -0.05 10.09
N GLN D 305 -16.29 0.14 9.58
CA GLN D 305 -15.09 0.09 10.43
C GLN D 305 -14.70 1.46 10.98
N GLY D 306 -15.48 2.49 10.69
CA GLY D 306 -15.17 3.82 11.18
C GLY D 306 -14.10 4.57 10.41
N PHE D 307 -13.68 4.08 9.23
CA PHE D 307 -12.66 4.79 8.46
C PHE D 307 -13.28 6.08 7.93
N ILE D 308 -14.55 6.00 7.55
CA ILE D 308 -15.28 7.17 7.08
C ILE D 308 -15.97 7.67 8.36
N ASP D 309 -15.73 8.93 8.70
CA ASP D 309 -16.26 9.50 9.93
C ASP D 309 -17.73 9.92 9.95
N THR D 310 -18.14 10.67 8.94
CA THR D 310 -19.52 11.15 8.90
C THR D 310 -20.19 10.89 7.57
N VAL D 311 -21.52 10.96 7.58
CA VAL D 311 -22.30 10.79 6.36
C VAL D 311 -23.19 12.01 6.24
N GLY D 312 -23.04 12.72 5.12
CA GLY D 312 -23.84 13.91 4.89
C GLY D 312 -24.58 13.71 3.58
N THR D 313 -25.10 14.80 3.00
CA THR D 313 -25.84 14.66 1.75
C THR D 313 -25.29 15.52 0.61
N ASP D 314 -24.78 16.69 0.97
CA ASP D 314 -24.31 17.66 -0.02
C ASP D 314 -25.55 18.02 -0.80
N HIS D 315 -26.65 18.18 -0.05
CA HIS D 315 -27.97 18.53 -0.55
C HIS D 315 -27.90 19.78 -1.43
N CYS D 316 -28.23 19.62 -2.71
CA CYS D 316 -28.19 20.74 -3.64
C CYS D 316 -29.29 20.53 -4.67
N PRO D 317 -30.53 20.93 -4.31
CA PRO D 317 -31.73 20.80 -5.17
C PRO D 317 -31.88 21.78 -6.33
N PHE D 318 -32.24 21.22 -7.49
CA PHE D 318 -32.46 21.99 -8.71
C PHE D 318 -33.65 21.37 -9.43
N ASP D 319 -34.38 22.18 -10.20
CA ASP D 319 -35.52 21.68 -10.96
C ASP D 319 -35.00 21.13 -12.27
N THR D 320 -35.72 20.17 -12.86
CA THR D 320 -35.30 19.58 -14.13
C THR D 320 -35.14 20.71 -15.16
N GLU D 321 -35.98 21.73 -15.03
CA GLU D 321 -35.94 22.87 -15.92
C GLU D 321 -34.57 23.55 -15.84
N GLN D 322 -34.07 23.71 -14.61
CA GLN D 322 -32.75 24.32 -14.40
C GLN D 322 -31.66 23.40 -14.93
N LYS D 323 -31.85 22.09 -14.75
CA LYS D 323 -30.88 21.12 -15.22
C LYS D 323 -30.70 21.24 -16.73
N LEU D 324 -31.79 21.54 -17.43
CA LEU D 324 -31.76 21.68 -18.88
C LEU D 324 -30.94 22.86 -19.36
N LEU D 325 -30.48 23.70 -18.44
CA LEU D 325 -29.64 24.85 -18.80
C LEU D 325 -28.36 24.36 -19.47
N GLY D 326 -28.06 23.07 -19.32
CA GLY D 326 -26.86 22.52 -19.92
C GLY D 326 -27.15 21.46 -20.95
N LYS D 327 -28.25 21.62 -21.69
CA LYS D 327 -28.61 20.66 -22.73
C LYS D 327 -27.61 20.73 -23.89
N GLU D 328 -26.91 21.86 -23.99
CA GLU D 328 -25.93 22.06 -25.05
C GLU D 328 -24.55 21.50 -24.67
N ALA D 329 -24.16 21.71 -23.42
CA ALA D 329 -22.87 21.24 -22.92
C ALA D 329 -23.00 20.80 -21.46
N PHE D 330 -22.48 19.61 -21.15
CA PHE D 330 -22.56 19.09 -19.79
C PHE D 330 -21.94 20.03 -18.76
N THR D 331 -21.01 20.86 -19.19
CA THR D 331 -20.36 21.79 -18.28
C THR D 331 -21.32 22.84 -17.75
N ALA D 332 -22.47 22.98 -18.40
CA ALA D 332 -23.45 23.99 -18.00
C ALA D 332 -24.60 23.41 -17.18
N ILE D 333 -24.55 22.10 -16.90
CA ILE D 333 -25.59 21.46 -16.11
C ILE D 333 -25.30 21.78 -14.64
N PRO D 334 -26.23 22.46 -13.95
CA PRO D 334 -25.94 22.77 -12.53
C PRO D 334 -25.74 21.48 -11.73
N ASN D 335 -24.57 21.35 -11.11
CA ASN D 335 -24.25 20.15 -10.34
C ASN D 335 -24.98 20.05 -9.01
N GLY D 336 -25.56 18.89 -8.74
CA GLY D 336 -26.25 18.71 -7.48
C GLY D 336 -27.40 17.72 -7.50
N ILE D 337 -27.62 17.08 -6.35
CA ILE D 337 -28.70 16.11 -6.17
C ILE D 337 -29.33 16.42 -4.80
N PRO D 338 -30.66 16.30 -4.71
CA PRO D 338 -31.31 16.58 -3.42
C PRO D 338 -31.29 15.33 -2.55
N ALA D 339 -31.20 15.49 -1.24
CA ALA D 339 -31.18 14.33 -0.36
C ALA D 339 -31.34 14.62 1.14
N ILE D 340 -31.42 15.89 1.51
CA ILE D 340 -31.53 16.26 2.93
C ILE D 340 -32.64 15.54 3.69
N GLU D 341 -33.71 15.18 2.99
CA GLU D 341 -34.85 14.52 3.62
C GLU D 341 -34.75 13.00 3.69
N ASP D 342 -33.95 12.40 2.80
CA ASP D 342 -33.87 10.95 2.77
C ASP D 342 -32.63 10.31 3.40
N ARG D 343 -31.62 11.10 3.74
CA ARG D 343 -30.39 10.58 4.30
C ARG D 343 -30.56 9.53 5.40
N VAL D 344 -31.20 9.91 6.50
CA VAL D 344 -31.39 8.99 7.60
C VAL D 344 -32.12 7.70 7.23
N ASN D 345 -33.28 7.80 6.57
CA ASN D 345 -34.02 6.60 6.19
C ASN D 345 -33.22 5.71 5.25
N LEU D 346 -32.50 6.33 4.31
CA LEU D 346 -31.70 5.56 3.37
C LEU D 346 -30.53 4.86 4.09
N LEU D 347 -29.85 5.58 4.96
CA LEU D 347 -28.71 5.03 5.68
C LEU D 347 -29.16 3.92 6.61
N TYR D 348 -30.29 4.14 7.29
CA TYR D 348 -30.82 3.13 8.20
C TYR D 348 -31.22 1.88 7.43
N THR D 349 -31.94 2.07 6.34
CA THR D 349 -32.42 0.94 5.54
C THR D 349 -31.32 0.08 4.92
N TYR D 350 -30.51 0.70 4.07
CA TYR D 350 -29.45 -0.02 3.38
C TYR D 350 -28.20 -0.28 4.19
N GLY D 351 -28.08 0.38 5.33
CA GLY D 351 -26.92 0.16 6.17
C GLY D 351 -27.23 -0.79 7.32
N VAL D 352 -28.20 -0.41 8.15
CA VAL D 352 -28.57 -1.22 9.31
C VAL D 352 -29.54 -2.37 9.01
N SER D 353 -30.71 -2.03 8.50
CA SER D 353 -31.73 -3.03 8.19
C SER D 353 -31.33 -4.10 7.17
N ARG D 354 -30.72 -3.69 6.05
CA ARG D 354 -30.35 -4.66 5.01
C ARG D 354 -28.85 -4.78 4.80
N GLY D 355 -28.05 -4.12 5.63
CA GLY D 355 -26.61 -4.20 5.45
C GLY D 355 -25.86 -4.72 6.65
N ARG D 356 -24.55 -4.43 6.70
CA ARG D 356 -23.71 -4.87 7.79
C ARG D 356 -23.38 -3.74 8.75
N LEU D 357 -24.03 -2.59 8.57
CA LEU D 357 -23.77 -1.45 9.43
C LEU D 357 -24.38 -1.63 10.81
N ASP D 358 -23.52 -1.60 11.82
CA ASP D 358 -23.93 -1.73 13.21
C ASP D 358 -24.80 -0.51 13.56
N ILE D 359 -25.85 -0.71 14.34
CA ILE D 359 -26.73 0.41 14.68
C ILE D 359 -26.09 1.55 15.47
N HIS D 360 -25.05 1.25 16.24
CA HIS D 360 -24.38 2.29 17.00
C HIS D 360 -23.44 3.09 16.09
N ARG D 361 -22.87 2.42 15.11
CA ARG D 361 -21.97 3.07 14.17
C ARG D 361 -22.85 4.01 13.32
N PHE D 362 -24.10 3.59 13.12
CA PHE D 362 -25.07 4.35 12.36
C PHE D 362 -25.37 5.68 13.04
N VAL D 363 -25.59 5.65 14.34
CA VAL D 363 -25.89 6.87 15.08
C VAL D 363 -24.67 7.78 15.07
N ASP D 364 -23.50 7.20 15.24
CA ASP D 364 -22.26 7.95 15.27
C ASP D 364 -21.98 8.62 13.92
N ALA D 365 -22.17 7.88 12.84
CA ALA D 365 -21.91 8.41 11.50
C ALA D 365 -22.96 9.40 11.03
N ALA D 366 -24.17 9.30 11.54
CA ALA D 366 -25.23 10.21 11.10
C ALA D 366 -25.56 11.32 12.09
N SER D 367 -24.90 11.33 13.25
CA SER D 367 -25.18 12.37 14.22
C SER D 367 -24.01 12.79 15.12
N THR D 368 -23.63 11.92 16.04
CA THR D 368 -22.58 12.22 17.01
C THR D 368 -21.19 12.66 16.50
N LYS D 369 -20.63 11.95 15.54
CA LYS D 369 -19.30 12.31 15.04
C LYS D 369 -19.24 13.74 14.51
N ALA D 370 -20.22 14.11 13.70
CA ALA D 370 -20.27 15.46 13.13
C ALA D 370 -20.43 16.50 14.24
N ALA D 371 -21.22 16.20 15.26
CA ALA D 371 -21.42 17.13 16.37
C ALA D 371 -20.09 17.34 17.10
N LYS D 372 -19.31 16.28 17.22
CA LYS D 372 -18.02 16.36 17.89
C LYS D 372 -17.01 17.16 17.08
N LEU D 373 -16.88 16.81 15.82
CA LEU D 373 -15.93 17.48 14.94
C LEU D 373 -16.18 18.98 14.79
N PHE D 374 -17.43 19.39 14.72
CA PHE D 374 -17.73 20.80 14.54
C PHE D 374 -18.17 21.58 15.78
N GLY D 375 -17.82 21.09 16.96
CA GLY D 375 -18.15 21.80 18.18
C GLY D 375 -19.61 21.94 18.58
N LEU D 376 -20.47 21.03 18.12
CA LEU D 376 -21.89 21.10 18.47
C LEU D 376 -22.17 20.20 19.67
N PHE D 377 -21.21 19.33 19.97
CA PHE D 377 -21.27 18.38 21.08
C PHE D 377 -20.78 19.04 22.35
N PRO D 378 -21.34 18.69 23.52
CA PRO D 378 -22.43 17.74 23.81
C PRO D 378 -23.83 18.33 23.70
N ARG D 379 -23.90 19.60 23.32
CA ARG D 379 -25.18 20.28 23.17
C ARG D 379 -26.05 19.45 22.22
N LYS D 380 -25.46 19.02 21.11
CA LYS D 380 -26.18 18.21 20.12
C LYS D 380 -25.45 16.89 19.94
N GLY D 381 -26.05 16.00 19.16
CA GLY D 381 -25.43 14.72 18.87
C GLY D 381 -25.57 13.54 19.81
N THR D 382 -26.30 13.69 20.90
CA THR D 382 -26.45 12.58 21.82
C THR D 382 -27.67 12.74 22.73
N ILE D 383 -27.99 11.70 23.50
CA ILE D 383 -29.10 11.74 24.43
C ILE D 383 -28.51 11.60 25.82
N ALA D 384 -28.58 12.69 26.59
CA ALA D 384 -28.03 12.71 27.95
C ALA D 384 -28.52 13.95 28.68
N VAL D 385 -28.62 13.85 30.01
CA VAL D 385 -29.06 14.99 30.79
C VAL D 385 -28.18 16.18 30.44
N GLY D 386 -28.81 17.32 30.20
CA GLY D 386 -28.07 18.53 29.86
C GLY D 386 -28.09 18.85 28.38
N SER D 387 -28.27 17.83 27.55
CA SER D 387 -28.29 18.01 26.10
C SER D 387 -29.61 18.61 25.62
N ASP D 388 -29.60 19.24 24.45
CA ASP D 388 -30.82 19.80 23.90
C ASP D 388 -31.77 18.65 23.63
N ALA D 389 -33.06 18.87 23.88
CA ALA D 389 -34.04 17.84 23.66
C ALA D 389 -34.38 17.69 22.17
N ASP D 390 -33.36 17.37 21.37
CA ASP D 390 -33.55 17.15 19.93
C ASP D 390 -33.64 15.63 19.86
N LEU D 391 -34.85 15.11 19.67
CA LEU D 391 -35.04 13.66 19.65
C LEU D 391 -35.80 13.17 18.45
N VAL D 392 -35.60 11.89 18.12
CA VAL D 392 -36.27 11.28 17.00
C VAL D 392 -36.83 9.92 17.41
N VAL D 393 -38.15 9.84 17.53
CA VAL D 393 -38.81 8.59 17.86
C VAL D 393 -38.93 7.93 16.49
N TYR D 394 -38.14 6.89 16.27
CA TYR D 394 -38.09 6.21 14.99
C TYR D 394 -38.91 4.91 14.99
N ASP D 395 -39.71 4.73 13.94
CA ASP D 395 -40.55 3.55 13.80
C ASP D 395 -39.95 2.53 12.85
N PRO D 396 -39.42 1.43 13.38
CA PRO D 396 -38.79 0.37 12.58
C PRO D 396 -39.76 -0.59 11.92
N GLN D 397 -41.06 -0.42 12.17
CA GLN D 397 -42.05 -1.30 11.57
C GLN D 397 -42.58 -0.71 10.28
N TYR D 398 -42.30 0.56 10.04
CA TYR D 398 -42.76 1.23 8.84
C TYR D 398 -42.09 0.67 7.58
N ARG D 399 -42.86 0.61 6.50
CA ARG D 399 -42.37 0.12 5.21
C ARG D 399 -43.00 0.99 4.15
N GLY D 400 -42.18 1.51 3.24
CA GLY D 400 -42.69 2.36 2.18
C GLY D 400 -41.65 2.62 1.11
N THR D 401 -41.92 3.59 0.25
CA THR D 401 -40.99 3.94 -0.81
C THR D 401 -40.85 5.45 -0.91
N ILE D 402 -39.69 5.90 -1.33
CA ILE D 402 -39.43 7.32 -1.49
C ILE D 402 -39.98 7.76 -2.85
N SER D 403 -40.59 8.95 -2.87
CA SER D 403 -41.15 9.49 -4.09
C SER D 403 -41.22 11.01 -4.03
N VAL D 404 -41.08 11.64 -5.19
CA VAL D 404 -41.14 13.10 -5.25
C VAL D 404 -42.55 13.52 -4.85
N LYS D 405 -43.52 12.65 -5.10
CA LYS D 405 -44.92 12.92 -4.78
C LYS D 405 -45.17 13.14 -3.30
N THR D 406 -44.25 12.69 -2.45
CA THR D 406 -44.42 12.85 -1.01
C THR D 406 -43.27 13.55 -0.31
N GLN D 407 -42.36 14.14 -1.08
CA GLN D 407 -41.22 14.85 -0.51
C GLN D 407 -41.58 16.28 -0.17
N HIS D 408 -40.72 16.95 0.58
CA HIS D 408 -40.96 18.33 0.97
C HIS D 408 -39.87 19.26 0.44
N VAL D 409 -38.96 18.69 -0.34
CA VAL D 409 -37.88 19.48 -0.93
C VAL D 409 -38.52 20.31 -2.04
N ASN D 410 -38.18 21.59 -2.07
CA ASN D 410 -38.75 22.50 -3.05
C ASN D 410 -38.29 22.38 -4.50
N ASN D 411 -38.30 21.15 -5.04
CA ASN D 411 -37.89 20.93 -6.44
C ASN D 411 -38.79 19.86 -7.07
N ASP D 412 -38.63 19.62 -8.36
CA ASP D 412 -39.51 18.67 -9.06
C ASP D 412 -39.08 17.22 -9.27
N TYR D 413 -38.05 16.76 -8.57
CA TYR D 413 -37.65 15.36 -8.70
C TYR D 413 -36.87 14.89 -7.48
N ASN D 414 -36.93 13.58 -7.23
CA ASN D 414 -36.23 12.97 -6.10
C ASN D 414 -35.18 12.03 -6.68
N GLY D 415 -33.96 12.12 -6.16
CA GLY D 415 -32.89 11.27 -6.67
C GLY D 415 -33.06 9.80 -6.38
N PHE D 416 -33.86 9.48 -5.37
CA PHE D 416 -34.06 8.10 -4.98
C PHE D 416 -35.48 7.61 -5.22
N GLU D 417 -36.09 8.14 -6.29
CA GLU D 417 -37.45 7.78 -6.65
C GLU D 417 -37.61 6.27 -6.70
N GLY D 418 -38.58 5.74 -5.95
CA GLY D 418 -38.81 4.31 -5.95
C GLY D 418 -38.05 3.48 -4.92
N PHE D 419 -37.03 4.06 -4.28
CA PHE D 419 -36.28 3.31 -3.28
C PHE D 419 -37.15 2.94 -2.08
N GLU D 420 -36.97 1.71 -1.59
CA GLU D 420 -37.74 1.27 -0.44
C GLU D 420 -37.01 1.67 0.83
N ILE D 421 -37.75 1.89 1.90
CA ILE D 421 -37.16 2.24 3.19
C ILE D 421 -37.83 1.40 4.27
N ASP D 422 -37.03 0.91 5.22
CA ASP D 422 -37.56 0.06 6.29
C ASP D 422 -37.77 0.80 7.61
N GLY D 423 -38.09 2.08 7.53
CA GLY D 423 -38.32 2.86 8.73
C GLY D 423 -38.54 4.32 8.41
N ARG D 424 -38.92 5.10 9.41
CA ARG D 424 -39.14 6.52 9.22
C ARG D 424 -39.40 7.18 10.57
N PRO D 425 -39.19 8.50 10.65
CA PRO D 425 -39.41 9.20 11.91
C PRO D 425 -40.91 9.29 12.22
N SER D 426 -41.28 9.00 13.46
CA SER D 426 -42.67 9.07 13.88
C SER D 426 -42.86 10.41 14.59
N VAL D 427 -41.92 10.75 15.46
CA VAL D 427 -41.97 12.01 16.20
C VAL D 427 -40.58 12.62 16.19
N VAL D 428 -40.50 13.93 15.94
CA VAL D 428 -39.21 14.64 15.91
C VAL D 428 -39.36 15.91 16.74
N THR D 429 -38.42 16.14 17.65
CA THR D 429 -38.49 17.34 18.48
C THR D 429 -37.25 18.19 18.33
N VAL D 430 -37.41 19.50 18.55
CA VAL D 430 -36.30 20.44 18.47
C VAL D 430 -36.27 21.22 19.77
N ARG D 431 -35.23 21.00 20.56
CA ARG D 431 -35.11 21.67 21.85
C ARG D 431 -36.37 21.60 22.70
N GLY D 432 -36.92 20.39 22.84
CA GLY D 432 -38.09 20.18 23.66
C GLY D 432 -39.45 20.44 23.03
N LYS D 433 -39.47 20.95 21.80
CA LYS D 433 -40.71 21.24 21.13
C LYS D 433 -40.96 20.30 19.95
N VAL D 434 -42.14 19.68 19.90
CA VAL D 434 -42.49 18.74 18.84
C VAL D 434 -42.63 19.43 17.49
N ALA D 435 -41.89 18.94 16.50
CA ALA D 435 -41.93 19.52 15.15
C ALA D 435 -42.61 18.57 14.17
N VAL D 436 -42.56 17.27 14.47
CA VAL D 436 -43.19 16.28 13.60
C VAL D 436 -43.93 15.24 14.44
N ARG D 437 -45.23 15.10 14.22
CA ARG D 437 -46.02 14.12 14.96
C ARG D 437 -46.76 13.22 13.99
N ASP D 438 -46.46 11.93 14.04
CA ASP D 438 -47.08 10.94 13.18
C ASP D 438 -47.07 11.34 11.71
N GLY D 439 -45.90 11.72 11.20
CA GLY D 439 -45.80 12.10 9.81
C GLY D 439 -46.44 13.43 9.43
N GLN D 440 -46.89 14.17 10.44
CA GLN D 440 -47.52 15.47 10.20
C GLN D 440 -46.54 16.55 10.64
N PHE D 441 -46.32 17.56 9.79
CA PHE D 441 -45.41 18.62 10.16
C PHE D 441 -46.14 19.67 10.99
N VAL D 442 -45.68 19.89 12.22
CA VAL D 442 -46.30 20.85 13.11
C VAL D 442 -45.26 21.82 13.66
N GLY D 443 -44.20 22.03 12.90
CA GLY D 443 -43.14 22.92 13.35
C GLY D 443 -43.53 24.38 13.44
N GLU D 444 -42.76 25.14 14.22
CA GLU D 444 -42.99 26.55 14.42
C GLU D 444 -41.93 27.38 13.66
N LYS D 445 -42.38 28.26 12.77
CA LYS D 445 -41.45 29.10 12.00
C LYS D 445 -40.55 29.94 12.88
N GLY D 446 -39.28 30.00 12.53
CA GLY D 446 -38.33 30.81 13.29
C GLY D 446 -37.86 30.24 14.62
N TRP D 447 -38.31 29.02 14.94
CA TRP D 447 -37.91 28.37 16.19
C TRP D 447 -36.41 28.04 16.15
N GLY D 448 -35.93 27.65 14.98
CA GLY D 448 -34.53 27.31 14.82
C GLY D 448 -33.59 28.46 15.11
N LYS D 449 -32.47 28.15 15.76
CA LYS D 449 -31.48 29.18 16.09
C LYS D 449 -30.12 28.89 15.47
N LEU D 450 -29.27 29.91 15.43
CA LEU D 450 -27.92 29.80 14.89
C LEU D 450 -27.03 29.27 16.02
N LEU D 451 -26.30 28.21 15.76
CA LEU D 451 -25.42 27.63 16.77
C LEU D 451 -24.01 28.18 16.65
N ARG D 452 -23.54 28.83 17.70
CA ARG D 452 -22.20 29.39 17.71
C ARG D 452 -21.26 28.40 18.37
N ARG D 453 -20.08 28.20 17.78
CA ARG D 453 -19.10 27.25 18.28
C ARG D 453 -17.82 27.89 18.79
N GLU D 454 -17.05 27.13 19.55
CA GLU D 454 -15.76 27.57 20.10
C GLU D 454 -14.67 26.82 19.34
N PRO D 455 -13.62 27.51 18.89
CA PRO D 455 -12.54 26.83 18.15
C PRO D 455 -11.83 25.85 19.08
N MET D 456 -11.40 24.71 18.55
CA MET D 456 -10.73 23.71 19.39
C MET D 456 -9.54 22.99 18.77
N TYR D 457 -9.19 23.30 17.52
CA TYR D 457 -8.07 22.62 16.88
C TYR D 457 -6.85 23.50 16.70
N PHE D 458 -6.14 23.77 17.79
CA PHE D 458 -4.95 24.61 17.69
C PHE D 458 -3.70 23.81 17.38
ZN ZN E . -2.00 -13.63 26.34
ZN ZN F . -0.39 -14.11 23.45
ZN ZN G . 3.69 -26.49 -13.16
ZN ZN H . 1.94 -25.34 -10.46
ZN ZN I . 19.45 19.14 -11.76
ZN ZN J . 16.81 19.38 -9.68
ZN ZN K . -21.13 20.96 -1.37
ZN ZN L . -18.45 20.15 -3.29
#